data_6I53
#
_entry.id   6I53
#
_cell.length_a   1
_cell.length_b   1
_cell.length_c   1
_cell.angle_alpha   90
_cell.angle_beta   90
_cell.angle_gamma   90
#
_symmetry.space_group_name_H-M   'P 1'
#
loop_
_entity.id
_entity.type
_entity.pdbx_description
1 polymer 'Gamma-aminobutyric acid receptor subunit beta-3'
2 polymer 'Gamma-aminobutyric acid receptor subunit alpha-1'
3 polymer 'Gamma-aminobutyric acid receptor subunit gamma-2'
4 polymer Megabody38
5 branched alpha-D-mannopyranose-(1-3)-[alpha-D-mannopyranose-(1-6)]beta-D-mannopyranose-(1-4)-2-acetamido-2-deoxy-beta-D-glucopyranose-(1-4)-2-acetamido-2-deoxy-beta-D-glucopyranose
6 branched 2-acetamido-2-deoxy-beta-D-glucopyranose-(1-4)-2-acetamido-2-deoxy-beta-D-glucopyranose
7 branched alpha-D-mannopyranose-(1-3)-[alpha-D-mannopyranose-(1-6)]alpha-D-mannopyranose-(1-6)-[alpha-D-mannopyranose-(1-3)]beta-D-mannopyranose-(1-4)-2-acetamido-2-deoxy-beta-D-glucopyranose-(1-4)-2-acetamido-2-deoxy-beta-D-glucopyranose
8 branched alpha-D-mannopyranose-(1-3)-alpha-D-mannopyranose-(1-6)-[alpha-D-mannopyranose-(1-3)]beta-D-mannopyranose-(1-4)-2-acetamido-2-deoxy-beta-D-glucopyranose-(1-4)-2-acetamido-2-deoxy-beta-D-glucopyranose
9 non-polymer '(2S)-3-(hexadecanoyloxy)-2-[(9Z)-octadec-9-enoyloxy]propyl 2-(trimethylammonio)ethyl phosphate'
10 non-polymer '[(2R)-2-octanoyloxy-3-[oxidanyl-[(1R,2R,3S,4R,5R,6S)-2,3,6-tris(oxidanyl)-4,5-diphosphonooxy-cyclohexyl]oxy-phosphoryl]oxy-propyl] octanoate'
#
loop_
_entity_poly.entity_id
_entity_poly.type
_entity_poly.pdbx_seq_one_letter_code
_entity_poly.pdbx_strand_id
1 'polypeptide(L)'
;MCSGLLELLLPIWLSWTLGTRGSEPRSVNDPGNMSFVKETVDKLLKGYDIRLRPDFGGPPVCVGMNIDIASIDMVSEVNM
DYTLTMYFQQYWRDKRLAYSGIPLNLTLDNRVADQLWVPDTYFLNDKKSFVHGVTVKNRMIRLHPDGTVLYGLRITTTAA
CMMDLRRYPLDEQNCTLEIESYGYTTDDIEFYWRGGDKAVTGVERIELPQFSIVEHRLVSRNVVFATGAYPRLSLSFRLK
RNIGYFILQTYMPSILITILSWVSFWINYDASAARVALGITTVLTMTTINTHLRETLPKIPYVKAIDMYLMGCFVFVFLA
LLEYAFVNYIFFGRGPQRQKKLAEKTAKAKNDRSKSESNRVDAHGNILLTSLEVHNEMNEVSGGIGDTRNSAISFDNSGI
QYRKQSMPREGHGRFLGDRSLPHKKTHLRRRSSQLKIKIPDLTDVNAIDRWSRIVFPFTFSLFNLVYWLYYVN
;
E,B
2 'polypeptide(L)'
;MKKSPGLSDYLWAWTLFLSTLTGRSYGDYKDDDDKQPSLQDELKDNTTVFTRILDRLLDGYDNRLRPGLGERVTEVKTDI
FVTSFGPVSDHDMEYTIDVFFRQSWKDERLKFKGPMTVLRLNNLMASKIWTPDTFFHNGKKSVAHNMTMPNKLLRITEDG
TLLYTMRLTVRAECPMHLEDFPMDAHACPLKFGSYAYTRAEVVYEWTREPARSVVVAEDGSRLNQYDLLGQTVDSGIVQS
STGEYVVMTTHFHLKRKIGYFVIQTYLPCIMTVILSQVSFWLNRESVPARTVFGVTTVLTMTTLSISARNSLPKVAYATA
MDWFIAVCYAFVFSALIEFATVNYFTKRGYAWDGKSVVPEKPKKVKDPLIKKNNTYAPTATSYTPNLARGDPGLATIAKS
ATIEPKEVKPETKPPEPKKTFNSVSKIDRLSRIAFPLLFGIFNLVYWATYLNREPQLKAPTPHQ
;
A,D
3 'polypeptide(L)'
;MSSPNIWSTGSSVYSTPVFSQKMTVWILLLLSLYPGFTSQKSDDDYEDYASNKTWVLTPKVPEGDVTVILNNLLEGYDNK
LRPDIGVKPTLIHTDMYVNSIGPVNAINMEYTIDIFFAQTWYDRRLKFNSTIKVLRLNSNMVGKIWIPDTFFRNSKKADA
HWITTPNRMLRIWNDGRVLYTLRLTIDAECQLQLHNFPMDEHSCPLEFSSYGYPREEIVYQWKRSSVEVGDTRSWRLYQF
SFVGLRNTTEVVKTTSGDYVVMSVYFDLSRRMGYFTIQTYIPCTLIVVLSWVSFWINKDAVPARTSLGITTVLTMTTLST
IARKSLPKVSYVTAMDLFVSVCFIFVFSALVEYGTLHYFVSNRKPSKDKDKKKKNPLLRMFSFKAPTIDIRPRSATIQMN
NATHLQERDEEYGYECLDGKDCASFFCCFEDCRTGAWRHGRIHIRIAKMDSYARIFFPTAFCLFNLVYWVSYLYLGGSGG
SGGSGKTETSQVAPA
;
C
4 'polypeptide(L)'
;QVQLQESGGGLVQAGGSLRVSCAASGRTFTAYIMAWFRQAPGKEREFLAAMDQGRIQYYGDSVRGRFTISRDYAKNSVDL
QLDGLRPEDTAVYYCAAGAGFWGLRTASSYHYWGQGTQVTVSS
;
G
#
# COMPACT_ATOMS: atom_id res chain seq x y z
N SER A 35 26.65 27.97 -34.51
CA SER A 35 25.87 28.99 -35.21
C SER A 35 25.79 30.28 -34.40
N PHE A 36 24.85 31.14 -34.76
CA PHE A 36 24.71 32.42 -34.06
C PHE A 36 24.06 32.25 -32.70
N VAL A 37 23.18 31.27 -32.54
CA VAL A 37 22.48 31.06 -31.28
C VAL A 37 23.43 30.50 -30.22
N LYS A 38 24.37 29.65 -30.64
CA LYS A 38 25.31 29.03 -29.72
C LYS A 38 26.26 30.04 -29.12
N GLU A 39 26.60 31.10 -29.86
CA GLU A 39 27.36 32.20 -29.28
C GLU A 39 26.50 33.08 -28.39
N THR A 40 25.21 33.20 -28.71
CA THR A 40 24.32 34.09 -27.97
C THR A 40 24.03 33.54 -26.57
N VAL A 41 23.84 32.22 -26.46
CA VAL A 41 23.57 31.60 -25.17
C VAL A 41 24.81 31.64 -24.29
N ASP A 42 26.00 31.50 -24.89
CA ASP A 42 27.23 31.58 -24.11
C ASP A 42 27.52 33.00 -23.65
N LYS A 43 27.03 34.02 -24.37
CA LYS A 43 27.14 35.38 -23.88
C LYS A 43 26.20 35.62 -22.69
N LEU A 44 25.07 34.94 -22.65
CA LEU A 44 24.14 35.09 -21.55
C LEU A 44 24.66 34.41 -20.28
N LEU A 45 25.43 33.34 -20.43
CA LEU A 45 25.91 32.56 -19.30
C LEU A 45 27.42 32.65 -19.12
N LYS A 46 28.00 33.81 -19.43
CA LYS A 46 29.41 34.07 -19.16
C LYS A 46 29.47 34.97 -17.92
N GLY A 47 29.92 34.42 -16.80
CA GLY A 47 29.91 35.15 -15.56
C GLY A 47 28.54 35.30 -14.93
N TYR A 48 27.58 34.49 -15.36
CA TYR A 48 26.23 34.53 -14.79
C TYR A 48 26.27 33.89 -13.40
N ASP A 49 26.14 34.71 -12.36
CA ASP A 49 26.20 34.23 -10.99
C ASP A 49 24.80 33.80 -10.58
N ILE A 50 24.59 32.49 -10.41
CA ILE A 50 23.29 31.96 -10.02
C ILE A 50 23.05 32.06 -8.53
N ARG A 51 24.03 32.53 -7.76
CA ARG A 51 23.84 32.77 -6.34
C ARG A 51 23.19 34.12 -6.05
N LEU A 52 22.93 34.92 -7.08
CA LEU A 52 22.42 36.28 -6.93
C LEU A 52 21.03 36.39 -7.50
N ARG A 53 20.13 36.97 -6.72
CA ARG A 53 18.79 37.30 -7.16
C ARG A 53 18.84 38.35 -8.28
N PRO A 54 17.91 38.31 -9.22
CA PRO A 54 17.74 39.42 -10.16
C PRO A 54 17.40 40.71 -9.43
N ASP A 55 18.15 41.77 -9.76
CA ASP A 55 18.19 43.04 -9.03
C ASP A 55 18.47 42.80 -7.55
N PHE A 56 19.68 42.29 -7.29
CA PHE A 56 20.04 41.80 -5.96
C PHE A 56 20.12 42.92 -4.93
N GLY A 57 20.42 44.14 -5.36
CA GLY A 57 20.45 45.27 -4.46
C GLY A 57 19.30 46.25 -4.63
N GLY A 58 18.30 45.92 -5.45
CA GLY A 58 17.25 46.86 -5.76
C GLY A 58 15.86 46.34 -5.49
N PRO A 59 14.96 46.52 -6.47
CA PRO A 59 13.55 46.17 -6.27
C PRO A 59 13.34 44.67 -6.20
N PRO A 60 12.25 44.21 -5.59
CA PRO A 60 11.98 42.77 -5.57
C PRO A 60 11.52 42.25 -6.92
N VAL A 61 11.85 40.99 -7.18
CA VAL A 61 11.47 40.35 -8.44
C VAL A 61 10.04 39.85 -8.34
N CYS A 62 9.28 40.01 -9.42
CA CYS A 62 7.86 39.63 -9.45
C CYS A 62 7.73 38.30 -10.17
N VAL A 63 7.60 37.23 -9.40
CA VAL A 63 7.48 35.88 -9.94
C VAL A 63 6.00 35.56 -10.07
N GLY A 64 5.49 35.56 -11.31
CA GLY A 64 4.10 35.24 -11.57
C GLY A 64 3.94 33.76 -11.85
N MET A 65 2.96 33.14 -11.21
CA MET A 65 2.78 31.70 -11.27
C MET A 65 1.54 31.34 -12.09
N ASN A 66 1.47 30.06 -12.40
CA ASN A 66 0.46 29.50 -13.30
C ASN A 66 0.44 27.99 -13.10
N ILE A 67 -0.73 27.43 -12.81
CA ILE A 67 -0.86 26.00 -12.52
C ILE A 67 -1.86 25.40 -13.49
N ASP A 68 -1.48 24.28 -14.10
CA ASP A 68 -2.36 23.51 -14.96
C ASP A 68 -2.47 22.12 -14.34
N ILE A 69 -3.56 21.87 -13.63
CA ILE A 69 -3.72 20.65 -12.85
C ILE A 69 -4.01 19.48 -13.78
N ALA A 70 -3.19 18.43 -13.69
CA ALA A 70 -3.44 17.22 -14.45
C ALA A 70 -4.54 16.38 -13.81
N SER A 71 -4.35 15.98 -12.55
CA SER A 71 -5.31 15.12 -11.89
C SER A 71 -5.15 15.27 -10.37
N ILE A 72 -6.14 14.73 -9.65
CA ILE A 72 -6.07 14.51 -8.22
C ILE A 72 -6.24 13.02 -8.01
N ASP A 73 -5.17 12.35 -7.56
CA ASP A 73 -5.12 10.90 -7.65
C ASP A 73 -5.97 10.22 -6.58
N MET A 74 -5.62 10.42 -5.31
CA MET A 74 -6.35 9.77 -4.23
C MET A 74 -6.45 10.70 -3.03
N VAL A 75 -7.65 10.82 -2.49
CA VAL A 75 -7.91 11.68 -1.33
C VAL A 75 -8.23 10.74 -0.18
N SER A 76 -7.23 10.50 0.68
CA SER A 76 -7.33 9.47 1.71
C SER A 76 -7.64 10.11 3.05
N GLU A 77 -8.67 9.58 3.72
CA GLU A 77 -9.00 10.03 5.06
C GLU A 77 -8.16 9.34 6.13
N VAL A 78 -7.61 8.16 5.81
CA VAL A 78 -6.78 7.44 6.78
C VAL A 78 -5.47 8.16 7.01
N ASN A 79 -4.85 8.65 5.94
CA ASN A 79 -3.58 9.36 6.04
C ASN A 79 -3.75 10.87 6.09
N MET A 80 -4.99 11.36 5.90
CA MET A 80 -5.34 12.79 5.97
C MET A 80 -4.55 13.62 4.96
N ASP A 81 -4.60 13.21 3.69
CA ASP A 81 -3.85 13.89 2.64
C ASP A 81 -4.55 13.69 1.31
N TYR A 82 -3.99 14.30 0.26
CA TYR A 82 -4.44 14.09 -1.10
C TYR A 82 -3.26 14.24 -2.03
N THR A 83 -3.29 13.52 -3.15
CA THR A 83 -2.21 13.53 -4.13
C THR A 83 -2.61 14.40 -5.31
N LEU A 84 -1.77 15.37 -5.62
CA LEU A 84 -2.04 16.36 -6.66
C LEU A 84 -0.94 16.34 -7.71
N THR A 85 -1.31 16.19 -8.97
CA THR A 85 -0.38 16.22 -10.09
C THR A 85 -0.72 17.41 -10.98
N MET A 86 0.27 18.27 -11.23
CA MET A 86 -0.01 19.53 -11.88
C MET A 86 1.18 19.96 -12.74
N TYR A 87 0.91 20.88 -13.66
CA TYR A 87 1.94 21.55 -14.44
C TYR A 87 2.18 22.91 -13.79
N PHE A 88 3.27 23.02 -13.03
CA PHE A 88 3.54 24.18 -12.22
C PHE A 88 4.52 25.10 -12.97
N GLN A 89 4.08 26.32 -13.27
CA GLN A 89 4.81 27.23 -14.12
C GLN A 89 5.07 28.55 -13.40
N GLN A 90 6.17 29.20 -13.75
CA GLN A 90 6.58 30.46 -13.12
C GLN A 90 7.11 31.40 -14.19
N TYR A 91 6.59 32.63 -14.22
CA TYR A 91 7.15 33.69 -15.08
C TYR A 91 7.81 34.75 -14.23
N TRP A 92 9.06 35.06 -14.52
CA TRP A 92 9.71 36.26 -14.02
C TRP A 92 10.60 36.80 -15.13
N ARG A 93 11.06 38.03 -14.96
CA ARG A 93 11.99 38.59 -15.93
C ARG A 93 13.35 38.79 -15.28
N ASP A 94 14.39 38.59 -16.09
CA ASP A 94 15.77 38.70 -15.65
C ASP A 94 16.56 39.44 -16.72
N LYS A 95 17.10 40.60 -16.36
CA LYS A 95 17.79 41.44 -17.34
C LYS A 95 19.15 40.89 -17.73
N ARG A 96 19.70 39.92 -16.99
CA ARG A 96 20.94 39.29 -17.37
C ARG A 96 20.75 38.30 -18.52
N LEU A 97 19.52 37.89 -18.79
CA LEU A 97 19.19 36.92 -19.84
C LEU A 97 18.46 37.58 -20.99
N ALA A 98 18.82 38.81 -21.32
CA ALA A 98 18.21 39.53 -22.43
C ALA A 98 19.09 39.39 -23.66
N TYR A 99 18.49 38.99 -24.78
CA TYR A 99 19.22 38.81 -26.03
C TYR A 99 18.48 39.52 -27.15
N SER A 100 19.23 40.14 -28.04
CA SER A 100 18.70 40.86 -29.17
C SER A 100 19.13 40.20 -30.48
N GLY A 101 18.48 40.59 -31.55
CA GLY A 101 18.76 40.02 -32.87
C GLY A 101 17.92 38.81 -33.22
N ILE A 102 17.83 37.85 -32.31
CA ILE A 102 17.05 36.64 -32.52
C ILE A 102 15.58 36.94 -32.23
N PRO A 103 14.67 36.75 -33.18
CA PRO A 103 13.25 36.99 -32.91
C PRO A 103 12.56 35.83 -32.21
N LEU A 104 13.22 34.69 -32.05
CA LEU A 104 12.59 33.50 -31.53
C LEU A 104 12.66 33.45 -30.01
N ASN A 105 11.73 32.68 -29.42
CA ASN A 105 11.77 32.38 -28.00
C ASN A 105 12.65 31.14 -27.82
N LEU A 106 13.81 31.33 -27.19
CA LEU A 106 14.78 30.25 -27.08
C LEU A 106 14.35 29.18 -26.10
N THR A 107 13.67 28.15 -26.59
CA THR A 107 13.29 27.00 -25.78
C THR A 107 14.52 26.12 -25.64
N LEU A 108 15.17 26.17 -24.48
CA LEU A 108 16.41 25.45 -24.27
C LEU A 108 16.14 24.06 -23.70
N ASP A 109 17.21 23.28 -23.56
CA ASP A 109 17.17 22.00 -22.88
C ASP A 109 16.91 22.22 -21.40
N ASN A 110 16.36 21.19 -20.74
CA ASN A 110 16.01 21.31 -19.33
C ASN A 110 17.24 21.35 -18.42
N ARG A 111 18.40 20.90 -18.89
CA ARG A 111 19.59 20.88 -18.06
C ARG A 111 20.21 22.26 -17.86
N VAL A 112 19.74 23.28 -18.59
CA VAL A 112 20.25 24.64 -18.37
C VAL A 112 19.60 25.28 -17.16
N ALA A 113 18.52 24.68 -16.63
CA ALA A 113 17.89 25.18 -15.41
C ALA A 113 18.75 24.96 -14.18
N ASP A 114 19.76 24.09 -14.26
CA ASP A 114 20.77 23.96 -13.22
C ASP A 114 21.85 25.03 -13.32
N GLN A 115 21.79 25.88 -14.36
CA GLN A 115 22.75 26.95 -14.55
C GLN A 115 22.08 28.32 -14.55
N LEU A 116 20.84 28.41 -14.09
CA LEU A 116 20.11 29.66 -14.01
C LEU A 116 19.66 29.90 -12.57
N TRP A 117 19.15 31.10 -12.32
CA TRP A 117 18.47 31.38 -11.06
C TRP A 117 17.02 30.98 -11.19
N VAL A 118 16.55 30.12 -10.29
CA VAL A 118 15.13 29.78 -10.21
C VAL A 118 14.69 29.99 -8.76
N PRO A 119 13.44 30.40 -8.51
CA PRO A 119 13.03 30.67 -7.13
C PRO A 119 12.89 29.40 -6.31
N ASP A 120 13.10 29.55 -5.01
CA ASP A 120 13.05 28.42 -4.07
C ASP A 120 11.67 28.30 -3.44
N THR A 121 10.67 28.12 -4.30
CA THR A 121 9.30 28.03 -3.86
C THR A 121 8.98 26.62 -3.39
N TYR A 122 8.28 26.52 -2.26
CA TYR A 122 7.96 25.22 -1.70
C TYR A 122 6.49 25.12 -1.35
N PHE A 123 6.11 24.02 -0.71
CA PHE A 123 4.73 23.79 -0.29
C PHE A 123 4.74 23.42 1.18
N LEU A 124 3.94 24.13 1.98
CA LEU A 124 3.86 23.80 3.41
C LEU A 124 3.15 22.48 3.65
N ASN A 125 2.15 22.15 2.83
CA ASN A 125 1.40 20.92 3.01
C ASN A 125 2.11 19.69 2.47
N ASP A 126 3.29 19.87 1.88
CA ASP A 126 3.98 18.82 1.15
C ASP A 126 4.48 17.75 2.11
N LYS A 127 3.93 16.54 1.98
CA LYS A 127 4.47 15.38 2.68
C LYS A 127 5.56 14.70 1.86
N LYS A 128 5.28 14.45 0.58
CA LYS A 128 6.22 13.72 -0.27
C LYS A 128 5.92 14.09 -1.72
N SER A 129 6.86 14.77 -2.37
CA SER A 129 6.68 15.21 -3.73
C SER A 129 7.92 14.87 -4.56
N PHE A 130 7.73 14.88 -5.88
CA PHE A 130 8.81 14.53 -6.80
C PHE A 130 8.49 15.12 -8.16
N VAL A 131 9.53 15.60 -8.84
CA VAL A 131 9.42 16.00 -10.24
C VAL A 131 9.58 14.75 -11.09
N HIS A 132 8.70 14.57 -12.07
CA HIS A 132 8.72 13.38 -12.91
C HIS A 132 9.96 13.34 -13.78
N GLY A 133 10.67 12.21 -13.75
CA GLY A 133 11.95 12.08 -14.41
C GLY A 133 12.01 11.05 -15.51
N VAL A 134 10.89 10.82 -16.19
CA VAL A 134 10.82 9.91 -17.34
C VAL A 134 10.19 10.69 -18.49
N THR A 135 10.90 10.79 -19.61
CA THR A 135 12.17 10.12 -19.88
C THR A 135 13.37 10.96 -19.45
N VAL A 136 13.13 12.25 -19.23
CA VAL A 136 14.06 13.14 -18.59
C VAL A 136 13.33 13.83 -17.44
N LYS A 137 14.07 14.58 -16.65
CA LYS A 137 13.44 15.39 -15.59
C LYS A 137 12.62 16.50 -16.25
N ASN A 138 11.31 16.47 -16.01
CA ASN A 138 10.38 17.30 -16.77
C ASN A 138 10.46 18.75 -16.30
N ARG A 139 11.41 19.46 -16.88
CA ARG A 139 11.57 20.89 -16.70
C ARG A 139 11.48 21.56 -18.07
N MET A 140 11.35 22.88 -18.07
CA MET A 140 11.44 23.63 -19.32
C MET A 140 12.00 25.01 -19.03
N ILE A 141 12.79 25.51 -19.96
CA ILE A 141 13.34 26.86 -19.92
C ILE A 141 13.02 27.50 -21.26
N ARG A 142 12.14 28.49 -21.25
CA ARG A 142 11.76 29.20 -22.46
C ARG A 142 12.16 30.66 -22.29
N LEU A 143 13.36 31.00 -22.74
CA LEU A 143 13.81 32.37 -22.67
C LEU A 143 13.09 33.23 -23.70
N HIS A 144 12.74 34.43 -23.30
CA HIS A 144 12.11 35.43 -24.14
C HIS A 144 13.11 36.56 -24.41
N PRO A 145 13.01 37.25 -25.56
CA PRO A 145 14.04 38.23 -25.92
C PRO A 145 14.06 39.50 -25.07
N ASP A 146 13.14 39.68 -24.13
CA ASP A 146 13.22 40.78 -23.18
C ASP A 146 13.73 40.34 -21.81
N GLY A 147 14.00 39.06 -21.62
CA GLY A 147 14.48 38.53 -20.36
C GLY A 147 13.47 37.73 -19.57
N THR A 148 12.23 37.58 -20.07
CA THR A 148 11.22 36.83 -19.36
C THR A 148 11.53 35.34 -19.43
N VAL A 149 11.45 34.66 -18.29
CA VAL A 149 11.85 33.27 -18.16
C VAL A 149 10.66 32.44 -17.73
N LEU A 150 10.35 31.40 -18.50
CA LEU A 150 9.40 30.36 -18.11
C LEU A 150 10.14 29.16 -17.56
N TYR A 151 9.76 28.72 -16.36
CA TYR A 151 10.33 27.55 -15.70
C TYR A 151 9.17 26.66 -15.28
N GLY A 152 8.84 25.70 -16.14
CA GLY A 152 7.73 24.80 -15.89
C GLY A 152 8.19 23.52 -15.25
N LEU A 153 7.31 22.95 -14.43
CA LEU A 153 7.57 21.71 -13.71
C LEU A 153 6.33 20.85 -13.76
N ARG A 154 6.52 19.54 -13.68
CA ARG A 154 5.42 18.58 -13.60
C ARG A 154 5.58 17.88 -12.26
N ILE A 155 4.86 18.38 -11.25
CA ILE A 155 5.07 18.00 -9.86
C ILE A 155 3.90 17.16 -9.40
N THR A 156 4.19 16.01 -8.80
CA THR A 156 3.19 15.19 -8.13
C THR A 156 3.44 15.31 -6.64
N THR A 157 2.63 16.11 -5.97
CA THR A 157 2.78 16.37 -4.55
C THR A 157 1.67 15.71 -3.76
N THR A 158 1.97 15.35 -2.52
CA THR A 158 1.02 14.72 -1.62
C THR A 158 0.77 15.74 -0.51
N ALA A 159 -0.18 16.63 -0.74
CA ALA A 159 -0.48 17.69 0.20
C ALA A 159 -1.45 17.21 1.26
N ALA A 160 -1.36 17.80 2.45
CA ALA A 160 -2.08 17.33 3.62
C ALA A 160 -3.36 18.13 3.85
N CYS A 161 -4.38 17.44 4.34
CA CYS A 161 -5.63 18.06 4.77
C CYS A 161 -6.06 17.44 6.08
N MET A 162 -6.22 18.27 7.10
CA MET A 162 -6.88 17.84 8.32
C MET A 162 -8.38 17.99 8.12
N MET A 163 -9.08 16.86 8.07
CA MET A 163 -10.47 16.85 7.67
C MET A 163 -11.39 16.89 8.88
N ASP A 164 -12.49 17.61 8.74
CA ASP A 164 -13.51 17.71 9.79
C ASP A 164 -14.55 16.64 9.48
N LEU A 165 -14.35 15.45 10.06
CA LEU A 165 -15.20 14.30 9.78
C LEU A 165 -16.37 14.18 10.74
N ARG A 166 -16.83 15.30 11.32
CA ARG A 166 -17.99 15.23 12.20
C ARG A 166 -19.27 14.96 11.43
N ARG A 167 -19.31 15.34 10.15
CA ARG A 167 -20.47 15.11 9.30
C ARG A 167 -20.21 14.02 8.27
N TYR A 168 -19.26 13.14 8.53
CA TYR A 168 -18.92 12.06 7.59
C TYR A 168 -20.03 11.03 7.54
N PRO A 169 -20.46 10.58 6.35
CA PRO A 169 -19.96 10.91 5.01
C PRO A 169 -20.82 11.89 4.23
N LEU A 170 -21.31 12.95 4.89
CA LEU A 170 -22.19 13.92 4.25
C LEU A 170 -21.57 15.31 4.25
N ASP A 171 -20.25 15.40 4.34
CA ASP A 171 -19.57 16.65 4.62
C ASP A 171 -18.89 17.24 3.40
N GLU A 172 -18.68 18.55 3.45
CA GLU A 172 -17.78 19.23 2.54
C GLU A 172 -16.39 19.26 3.16
N GLN A 173 -15.39 19.50 2.30
CA GLN A 173 -14.01 19.62 2.75
C GLN A 173 -13.39 20.88 2.19
N ASN A 174 -12.17 21.15 2.63
CA ASN A 174 -11.40 22.30 2.18
C ASN A 174 -9.94 21.87 2.15
N CYS A 175 -9.42 21.60 0.96
CA CYS A 175 -8.03 21.24 0.76
C CYS A 175 -7.29 22.36 0.04
N THR A 176 -6.17 22.77 0.62
CA THR A 176 -5.39 23.90 0.13
C THR A 176 -4.05 23.41 -0.40
N LEU A 177 -3.30 24.36 -0.97
CA LEU A 177 -1.94 24.10 -1.44
C LEU A 177 -1.16 25.40 -1.22
N GLU A 178 -0.38 25.44 -0.14
CA GLU A 178 0.22 26.69 0.31
C GLU A 178 1.57 26.86 -0.38
N ILE A 179 1.59 27.67 -1.44
CA ILE A 179 2.80 27.96 -2.19
C ILE A 179 3.50 29.13 -1.52
N GLU A 180 4.80 29.00 -1.28
CA GLU A 180 5.52 30.01 -0.52
C GLU A 180 7.00 29.97 -0.91
N SER A 181 7.64 31.14 -0.92
CA SER A 181 9.08 31.21 -1.04
C SER A 181 9.74 30.90 0.30
N TYR A 182 10.95 30.33 0.24
CA TYR A 182 11.63 29.91 1.46
C TYR A 182 12.70 30.90 1.90
N GLY A 183 13.67 31.21 1.04
CA GLY A 183 14.80 32.00 1.43
C GLY A 183 14.73 33.48 1.11
N TYR A 184 13.66 33.94 0.46
CA TYR A 184 13.53 35.34 0.07
C TYR A 184 12.27 35.90 0.72
N THR A 185 12.43 36.99 1.46
CA THR A 185 11.30 37.65 2.10
C THR A 185 10.53 38.47 1.07
N THR A 186 9.53 39.23 1.53
CA THR A 186 8.80 40.12 0.63
C THR A 186 9.60 41.36 0.24
N ASP A 187 10.76 41.59 0.87
CA ASP A 187 11.69 42.60 0.41
C ASP A 187 12.43 42.15 -0.85
N ASP A 188 12.47 40.84 -1.11
CA ASP A 188 13.24 40.29 -2.20
C ASP A 188 12.41 39.72 -3.34
N ILE A 189 11.20 39.21 -3.06
CA ILE A 189 10.42 38.50 -4.05
C ILE A 189 8.94 38.82 -3.82
N GLU A 190 8.17 38.79 -4.91
CA GLU A 190 6.73 39.01 -4.85
C GLU A 190 6.04 37.97 -5.72
N PHE A 191 4.92 37.45 -5.23
CA PHE A 191 4.14 36.45 -5.95
C PHE A 191 2.82 37.03 -6.40
N TYR A 192 2.34 36.57 -7.54
CA TYR A 192 1.02 36.93 -8.02
C TYR A 192 0.54 35.83 -8.97
N TRP A 193 -0.77 35.57 -8.95
CA TRP A 193 -1.35 34.67 -9.92
C TRP A 193 -1.51 35.40 -11.25
N ARG A 194 -1.16 34.71 -12.34
CA ARG A 194 -1.23 35.32 -13.66
C ARG A 194 -2.61 35.12 -14.26
N GLY A 195 -3.20 36.20 -14.75
CA GLY A 195 -4.54 36.16 -15.29
C GLY A 195 -5.64 36.28 -14.26
N GLY A 196 -5.30 36.50 -13.00
CA GLY A 196 -6.29 36.60 -11.96
C GLY A 196 -6.91 35.26 -11.62
N ASP A 197 -8.22 35.12 -11.84
CA ASP A 197 -8.91 33.88 -11.55
C ASP A 197 -8.69 32.81 -12.62
N LYS A 198 -8.12 33.17 -13.76
CA LYS A 198 -7.83 32.21 -14.82
C LYS A 198 -6.43 31.62 -14.71
N ALA A 199 -5.82 31.67 -13.53
CA ALA A 199 -4.49 31.09 -13.36
C ALA A 199 -4.56 29.58 -13.29
N VAL A 200 -5.26 29.04 -12.30
CA VAL A 200 -5.37 27.59 -12.15
C VAL A 200 -6.46 27.08 -13.08
N THR A 201 -6.07 26.25 -14.03
CA THR A 201 -6.98 25.63 -14.97
C THR A 201 -7.00 24.12 -14.74
N GLY A 202 -7.89 23.45 -15.44
CA GLY A 202 -7.99 22.00 -15.34
C GLY A 202 -8.69 21.48 -14.12
N VAL A 203 -9.42 22.33 -13.40
CA VAL A 203 -10.20 21.85 -12.27
C VAL A 203 -11.48 21.19 -12.75
N GLU A 204 -12.07 21.70 -13.82
CA GLU A 204 -13.32 21.15 -14.35
C GLU A 204 -13.12 19.80 -15.04
N ARG A 205 -11.89 19.47 -15.43
CA ARG A 205 -11.60 18.17 -16.00
C ARG A 205 -11.52 17.07 -14.95
N ILE A 206 -11.41 17.43 -13.68
CA ILE A 206 -11.19 16.45 -12.61
C ILE A 206 -12.52 15.76 -12.28
N GLU A 207 -12.52 14.44 -12.35
CA GLU A 207 -13.68 13.63 -11.96
C GLU A 207 -13.21 12.67 -10.88
N LEU A 208 -13.36 13.09 -9.62
CA LEU A 208 -13.05 12.20 -8.52
C LEU A 208 -14.16 11.17 -8.34
N PRO A 209 -13.82 9.91 -8.08
CA PRO A 209 -14.87 8.90 -7.86
C PRO A 209 -15.59 9.07 -6.54
N GLN A 210 -14.90 9.55 -5.51
CA GLN A 210 -15.49 9.74 -4.20
C GLN A 210 -16.11 11.12 -4.03
N PHE A 211 -15.36 12.16 -4.38
CA PHE A 211 -15.73 13.53 -4.07
C PHE A 211 -16.31 14.24 -5.29
N SER A 212 -16.54 15.54 -5.15
CA SER A 212 -17.05 16.38 -6.23
C SER A 212 -16.59 17.80 -5.93
N ILE A 213 -15.79 18.38 -6.82
CA ILE A 213 -15.22 19.70 -6.60
C ILE A 213 -16.29 20.75 -6.84
N VAL A 214 -16.54 21.59 -5.84
CA VAL A 214 -17.56 22.63 -5.93
C VAL A 214 -16.93 23.92 -6.47
N GLU A 215 -15.92 24.41 -5.78
CA GLU A 215 -15.29 25.67 -6.18
C GLU A 215 -13.82 25.64 -5.79
N HIS A 216 -13.07 26.57 -6.36
CA HIS A 216 -11.66 26.77 -6.00
C HIS A 216 -11.40 28.26 -5.91
N ARG A 217 -10.52 28.65 -4.99
CA ARG A 217 -10.21 30.04 -4.75
C ARG A 217 -8.71 30.28 -4.88
N LEU A 218 -8.35 31.54 -5.13
CA LEU A 218 -6.97 31.94 -5.31
C LEU A 218 -6.70 33.11 -4.38
N VAL A 219 -5.85 32.89 -3.38
CA VAL A 219 -5.59 33.87 -2.32
C VAL A 219 -4.12 34.25 -2.37
N SER A 220 -3.85 35.55 -2.44
CA SER A 220 -2.50 36.10 -2.43
C SER A 220 -2.33 36.95 -1.17
N ARG A 221 -1.33 36.63 -0.38
CA ARG A 221 -1.12 37.36 0.88
C ARG A 221 0.34 37.27 1.27
N ASN A 222 0.65 37.82 2.47
CA ASN A 222 1.96 37.73 3.08
C ASN A 222 1.82 37.15 4.47
N VAL A 223 2.82 36.39 4.90
CA VAL A 223 2.85 35.78 6.22
C VAL A 223 4.14 36.14 6.92
N VAL A 224 4.09 36.20 8.25
CA VAL A 224 5.19 36.69 9.07
C VAL A 224 5.69 35.55 9.95
N PHE A 225 6.94 35.17 9.74
CA PHE A 225 7.65 34.24 10.61
C PHE A 225 8.64 35.01 11.48
N ALA A 226 9.49 34.29 12.19
CA ALA A 226 10.48 34.90 13.06
C ALA A 226 11.67 35.46 12.30
N THR A 227 11.76 35.22 10.99
CA THR A 227 12.87 35.74 10.18
C THR A 227 12.46 36.87 9.26
N GLY A 228 11.21 36.91 8.80
CA GLY A 228 10.78 37.98 7.94
C GLY A 228 9.40 37.70 7.38
N ALA A 229 8.91 38.66 6.59
CA ALA A 229 7.61 38.57 5.96
C ALA A 229 7.75 37.88 4.61
N TYR A 230 7.14 36.70 4.48
CA TYR A 230 7.27 35.95 3.24
C TYR A 230 5.99 35.99 2.44
N PRO A 231 6.07 36.04 1.11
CA PRO A 231 4.86 35.98 0.30
C PRO A 231 4.32 34.55 0.24
N ARG A 232 3.00 34.45 0.12
CA ARG A 232 2.35 33.15 0.10
C ARG A 232 1.16 33.19 -0.85
N LEU A 233 1.09 32.19 -1.73
CA LEU A 233 -0.09 31.92 -2.53
C LEU A 233 -0.76 30.66 -2.00
N SER A 234 -2.03 30.50 -2.30
CA SER A 234 -2.75 29.30 -1.86
C SER A 234 -3.86 28.97 -2.82
N LEU A 235 -3.87 27.73 -3.28
CA LEU A 235 -4.94 27.18 -4.12
C LEU A 235 -5.80 26.27 -3.26
N SER A 236 -7.00 26.72 -2.93
CA SER A 236 -7.93 25.97 -2.09
C SER A 236 -8.97 25.27 -2.95
N PHE A 237 -9.63 24.29 -2.36
CA PHE A 237 -10.71 23.56 -3.02
C PHE A 237 -11.86 23.39 -2.05
N ARG A 238 -12.99 22.90 -2.57
CA ARG A 238 -14.15 22.58 -1.77
C ARG A 238 -14.64 21.20 -2.22
N LEU A 239 -14.18 20.16 -1.55
CA LEU A 239 -14.49 18.78 -1.91
C LEU A 239 -15.77 18.38 -1.19
N LYS A 240 -16.87 18.28 -1.94
CA LYS A 240 -18.13 17.79 -1.40
C LYS A 240 -18.25 16.30 -1.72
N ARG A 241 -18.53 15.51 -0.69
CA ARG A 241 -18.50 14.06 -0.82
C ARG A 241 -19.79 13.55 -1.43
N ASN A 242 -19.68 12.65 -2.39
CA ASN A 242 -20.84 11.98 -2.95
C ASN A 242 -21.37 10.94 -1.97
N ILE A 243 -22.67 10.66 -2.06
CA ILE A 243 -23.35 9.84 -1.08
C ILE A 243 -23.72 8.46 -1.61
N GLY A 244 -23.56 8.21 -2.91
CA GLY A 244 -24.06 6.99 -3.51
C GLY A 244 -23.31 5.73 -3.10
N TYR A 245 -22.08 5.86 -2.64
CA TYR A 245 -21.33 4.69 -2.18
C TYR A 245 -21.85 4.22 -0.82
N PHE A 246 -22.00 5.15 0.12
CA PHE A 246 -22.25 4.78 1.51
C PHE A 246 -23.69 4.34 1.75
N ILE A 247 -24.60 4.65 0.83
CA ILE A 247 -25.95 4.09 0.93
C ILE A 247 -25.92 2.59 0.70
N LEU A 248 -25.37 2.16 -0.43
CA LEU A 248 -25.29 0.73 -0.75
C LEU A 248 -24.31 -0.02 0.14
N GLN A 249 -23.42 0.69 0.83
CA GLN A 249 -22.42 0.05 1.68
C GLN A 249 -22.86 -0.05 3.13
N THR A 250 -23.38 1.05 3.70
CA THR A 250 -23.67 1.12 5.12
C THR A 250 -25.13 1.37 5.44
N TYR A 251 -25.77 2.36 4.80
CA TYR A 251 -27.10 2.79 5.22
C TYR A 251 -28.17 1.78 4.85
N MET A 252 -28.34 1.51 3.55
CA MET A 252 -29.39 0.64 3.03
C MET A 252 -29.34 -0.81 3.53
N PRO A 253 -28.14 -1.43 3.82
CA PRO A 253 -28.21 -2.66 4.61
C PRO A 253 -28.72 -2.43 6.03
N SER A 254 -28.21 -1.43 6.74
CA SER A 254 -28.58 -1.19 8.13
C SER A 254 -30.05 -0.80 8.30
N ILE A 255 -30.69 -0.29 7.25
CA ILE A 255 -32.13 -0.07 7.31
C ILE A 255 -32.87 -1.41 7.23
N LEU A 256 -32.53 -2.22 6.23
CA LEU A 256 -33.25 -3.47 5.96
C LEU A 256 -32.93 -4.58 6.98
N ILE A 257 -31.96 -4.36 7.86
CA ILE A 257 -31.73 -5.26 8.98
C ILE A 257 -32.44 -4.78 10.25
N THR A 258 -32.58 -3.46 10.42
CA THR A 258 -33.42 -2.92 11.49
C THR A 258 -34.88 -3.31 11.29
N ILE A 259 -35.33 -3.36 10.02
CA ILE A 259 -36.69 -3.77 9.71
C ILE A 259 -36.89 -5.25 10.01
N LEU A 260 -35.87 -6.08 9.83
CA LEU A 260 -36.02 -7.50 10.11
C LEU A 260 -35.93 -7.85 11.59
N SER A 261 -35.73 -6.87 12.46
CA SER A 261 -35.98 -7.08 13.89
C SER A 261 -37.44 -6.88 14.24
N TRP A 262 -38.25 -6.38 13.33
CA TRP A 262 -39.66 -6.11 13.56
C TRP A 262 -40.55 -7.27 13.19
N VAL A 263 -39.97 -8.36 12.68
CA VAL A 263 -40.73 -9.57 12.38
C VAL A 263 -41.19 -10.25 13.66
N SER A 264 -40.48 -10.03 14.77
CA SER A 264 -40.79 -10.66 16.05
C SER A 264 -42.11 -10.19 16.64
N PHE A 265 -42.60 -9.02 16.25
CA PHE A 265 -43.86 -8.54 16.79
C PHE A 265 -45.05 -9.23 16.14
N TRP A 266 -44.85 -9.85 14.99
CA TRP A 266 -45.90 -10.62 14.34
C TRP A 266 -45.87 -12.09 14.72
N ILE A 267 -44.71 -12.61 15.11
CA ILE A 267 -44.59 -13.97 15.63
C ILE A 267 -45.22 -14.03 17.01
N ASN A 268 -45.97 -15.10 17.28
CA ASN A 268 -46.65 -15.30 18.55
C ASN A 268 -45.64 -15.40 19.69
N TYR A 269 -46.05 -14.97 20.88
CA TYR A 269 -45.14 -14.85 22.02
C TYR A 269 -44.71 -16.21 22.59
N ASP A 270 -45.40 -17.28 22.23
CA ASP A 270 -45.01 -18.60 22.73
C ASP A 270 -43.73 -19.09 22.10
N ALA A 271 -43.44 -18.64 20.87
CA ALA A 271 -42.23 -19.05 20.16
C ALA A 271 -41.03 -18.33 20.77
N SER A 272 -40.48 -18.94 21.83
CA SER A 272 -39.37 -18.34 22.54
C SER A 272 -38.08 -18.47 21.75
N ALA A 273 -37.86 -19.62 21.12
CA ALA A 273 -36.64 -19.83 20.35
C ALA A 273 -36.63 -19.09 19.02
N ALA A 274 -37.76 -18.55 18.59
CA ALA A 274 -37.83 -17.84 17.32
C ALA A 274 -37.66 -16.34 17.48
N ARG A 275 -38.33 -15.75 18.48
CA ARG A 275 -38.22 -14.31 18.68
C ARG A 275 -36.90 -13.91 19.33
N VAL A 276 -36.21 -14.87 19.95
CA VAL A 276 -34.86 -14.60 20.43
C VAL A 276 -33.86 -14.66 19.28
N ALA A 277 -33.98 -15.68 18.41
CA ALA A 277 -33.06 -15.86 17.29
C ALA A 277 -33.16 -14.74 16.25
N LEU A 278 -34.28 -14.02 16.22
CA LEU A 278 -34.34 -12.77 15.45
C LEU A 278 -33.44 -11.70 16.06
N GLY A 279 -33.67 -11.38 17.34
CA GLY A 279 -32.94 -10.27 17.96
C GLY A 279 -31.49 -10.56 18.23
N ILE A 280 -31.14 -11.82 18.44
CA ILE A 280 -29.75 -12.19 18.68
C ILE A 280 -28.94 -12.14 17.39
N THR A 281 -29.53 -12.57 16.28
CA THR A 281 -28.81 -12.46 15.02
C THR A 281 -28.77 -11.01 14.52
N THR A 282 -29.75 -10.19 14.93
CA THR A 282 -29.78 -8.83 14.45
C THR A 282 -28.82 -7.92 15.23
N VAL A 283 -28.54 -8.24 16.50
CA VAL A 283 -27.48 -7.51 17.20
C VAL A 283 -26.10 -8.00 16.79
N LEU A 284 -25.98 -9.21 16.24
CA LEU A 284 -24.75 -9.63 15.60
C LEU A 284 -24.56 -8.90 14.27
N THR A 285 -25.64 -8.72 13.53
CA THR A 285 -25.54 -8.18 12.19
C THR A 285 -25.25 -6.69 12.23
N MET A 286 -25.76 -5.99 13.24
CA MET A 286 -25.38 -4.59 13.45
C MET A 286 -23.96 -4.45 13.98
N THR A 287 -23.39 -5.52 14.53
CA THR A 287 -21.99 -5.48 14.95
C THR A 287 -21.07 -5.65 13.74
N THR A 288 -21.41 -6.55 12.81
CA THR A 288 -20.58 -6.80 11.65
C THR A 288 -20.55 -5.62 10.70
N ILE A 289 -21.60 -4.80 10.68
CA ILE A 289 -21.56 -3.56 9.92
C ILE A 289 -20.60 -2.57 10.59
N ASN A 290 -20.56 -2.58 11.92
CA ASN A 290 -19.69 -1.66 12.64
C ASN A 290 -18.23 -2.11 12.59
N THR A 291 -17.98 -3.42 12.67
CA THR A 291 -16.60 -3.91 12.66
C THR A 291 -15.97 -3.83 11.28
N HIS A 292 -16.76 -4.02 10.22
CA HIS A 292 -16.26 -3.90 8.86
C HIS A 292 -16.35 -2.48 8.32
N LEU A 293 -16.40 -1.48 9.20
CA LEU A 293 -16.37 -0.07 8.81
C LEU A 293 -15.14 0.65 9.33
N ARG A 294 -14.70 0.32 10.55
CA ARG A 294 -13.53 0.94 11.15
C ARG A 294 -12.20 0.42 10.59
N GLU A 295 -12.24 -0.53 9.65
CA GLU A 295 -11.01 -1.00 9.02
C GLU A 295 -10.46 0.00 8.02
N THR A 296 -11.32 0.82 7.42
CA THR A 296 -10.94 1.76 6.37
C THR A 296 -11.19 3.19 6.80
N LEU A 297 -10.83 3.52 8.05
CA LEU A 297 -11.27 4.79 8.62
C LEU A 297 -10.33 5.16 9.76
N PRO A 298 -9.98 6.44 9.92
CA PRO A 298 -8.99 6.82 10.94
C PRO A 298 -9.55 6.76 12.35
N LYS A 299 -8.66 6.93 13.32
CA LYS A 299 -8.98 6.76 14.73
C LYS A 299 -9.36 8.09 15.38
N ILE A 300 -10.31 8.79 14.78
CA ILE A 300 -10.81 10.07 15.30
C ILE A 300 -11.71 9.81 16.51
N PRO A 301 -11.69 10.68 17.52
CA PRO A 301 -12.42 10.37 18.77
C PRO A 301 -13.90 10.74 18.75
N TYR A 302 -14.28 11.71 17.94
CA TYR A 302 -15.64 12.23 17.98
C TYR A 302 -16.61 11.35 17.20
N VAL A 303 -17.89 11.52 17.51
CA VAL A 303 -18.95 10.76 16.86
C VAL A 303 -19.21 11.35 15.48
N LYS A 304 -19.07 10.54 14.45
CA LYS A 304 -19.34 10.98 13.09
C LYS A 304 -20.84 10.95 12.83
N ALA A 305 -21.23 11.33 11.61
CA ALA A 305 -22.63 11.20 11.24
C ALA A 305 -23.00 9.77 10.86
N ILE A 306 -22.03 8.90 10.64
CA ILE A 306 -22.32 7.49 10.39
C ILE A 306 -22.20 6.66 11.66
N ASP A 307 -21.42 7.10 12.65
CA ASP A 307 -21.44 6.45 13.94
C ASP A 307 -22.67 6.83 14.74
N MET A 308 -23.19 8.05 14.54
CA MET A 308 -24.44 8.44 15.16
C MET A 308 -25.62 7.66 14.59
N TYR A 309 -25.51 7.24 13.32
CA TYR A 309 -26.59 6.50 12.70
C TYR A 309 -26.53 5.02 13.03
N LEU A 310 -25.33 4.44 13.05
CA LEU A 310 -25.21 3.02 13.36
C LEU A 310 -25.37 2.73 14.84
N MET A 311 -25.05 3.70 15.71
CA MET A 311 -25.48 3.56 17.10
C MET A 311 -26.96 3.88 17.24
N GLY A 312 -27.50 4.69 16.32
CA GLY A 312 -28.94 4.96 16.35
C GLY A 312 -29.76 3.76 15.93
N CYS A 313 -29.34 3.07 14.86
CA CYS A 313 -30.03 1.86 14.44
C CYS A 313 -29.74 0.68 15.35
N PHE A 314 -28.67 0.75 16.16
CA PHE A 314 -28.41 -0.32 17.12
C PHE A 314 -29.41 -0.26 18.28
N VAL A 315 -29.93 0.93 18.58
CA VAL A 315 -30.89 1.06 19.68
C VAL A 315 -32.24 0.46 19.28
N PHE A 316 -32.69 0.72 18.05
CA PHE A 316 -33.96 0.15 17.58
C PHE A 316 -33.90 -1.36 17.46
N VAL A 317 -32.71 -1.91 17.21
CA VAL A 317 -32.53 -3.35 17.26
C VAL A 317 -32.53 -3.85 18.70
N PHE A 318 -31.82 -3.14 19.59
CA PHE A 318 -31.68 -3.58 20.97
C PHE A 318 -32.98 -3.40 21.75
N LEU A 319 -33.76 -2.36 21.45
CA LEU A 319 -35.06 -2.21 22.09
C LEU A 319 -36.07 -3.22 21.59
N ALA A 320 -35.89 -3.74 20.37
CA ALA A 320 -36.80 -4.76 19.85
C ALA A 320 -36.53 -6.13 20.47
N LEU A 321 -35.37 -6.32 21.08
CA LEU A 321 -35.10 -7.54 21.82
C LEU A 321 -35.41 -7.40 23.30
N LEU A 322 -35.24 -6.19 23.86
CA LEU A 322 -35.76 -5.92 25.19
C LEU A 322 -37.28 -5.92 25.22
N GLU A 323 -37.93 -5.68 24.08
CA GLU A 323 -39.38 -5.75 24.02
C GLU A 323 -39.87 -7.17 24.26
N TYR A 324 -39.17 -8.16 23.74
CA TYR A 324 -39.60 -9.54 23.95
C TYR A 324 -39.38 -9.97 25.39
N ALA A 325 -38.24 -9.61 25.99
CA ALA A 325 -38.00 -9.94 27.38
C ALA A 325 -38.92 -9.18 28.33
N PHE A 326 -39.44 -8.03 27.88
CA PHE A 326 -40.51 -7.37 28.62
C PHE A 326 -41.82 -8.15 28.48
N VAL A 327 -42.05 -8.73 27.30
CA VAL A 327 -43.23 -9.58 27.12
C VAL A 327 -43.07 -10.90 27.85
N ASN A 328 -41.88 -11.49 27.79
CA ASN A 328 -41.64 -12.80 28.37
C ASN A 328 -41.60 -12.75 29.91
N TYR A 329 -41.35 -11.57 30.48
CA TYR A 329 -41.42 -11.41 31.93
C TYR A 329 -42.85 -11.21 32.42
N ILE A 330 -43.70 -10.54 31.64
CA ILE A 330 -45.06 -10.28 32.09
C ILE A 330 -45.91 -11.55 32.04
N PHE A 331 -45.78 -12.34 30.99
CA PHE A 331 -46.64 -13.50 30.84
C PHE A 331 -46.19 -14.67 31.72
N PHE A 332 -44.89 -14.82 31.95
CA PHE A 332 -44.40 -15.98 32.71
C PHE A 332 -43.88 -15.65 34.10
N GLY A 333 -43.46 -14.42 34.36
CA GLY A 333 -43.03 -14.05 35.70
C GLY A 333 -44.13 -13.35 36.48
N ARG A 334 -44.75 -12.35 35.86
CA ARG A 334 -45.90 -11.67 36.43
C ARG A 334 -47.20 -12.45 36.21
N GLY A 335 -47.15 -13.49 35.38
CA GLY A 335 -48.31 -14.31 35.07
C GLY A 335 -48.95 -15.04 36.23
N PRO A 336 -48.22 -16.01 36.83
CA PRO A 336 -48.85 -16.81 37.91
C PRO A 336 -49.10 -16.05 39.20
N GLN A 337 -48.25 -15.06 39.53
CA GLN A 337 -48.28 -14.32 40.80
C GLN A 337 -48.27 -15.22 42.03
N PRO A 440 -49.92 4.87 26.33
CA PRO A 440 -49.27 3.57 26.15
C PRO A 440 -50.25 2.41 26.03
N ASP A 441 -50.18 1.46 26.95
CA ASP A 441 -50.99 0.25 26.88
C ASP A 441 -51.08 -0.39 28.25
N LEU A 442 -51.81 -1.50 28.31
CA LEU A 442 -51.97 -2.26 29.54
C LEU A 442 -50.91 -3.37 29.55
N THR A 443 -50.89 -4.19 30.60
CA THR A 443 -49.98 -5.32 30.71
C THR A 443 -50.52 -6.57 30.01
N ASP A 444 -51.48 -6.42 29.11
CA ASP A 444 -51.90 -7.55 28.27
C ASP A 444 -50.78 -7.90 27.29
N VAL A 445 -50.60 -9.19 27.05
CA VAL A 445 -49.46 -9.65 26.27
C VAL A 445 -49.67 -9.35 24.78
N ASN A 446 -50.89 -9.54 24.29
CA ASN A 446 -51.18 -9.21 22.90
C ASN A 446 -51.22 -7.70 22.68
N ALA A 447 -51.51 -6.92 23.72
CA ALA A 447 -51.61 -5.47 23.56
C ALA A 447 -50.25 -4.82 23.39
N ILE A 448 -49.20 -5.39 24.00
CA ILE A 448 -47.87 -4.80 23.89
C ILE A 448 -47.31 -5.03 22.48
N ASP A 449 -47.58 -6.20 21.90
CA ASP A 449 -47.16 -6.47 20.53
C ASP A 449 -47.90 -5.60 19.53
N ARG A 450 -49.22 -5.46 19.68
CA ARG A 450 -49.99 -4.60 18.79
C ARG A 450 -49.64 -3.14 18.96
N TRP A 451 -49.11 -2.76 20.13
CA TRP A 451 -48.58 -1.42 20.31
C TRP A 451 -47.24 -1.26 19.61
N SER A 452 -46.38 -2.28 19.71
CA SER A 452 -45.04 -2.19 19.12
C SER A 452 -45.02 -2.34 17.62
N ARG A 453 -46.10 -2.86 17.02
CA ARG A 453 -46.18 -2.92 15.56
C ARG A 453 -46.42 -1.55 14.93
N ILE A 454 -46.85 -0.58 15.73
CA ILE A 454 -47.16 0.76 15.24
C ILE A 454 -46.08 1.76 15.64
N VAL A 455 -45.55 1.63 16.85
CA VAL A 455 -44.63 2.63 17.39
C VAL A 455 -43.25 2.54 16.73
N PHE A 456 -42.68 1.34 16.67
CA PHE A 456 -41.34 1.19 16.12
C PHE A 456 -41.22 1.45 14.61
N PRO A 457 -42.20 1.13 13.75
CA PRO A 457 -42.15 1.69 12.39
C PRO A 457 -42.43 3.18 12.32
N PHE A 458 -43.00 3.78 13.37
CA PHE A 458 -43.20 5.22 13.40
C PHE A 458 -42.01 5.96 13.99
N THR A 459 -41.42 5.42 15.05
CA THR A 459 -40.28 6.10 15.68
C THR A 459 -39.03 6.02 14.82
N PHE A 460 -38.80 4.87 14.18
CA PHE A 460 -37.66 4.74 13.29
C PHE A 460 -37.82 5.56 12.01
N SER A 461 -39.06 5.74 11.55
CA SER A 461 -39.29 6.67 10.45
C SER A 461 -39.16 8.11 10.93
N LEU A 462 -39.44 8.36 12.22
CA LEU A 462 -39.18 9.68 12.79
C LEU A 462 -37.69 9.90 13.02
N PHE A 463 -36.95 8.82 13.29
CA PHE A 463 -35.50 8.94 13.48
C PHE A 463 -34.80 9.31 12.19
N ASN A 464 -35.26 8.76 11.06
CA ASN A 464 -34.65 9.09 9.78
C ASN A 464 -35.03 10.50 9.32
N LEU A 465 -36.21 10.98 9.72
CA LEU A 465 -36.62 12.32 9.33
C LEU A 465 -35.82 13.39 10.08
N VAL A 466 -35.44 13.12 11.32
CA VAL A 466 -34.56 14.03 12.04
C VAL A 466 -33.13 13.92 11.51
N TYR A 467 -32.70 12.70 11.17
CA TYR A 467 -31.32 12.47 10.74
C TYR A 467 -31.05 13.06 9.37
N TRP A 468 -31.89 12.76 8.38
CA TRP A 468 -31.65 13.19 7.02
C TRP A 468 -32.05 14.63 6.75
N LEU A 469 -32.48 15.39 7.77
CA LEU A 469 -32.67 16.82 7.64
C LEU A 469 -31.71 17.64 8.48
N TYR A 470 -31.06 17.02 9.48
CA TYR A 470 -30.06 17.74 10.26
C TYR A 470 -28.72 17.76 9.54
N TYR A 471 -28.37 16.68 8.85
CA TYR A 471 -27.08 16.59 8.18
C TYR A 471 -27.14 16.93 6.71
N VAL A 472 -28.24 16.67 6.03
CA VAL A 472 -28.36 17.02 4.62
C VAL A 472 -28.87 18.45 4.49
N ASP B 45 48.32 2.28 -30.93
CA ASP B 45 47.45 3.28 -31.53
C ASP B 45 46.35 2.62 -32.37
N ASN B 46 45.56 1.78 -31.72
CA ASN B 46 44.49 1.05 -32.41
C ASN B 46 43.16 1.79 -32.30
N THR B 47 42.70 2.03 -31.07
CA THR B 47 41.41 2.64 -30.82
C THR B 47 41.47 4.16 -30.73
N THR B 48 42.60 4.76 -31.11
CA THR B 48 42.71 6.22 -31.09
C THR B 48 41.94 6.84 -32.25
N VAL B 49 41.63 6.06 -33.28
CA VAL B 49 40.87 6.57 -34.42
C VAL B 49 39.44 6.90 -34.01
N PHE B 50 38.78 5.97 -33.32
CA PHE B 50 37.40 6.21 -32.89
C PHE B 50 37.32 7.20 -31.73
N THR B 51 38.38 7.35 -30.95
CA THR B 51 38.42 8.42 -29.96
C THR B 51 38.53 9.77 -30.64
N ARG B 52 39.26 9.84 -31.75
CA ARG B 52 39.40 11.09 -32.50
C ARG B 52 38.10 11.48 -33.17
N ILE B 53 37.27 10.51 -33.56
CA ILE B 53 35.97 10.82 -34.16
C ILE B 53 35.02 11.37 -33.11
N LEU B 54 34.97 10.73 -31.93
CA LEU B 54 34.05 11.16 -30.88
C LEU B 54 34.43 12.52 -30.29
N ASP B 55 35.73 12.83 -30.24
CA ASP B 55 36.14 14.14 -29.74
C ASP B 55 35.87 15.23 -30.76
N ARG B 56 35.89 14.88 -32.06
CA ARG B 56 35.62 15.87 -33.08
C ARG B 56 34.14 16.23 -33.13
N LEU B 57 33.26 15.27 -32.82
CA LEU B 57 31.83 15.54 -32.84
C LEU B 57 31.39 16.43 -31.69
N LEU B 58 32.16 16.49 -30.60
CA LEU B 58 31.76 17.22 -29.41
C LEU B 58 32.56 18.51 -29.20
N ASP B 59 33.22 19.01 -30.24
CA ASP B 59 33.96 20.26 -30.08
C ASP B 59 33.03 21.47 -30.17
N GLY B 60 32.37 21.66 -31.30
CA GLY B 60 31.48 22.77 -31.47
C GLY B 60 30.04 22.41 -31.21
N TYR B 61 29.83 21.30 -30.51
CA TYR B 61 28.48 20.80 -30.26
C TYR B 61 27.94 21.40 -28.97
N ASP B 62 26.68 21.83 -29.03
CA ASP B 62 25.98 22.36 -27.85
C ASP B 62 24.74 21.50 -27.65
N ASN B 63 24.70 20.77 -26.53
CA ASN B 63 23.59 19.88 -26.23
C ASN B 63 22.38 20.59 -25.63
N ARG B 64 22.35 21.92 -25.67
CA ARG B 64 21.22 22.70 -25.22
C ARG B 64 20.39 23.25 -26.36
N LEU B 65 20.78 22.95 -27.60
CA LEU B 65 20.15 23.51 -28.78
C LEU B 65 19.52 22.40 -29.60
N ARG B 66 18.27 22.60 -30.00
CA ARG B 66 17.58 21.67 -30.88
C ARG B 66 18.25 21.68 -32.25
N PRO B 67 18.36 20.51 -32.91
CA PRO B 67 18.93 20.48 -34.26
C PRO B 67 18.10 21.25 -35.29
N GLY B 68 18.67 22.33 -35.80
CA GLY B 68 17.90 23.24 -36.62
C GLY B 68 16.95 24.06 -35.77
N LEU B 69 17.51 24.91 -34.90
CA LEU B 69 16.67 25.66 -33.97
C LEU B 69 15.96 26.80 -34.67
N GLY B 70 16.61 27.47 -35.60
CA GLY B 70 15.96 28.51 -36.38
C GLY B 70 15.80 28.12 -37.82
N GLU B 71 15.84 26.82 -38.10
CA GLU B 71 15.86 26.31 -39.47
C GLU B 71 14.62 25.52 -39.84
N ARG B 72 14.27 24.50 -39.06
CA ARG B 72 13.19 23.58 -39.42
C ARG B 72 12.68 22.89 -38.15
N VAL B 73 11.69 22.03 -38.33
CA VAL B 73 11.22 21.21 -37.22
C VAL B 73 12.09 19.97 -37.11
N THR B 74 12.01 19.32 -35.96
CA THR B 74 12.78 18.11 -35.68
C THR B 74 11.82 16.93 -35.67
N GLU B 75 11.79 16.20 -36.77
CA GLU B 75 10.91 15.04 -36.92
C GLU B 75 11.47 13.88 -36.11
N VAL B 76 10.91 13.65 -34.93
CA VAL B 76 11.32 12.53 -34.08
C VAL B 76 10.44 11.33 -34.42
N LYS B 77 11.07 10.21 -34.74
CA LYS B 77 10.36 9.01 -35.15
C LYS B 77 10.40 8.00 -34.01
N THR B 78 9.22 7.61 -33.53
CA THR B 78 9.09 6.77 -32.34
C THR B 78 8.67 5.36 -32.70
N ASP B 79 8.74 4.49 -31.69
CA ASP B 79 8.46 3.07 -31.78
C ASP B 79 8.41 2.53 -30.36
N ILE B 80 7.49 1.60 -30.10
CA ILE B 80 7.29 1.03 -28.78
C ILE B 80 7.22 -0.49 -28.89
N PHE B 81 8.03 -1.18 -28.10
CA PHE B 81 7.95 -2.64 -27.97
C PHE B 81 7.49 -2.94 -26.56
N VAL B 82 6.21 -3.30 -26.41
CA VAL B 82 5.65 -3.61 -25.10
C VAL B 82 6.09 -5.02 -24.72
N THR B 83 6.91 -5.14 -23.68
CA THR B 83 7.40 -6.45 -23.27
C THR B 83 6.42 -7.16 -22.36
N SER B 84 5.75 -6.41 -21.49
CA SER B 84 4.80 -7.00 -20.54
C SER B 84 3.83 -5.92 -20.13
N PHE B 85 2.55 -6.13 -20.42
CA PHE B 85 1.49 -5.18 -20.08
C PHE B 85 1.01 -5.53 -18.68
N GLY B 86 1.67 -4.94 -17.67
CA GLY B 86 1.56 -5.36 -16.29
C GLY B 86 0.19 -5.20 -15.65
N PRO B 87 0.11 -5.53 -14.36
CA PRO B 87 -1.20 -5.74 -13.72
C PRO B 87 -1.97 -4.44 -13.54
N VAL B 88 -3.25 -4.49 -13.90
CA VAL B 88 -4.11 -3.32 -13.85
C VAL B 88 -4.73 -3.23 -12.46
N SER B 89 -4.47 -2.11 -11.78
CA SER B 89 -4.99 -1.90 -10.43
C SER B 89 -6.32 -1.15 -10.54
N ASP B 90 -7.41 -1.80 -10.13
CA ASP B 90 -8.71 -1.16 -10.17
C ASP B 90 -8.86 -0.09 -9.12
N HIS B 91 -8.26 -0.27 -7.95
CA HIS B 91 -8.44 0.65 -6.83
C HIS B 91 -7.78 2.00 -7.09
N ASP B 92 -6.74 2.03 -7.94
CA ASP B 92 -6.05 3.26 -8.26
C ASP B 92 -6.40 3.78 -9.64
N MET B 93 -7.18 3.03 -10.42
CA MET B 93 -7.49 3.31 -11.83
C MET B 93 -6.23 3.48 -12.67
N GLU B 94 -5.25 2.62 -12.43
CA GLU B 94 -3.97 2.70 -13.10
C GLU B 94 -3.62 1.35 -13.72
N TYR B 95 -2.56 1.35 -14.52
CA TYR B 95 -2.00 0.12 -15.03
C TYR B 95 -0.49 0.32 -15.17
N THR B 96 0.22 -0.79 -15.30
CA THR B 96 1.67 -0.79 -15.43
C THR B 96 2.02 -1.37 -16.80
N ILE B 97 3.06 -0.82 -17.44
CA ILE B 97 3.51 -1.29 -18.73
C ILE B 97 5.03 -1.20 -18.77
N ASP B 98 5.66 -2.18 -19.40
CA ASP B 98 7.12 -2.27 -19.50
C ASP B 98 7.48 -2.27 -20.98
N VAL B 99 8.08 -1.17 -21.44
CA VAL B 99 8.29 -0.95 -22.86
C VAL B 99 9.78 -0.79 -23.16
N PHE B 100 10.14 -1.05 -24.41
CA PHE B 100 11.37 -0.52 -24.99
C PHE B 100 10.96 0.67 -25.84
N PHE B 101 11.14 1.86 -25.30
CA PHE B 101 10.65 3.08 -25.93
C PHE B 101 11.70 3.62 -26.87
N ARG B 102 11.49 3.44 -28.17
CA ARG B 102 12.47 3.80 -29.18
C ARG B 102 12.22 5.19 -29.73
N GLN B 103 13.30 5.88 -30.10
CA GLN B 103 13.23 7.19 -30.72
C GLN B 103 14.26 7.27 -31.83
N SER B 104 14.02 8.17 -32.78
CA SER B 104 14.90 8.31 -33.94
C SER B 104 14.71 9.68 -34.54
N TRP B 105 15.81 10.41 -34.72
CA TRP B 105 15.77 11.73 -35.34
C TRP B 105 17.10 11.97 -36.02
N LYS B 106 17.15 12.99 -36.86
CA LYS B 106 18.34 13.32 -37.64
C LYS B 106 18.99 14.57 -37.08
N ASP B 107 20.23 14.42 -36.60
CA ASP B 107 21.03 15.53 -36.10
C ASP B 107 22.19 15.71 -37.07
N GLU B 108 22.20 16.81 -37.81
CA GLU B 108 23.20 17.01 -38.85
C GLU B 108 24.55 17.44 -38.31
N ARG B 109 24.66 17.70 -37.00
CA ARG B 109 25.94 18.04 -36.39
C ARG B 109 26.73 16.81 -35.99
N LEU B 110 26.22 15.60 -36.22
CA LEU B 110 26.88 14.37 -35.85
C LEU B 110 27.28 13.54 -37.07
N LYS B 111 27.48 14.19 -38.21
CA LYS B 111 27.99 13.49 -39.38
C LYS B 111 29.47 13.18 -39.21
N PHE B 112 29.88 12.00 -39.66
CA PHE B 112 31.27 11.60 -39.53
C PHE B 112 31.63 10.68 -40.68
N LYS B 113 32.93 10.43 -40.83
CA LYS B 113 33.45 9.48 -41.82
C LYS B 113 34.51 8.64 -41.13
N GLY B 114 34.22 7.37 -40.91
CA GLY B 114 35.15 6.49 -40.25
C GLY B 114 35.13 5.09 -40.83
N PRO B 115 35.77 4.14 -40.13
CA PRO B 115 35.75 2.75 -40.61
C PRO B 115 34.39 2.10 -40.50
N MET B 116 33.53 2.56 -39.59
CA MET B 116 32.23 1.98 -39.38
C MET B 116 31.14 2.95 -39.85
N THR B 117 30.03 2.39 -40.33
CA THR B 117 28.90 3.19 -40.76
C THR B 117 27.93 3.49 -39.62
N VAL B 118 28.12 2.91 -38.45
CA VAL B 118 27.25 3.17 -37.30
C VAL B 118 28.08 2.98 -36.03
N LEU B 119 27.95 3.92 -35.10
CA LEU B 119 28.68 3.89 -33.84
C LEU B 119 27.76 3.38 -32.75
N ARG B 120 27.84 2.08 -32.46
CA ARG B 120 27.07 1.48 -31.37
C ARG B 120 27.75 1.88 -30.06
N LEU B 121 27.37 3.04 -29.54
CA LEU B 121 28.08 3.68 -28.46
C LEU B 121 27.47 3.32 -27.10
N ASN B 122 28.09 3.84 -26.06
CA ASN B 122 27.68 3.64 -24.68
C ASN B 122 26.52 4.59 -24.35
N ASN B 123 25.92 4.38 -23.18
CA ASN B 123 24.84 5.25 -22.71
C ASN B 123 25.33 6.56 -22.12
N LEU B 124 26.63 6.71 -21.89
CA LEU B 124 27.17 7.98 -21.41
C LEU B 124 27.11 9.03 -22.50
N MET B 125 27.27 8.63 -23.76
CA MET B 125 27.26 9.55 -24.90
C MET B 125 25.90 10.20 -25.11
N ALA B 126 24.82 9.56 -24.64
CA ALA B 126 23.48 10.11 -24.80
C ALA B 126 23.24 11.32 -23.90
N SER B 127 23.98 11.45 -22.80
CA SER B 127 23.81 12.59 -21.92
C SER B 127 24.55 13.83 -22.42
N LYS B 128 25.43 13.68 -23.40
CA LYS B 128 26.17 14.79 -23.98
C LYS B 128 25.59 15.25 -25.31
N ILE B 129 24.52 14.61 -25.76
CA ILE B 129 23.86 14.89 -27.03
C ILE B 129 22.42 15.27 -26.72
N TRP B 130 21.86 16.21 -27.50
CA TRP B 130 20.45 16.56 -27.40
C TRP B 130 19.57 15.34 -27.64
N THR B 131 18.81 14.97 -26.63
CA THR B 131 17.75 13.99 -26.73
C THR B 131 16.42 14.66 -26.40
N PRO B 132 15.35 14.32 -27.10
CA PRO B 132 14.08 15.02 -26.89
C PRO B 132 13.46 14.68 -25.54
N ASP B 133 12.75 15.66 -24.99
CA ASP B 133 12.22 15.59 -23.63
C ASP B 133 10.81 15.00 -23.61
N THR B 134 10.71 13.76 -24.10
CA THR B 134 9.43 13.08 -24.17
C THR B 134 9.01 12.63 -22.78
N PHE B 135 7.83 13.06 -22.35
CA PHE B 135 7.22 12.58 -21.12
C PHE B 135 5.89 11.95 -21.46
N PHE B 136 5.34 11.23 -20.50
CA PHE B 136 4.04 10.58 -20.67
C PHE B 136 2.97 11.45 -20.01
N HIS B 137 1.92 11.76 -20.77
CA HIS B 137 0.90 12.71 -20.33
C HIS B 137 0.04 12.19 -19.19
N ASN B 138 0.05 10.89 -18.93
CA ASN B 138 -0.77 10.33 -17.86
C ASN B 138 0.02 9.37 -16.98
N GLY B 139 1.32 9.58 -16.85
CA GLY B 139 2.12 8.74 -15.97
C GLY B 139 2.02 9.20 -14.52
N LYS B 140 1.86 8.23 -13.62
CA LYS B 140 1.80 8.51 -12.20
C LYS B 140 3.17 8.42 -11.54
N LYS B 141 3.81 7.26 -11.65
CA LYS B 141 5.16 7.07 -11.11
C LYS B 141 5.85 6.07 -12.04
N SER B 142 6.57 6.61 -13.02
CA SER B 142 7.26 5.82 -14.02
C SER B 142 8.75 5.78 -13.72
N VAL B 143 9.37 4.65 -14.04
CA VAL B 143 10.75 4.37 -13.65
C VAL B 143 11.57 4.16 -14.92
N ALA B 144 12.63 4.95 -15.06
CA ALA B 144 13.66 4.70 -16.06
C ALA B 144 14.71 3.82 -15.40
N HIS B 145 14.82 2.57 -15.87
CA HIS B 145 15.68 1.59 -15.23
C HIS B 145 17.15 1.89 -15.45
N ASN B 146 17.96 1.60 -14.43
CA ASN B 146 19.40 1.73 -14.59
C ASN B 146 20.17 0.59 -13.93
N MET B 147 19.58 -0.60 -13.89
CA MET B 147 20.27 -1.79 -13.42
C MET B 147 20.73 -2.58 -14.65
N THR B 148 22.04 -2.85 -14.75
CA THR B 148 23.07 -2.46 -13.79
C THR B 148 23.70 -1.14 -14.21
N MET B 149 23.61 -0.86 -15.50
CA MET B 149 23.94 0.42 -16.11
C MET B 149 22.65 1.07 -16.59
N PRO B 150 22.64 2.40 -16.85
CA PRO B 150 21.45 3.03 -17.43
C PRO B 150 21.07 2.44 -18.77
N ASN B 151 19.88 1.84 -18.81
CA ASN B 151 19.44 1.03 -19.94
C ASN B 151 19.06 1.95 -21.08
N LYS B 152 20.07 2.43 -21.78
CA LYS B 152 19.93 3.30 -22.94
C LYS B 152 20.95 2.86 -23.98
N LEU B 153 20.59 2.96 -25.25
CA LEU B 153 21.54 2.71 -26.33
C LEU B 153 21.50 3.89 -27.28
N LEU B 154 22.66 4.27 -27.77
CA LEU B 154 22.78 5.37 -28.72
C LEU B 154 23.59 4.88 -29.90
N ARG B 155 23.03 5.02 -31.11
CA ARG B 155 23.67 4.54 -32.33
C ARG B 155 23.69 5.67 -33.33
N ILE B 156 24.87 6.24 -33.55
CA ILE B 156 25.04 7.36 -34.49
C ILE B 156 25.41 6.75 -35.84
N THR B 157 24.53 6.89 -36.82
CA THR B 157 24.88 6.46 -38.16
C THR B 157 25.73 7.53 -38.84
N GLU B 158 26.26 7.19 -40.02
CA GLU B 158 27.27 8.01 -40.67
C GLU B 158 26.72 9.31 -41.25
N ASP B 159 25.40 9.47 -41.34
CA ASP B 159 24.80 10.68 -41.85
C ASP B 159 24.07 11.49 -40.79
N GLY B 160 24.12 11.07 -39.52
CA GLY B 160 23.53 11.82 -38.43
C GLY B 160 22.24 11.26 -37.91
N THR B 161 21.68 10.23 -38.53
CA THR B 161 20.42 9.65 -38.07
C THR B 161 20.65 8.87 -36.79
N LEU B 162 20.01 9.30 -35.72
CA LEU B 162 20.23 8.74 -34.39
C LEU B 162 19.18 7.67 -34.07
N LEU B 163 19.54 6.80 -33.14
CA LEU B 163 18.61 5.83 -32.58
C LEU B 163 18.85 5.80 -31.07
N TYR B 164 17.77 5.84 -30.30
CA TYR B 164 17.88 6.06 -28.86
C TYR B 164 16.71 5.38 -28.17
N THR B 165 16.98 4.24 -27.53
CA THR B 165 15.95 3.46 -26.87
C THR B 165 16.16 3.52 -25.37
N MET B 166 15.08 3.25 -24.63
CA MET B 166 15.08 3.22 -23.18
C MET B 166 14.16 2.09 -22.73
N ARG B 167 14.45 1.51 -21.57
CA ARG B 167 13.58 0.50 -20.98
C ARG B 167 12.86 1.16 -19.81
N LEU B 168 11.57 1.39 -19.98
CA LEU B 168 10.77 2.15 -19.05
C LEU B 168 9.73 1.26 -18.40
N THR B 169 9.30 1.62 -17.20
CA THR B 169 8.21 0.96 -16.51
C THR B 169 7.21 2.06 -16.16
N VAL B 170 6.29 2.32 -17.08
CA VAL B 170 5.35 3.42 -16.95
C VAL B 170 4.13 2.93 -16.17
N ARG B 171 3.78 3.66 -15.12
CA ARG B 171 2.58 3.36 -14.34
C ARG B 171 1.56 4.43 -14.71
N ALA B 172 0.80 4.16 -15.77
CA ALA B 172 -0.04 5.17 -16.40
C ALA B 172 -1.45 5.17 -15.82
N GLU B 173 -2.19 6.23 -16.14
CA GLU B 173 -3.58 6.38 -15.73
C GLU B 173 -4.51 5.68 -16.71
N CYS B 174 -5.70 5.34 -16.22
CA CYS B 174 -6.74 4.73 -17.04
C CYS B 174 -8.09 5.07 -16.41
N PRO B 175 -8.79 6.08 -16.93
CA PRO B 175 -10.12 6.42 -16.41
C PRO B 175 -11.12 5.31 -16.72
N MET B 176 -11.67 4.71 -15.67
CA MET B 176 -12.55 3.56 -15.80
C MET B 176 -14.00 3.98 -15.67
N HIS B 177 -14.87 3.32 -16.42
CA HIS B 177 -16.31 3.51 -16.36
C HIS B 177 -16.89 2.19 -15.83
N LEU B 178 -16.94 2.06 -14.51
CA LEU B 178 -17.35 0.82 -13.87
C LEU B 178 -18.86 0.75 -13.66
N GLU B 179 -19.63 0.96 -14.72
CA GLU B 179 -21.07 0.81 -14.64
C GLU B 179 -21.51 -0.61 -14.91
N ASP B 180 -20.80 -1.32 -15.79
CA ASP B 180 -21.08 -2.71 -16.12
C ASP B 180 -20.12 -3.65 -15.39
N PHE B 181 -19.75 -3.33 -14.17
CA PHE B 181 -18.81 -4.16 -13.42
C PHE B 181 -19.46 -5.48 -13.03
N PRO B 182 -18.80 -6.63 -13.22
CA PRO B 182 -17.47 -6.85 -13.79
C PRO B 182 -17.45 -7.15 -15.29
N MET B 183 -18.62 -7.11 -15.92
CA MET B 183 -18.77 -7.52 -17.31
C MET B 183 -18.54 -6.34 -18.27
N ASP B 184 -17.42 -5.65 -18.11
CA ASP B 184 -17.17 -4.43 -18.87
C ASP B 184 -15.83 -4.46 -19.60
N ALA B 185 -15.47 -3.33 -20.21
CA ALA B 185 -14.27 -3.23 -21.02
C ALA B 185 -13.74 -1.81 -20.91
N HIS B 186 -12.41 -1.67 -21.07
CA HIS B 186 -11.77 -0.39 -20.93
C HIS B 186 -10.75 -0.20 -22.04
N ALA B 187 -10.53 1.06 -22.40
CA ALA B 187 -9.51 1.45 -23.37
C ALA B 187 -8.50 2.32 -22.63
N CYS B 188 -7.49 1.67 -22.03
CA CYS B 188 -6.51 2.39 -21.25
C CYS B 188 -5.50 3.06 -22.16
N PRO B 189 -5.32 4.38 -22.10
CA PRO B 189 -4.42 5.06 -23.02
C PRO B 189 -2.98 5.08 -22.53
N LEU B 190 -2.07 5.31 -23.48
CA LEU B 190 -0.66 5.55 -23.19
C LEU B 190 -0.22 6.67 -24.12
N LYS B 191 -0.10 7.88 -23.57
CA LYS B 191 -0.01 9.09 -24.37
C LYS B 191 1.26 9.84 -24.02
N PHE B 192 2.09 10.13 -25.02
CA PHE B 192 3.35 10.78 -24.78
C PHE B 192 3.59 11.89 -25.81
N GLY B 193 4.47 12.81 -25.44
CA GLY B 193 4.82 13.92 -26.30
C GLY B 193 5.92 14.74 -25.65
N SER B 194 6.31 15.81 -26.34
CA SER B 194 7.37 16.67 -25.85
C SER B 194 6.84 17.56 -24.72
N TYR B 195 7.75 17.96 -23.84
CA TYR B 195 7.37 18.81 -22.72
C TYR B 195 7.59 20.29 -23.01
N ALA B 196 8.77 20.64 -23.52
CA ALA B 196 9.11 22.03 -23.77
C ALA B 196 8.93 22.44 -25.23
N TYR B 197 9.18 21.54 -26.16
CA TYR B 197 9.21 21.88 -27.57
C TYR B 197 7.81 21.74 -28.16
N THR B 198 7.32 22.81 -28.78
CA THR B 198 5.93 22.89 -29.22
C THR B 198 5.75 22.15 -30.55
N ARG B 199 4.60 22.38 -31.19
CA ARG B 199 4.33 21.77 -32.49
C ARG B 199 5.23 22.33 -33.58
N ALA B 200 5.59 23.61 -33.48
CA ALA B 200 6.43 24.25 -34.49
C ALA B 200 7.91 23.95 -34.30
N GLU B 201 8.29 23.14 -33.31
CA GLU B 201 9.69 22.83 -33.05
C GLU B 201 9.99 21.35 -33.17
N VAL B 202 9.26 20.49 -32.47
CA VAL B 202 9.45 19.04 -32.54
C VAL B 202 8.13 18.39 -32.89
N VAL B 203 8.13 17.61 -33.97
CA VAL B 203 6.95 16.90 -34.44
C VAL B 203 7.23 15.40 -34.32
N TYR B 204 6.45 14.71 -33.50
CA TYR B 204 6.54 13.27 -33.41
C TYR B 204 5.74 12.61 -34.52
N GLU B 205 6.20 11.43 -34.93
CA GLU B 205 5.52 10.66 -35.97
C GLU B 205 5.94 9.21 -35.85
N TRP B 206 4.96 8.30 -35.97
CA TRP B 206 5.26 6.88 -35.88
C TRP B 206 6.00 6.41 -37.12
N THR B 207 6.89 5.44 -36.93
CA THR B 207 7.47 4.74 -38.06
C THR B 207 6.50 3.69 -38.57
N ARG B 208 6.68 3.33 -39.85
CA ARG B 208 6.20 2.10 -40.51
C ARG B 208 4.72 1.76 -40.22
N GLU B 209 3.83 2.67 -40.72
CA GLU B 209 2.38 2.46 -40.76
C GLU B 209 1.80 2.26 -39.35
N PRO B 210 1.54 3.39 -38.62
CA PRO B 210 1.40 3.40 -37.14
C PRO B 210 0.64 2.29 -36.41
N ALA B 211 -0.28 1.62 -37.10
CA ALA B 211 -1.01 0.51 -36.49
C ALA B 211 -0.13 -0.68 -36.16
N ARG B 212 1.03 -0.81 -36.80
CA ARG B 212 1.98 -1.88 -36.52
C ARG B 212 3.31 -1.33 -35.99
N SER B 213 3.26 -0.17 -35.33
CA SER B 213 4.44 0.41 -34.70
C SER B 213 4.38 0.32 -33.18
N VAL B 214 3.38 -0.35 -32.63
CA VAL B 214 3.32 -0.69 -31.21
C VAL B 214 3.04 -2.18 -31.18
N VAL B 215 4.08 -2.98 -30.99
CA VAL B 215 3.97 -4.43 -30.98
C VAL B 215 4.14 -4.93 -29.55
N VAL B 216 3.38 -5.97 -29.21
CA VAL B 216 3.34 -6.53 -27.87
C VAL B 216 4.03 -7.89 -27.90
N ALA B 217 4.95 -8.11 -26.97
CA ALA B 217 5.62 -9.39 -26.87
C ALA B 217 4.65 -10.48 -26.43
N GLU B 218 4.71 -11.62 -27.11
CA GLU B 218 3.77 -12.71 -26.85
C GLU B 218 4.06 -13.42 -25.54
N ASP B 219 5.30 -13.39 -25.06
CA ASP B 219 5.64 -14.07 -23.81
C ASP B 219 5.06 -13.32 -22.61
N GLY B 220 5.49 -12.08 -22.41
CA GLY B 220 5.06 -11.31 -21.26
C GLY B 220 3.64 -10.78 -21.37
N SER B 221 2.74 -11.27 -20.52
CA SER B 221 1.37 -10.80 -20.48
C SER B 221 1.07 -10.06 -19.18
N ARG B 222 1.28 -10.71 -18.03
CA ARG B 222 1.11 -10.17 -16.68
C ARG B 222 -0.31 -9.68 -16.38
N LEU B 223 -1.30 -10.07 -17.17
CA LEU B 223 -2.69 -9.70 -16.92
C LEU B 223 -3.39 -10.93 -16.35
N ASN B 224 -3.49 -10.99 -15.03
CA ASN B 224 -4.20 -12.09 -14.41
C ASN B 224 -5.71 -11.91 -14.52
N GLN B 225 -6.22 -10.71 -14.23
CA GLN B 225 -7.64 -10.47 -14.20
C GLN B 225 -8.21 -10.11 -15.57
N TYR B 226 -7.60 -9.13 -16.24
CA TYR B 226 -8.11 -8.63 -17.51
C TYR B 226 -7.66 -9.51 -18.68
N ASP B 227 -7.86 -9.00 -19.89
CA ASP B 227 -7.54 -9.74 -21.11
C ASP B 227 -7.30 -8.70 -22.20
N LEU B 228 -6.07 -8.64 -22.71
CA LEU B 228 -5.73 -7.66 -23.73
C LEU B 228 -6.24 -8.14 -25.08
N LEU B 229 -7.12 -7.35 -25.69
CA LEU B 229 -7.73 -7.72 -26.97
C LEU B 229 -7.02 -7.12 -28.17
N GLY B 230 -6.17 -6.12 -27.96
CA GLY B 230 -5.48 -5.45 -29.04
C GLY B 230 -5.37 -3.97 -28.74
N GLN B 231 -4.47 -3.31 -29.46
CA GLN B 231 -4.21 -1.88 -29.27
C GLN B 231 -4.67 -1.07 -30.47
N THR B 232 -4.83 0.22 -30.24
CA THR B 232 -5.18 1.17 -31.29
C THR B 232 -4.24 2.37 -31.18
N VAL B 233 -3.58 2.70 -32.28
CA VAL B 233 -2.54 3.72 -32.31
C VAL B 233 -3.08 4.93 -33.06
N ASP B 234 -2.98 6.10 -32.45
CA ASP B 234 -3.49 7.34 -33.03
C ASP B 234 -2.52 8.45 -32.63
N SER B 235 -2.85 9.68 -33.02
CA SER B 235 -1.99 10.82 -32.73
C SER B 235 -2.84 12.08 -32.66
N GLY B 236 -2.55 12.93 -31.68
CA GLY B 236 -3.34 14.12 -31.45
C GLY B 236 -2.56 15.36 -31.08
N ILE B 237 -3.29 16.43 -30.74
CA ILE B 237 -2.73 17.74 -30.46
C ILE B 237 -3.38 18.27 -29.18
N VAL B 238 -2.58 18.79 -28.25
CA VAL B 238 -3.12 19.48 -27.09
C VAL B 238 -3.07 20.99 -27.34
N GLN B 239 -3.83 21.72 -26.54
CA GLN B 239 -3.78 23.18 -26.49
C GLN B 239 -3.51 23.54 -25.03
N SER B 240 -2.23 23.57 -24.65
CA SER B 240 -1.87 23.92 -23.30
C SER B 240 -1.80 25.44 -23.16
N SER B 241 -1.35 25.91 -22.00
CA SER B 241 -1.17 27.33 -21.79
C SER B 241 0.07 27.88 -22.48
N THR B 242 0.96 27.00 -22.95
CA THR B 242 2.21 27.43 -23.57
C THR B 242 2.24 27.25 -25.09
N GLY B 243 1.38 26.43 -25.65
CA GLY B 243 1.33 26.25 -27.09
C GLY B 243 0.82 24.87 -27.45
N GLU B 244 0.78 24.63 -28.76
CA GLU B 244 0.35 23.34 -29.27
C GLU B 244 1.49 22.34 -29.22
N TYR B 245 1.18 21.11 -28.80
CA TYR B 245 2.16 20.04 -28.75
C TYR B 245 1.63 18.85 -29.53
N VAL B 246 2.53 18.11 -30.13
CA VAL B 246 2.18 16.89 -30.87
C VAL B 246 2.19 15.74 -29.88
N VAL B 247 1.08 14.99 -29.83
CA VAL B 247 0.87 13.96 -28.82
C VAL B 247 0.58 12.65 -29.51
N MET B 248 1.44 11.66 -29.31
CA MET B 248 1.18 10.30 -29.74
C MET B 248 0.25 9.62 -28.74
N THR B 249 -0.46 8.60 -29.22
CA THR B 249 -1.48 7.95 -28.42
C THR B 249 -1.58 6.48 -28.78
N THR B 250 -1.54 5.60 -27.77
CA THR B 250 -1.77 4.18 -27.95
C THR B 250 -2.82 3.72 -26.95
N HIS B 251 -4.01 3.40 -27.42
CA HIS B 251 -5.08 2.91 -26.56
C HIS B 251 -5.02 1.39 -26.50
N PHE B 252 -4.74 0.85 -25.32
CA PHE B 252 -4.78 -0.59 -25.10
C PHE B 252 -6.18 -0.97 -24.63
N HIS B 253 -6.78 -1.95 -25.31
CA HIS B 253 -8.16 -2.32 -25.07
C HIS B 253 -8.20 -3.58 -24.20
N LEU B 254 -8.88 -3.49 -23.07
CA LEU B 254 -8.93 -4.55 -22.09
C LEU B 254 -10.35 -5.09 -21.97
N LYS B 255 -10.46 -6.25 -21.31
CA LYS B 255 -11.74 -6.92 -21.13
C LYS B 255 -11.63 -7.77 -19.89
N ARG B 256 -12.39 -7.44 -18.85
CA ARG B 256 -12.26 -8.14 -17.57
C ARG B 256 -12.87 -9.53 -17.66
N LYS B 257 -12.05 -10.55 -17.39
CA LYS B 257 -12.55 -11.90 -17.23
C LYS B 257 -13.37 -11.99 -15.95
N ILE B 258 -14.60 -12.48 -16.06
CA ILE B 258 -15.52 -12.47 -14.94
C ILE B 258 -15.51 -13.81 -14.19
N GLY B 259 -14.48 -14.63 -14.41
CA GLY B 259 -14.41 -15.91 -13.74
C GLY B 259 -14.14 -15.82 -12.25
N TYR B 260 -13.55 -14.72 -11.79
CA TYR B 260 -13.28 -14.56 -10.36
C TYR B 260 -14.55 -14.26 -9.59
N PHE B 261 -15.37 -13.36 -10.10
CA PHE B 261 -16.52 -12.87 -9.35
C PHE B 261 -17.68 -13.84 -9.37
N VAL B 262 -17.71 -14.78 -10.32
CA VAL B 262 -18.67 -15.87 -10.26
C VAL B 262 -18.37 -16.78 -9.07
N ILE B 263 -17.08 -17.06 -8.85
CA ILE B 263 -16.70 -17.95 -7.75
C ILE B 263 -16.88 -17.26 -6.40
N GLN B 264 -16.51 -15.99 -6.31
CA GLN B 264 -16.47 -15.33 -5.02
C GLN B 264 -17.76 -14.58 -4.67
N THR B 265 -18.50 -14.08 -5.66
CA THR B 265 -19.66 -13.27 -5.37
C THR B 265 -20.96 -13.84 -5.91
N TYR B 266 -21.00 -14.24 -7.20
CA TYR B 266 -22.27 -14.62 -7.81
C TYR B 266 -22.77 -15.97 -7.29
N LEU B 267 -21.90 -16.97 -7.22
CA LEU B 267 -22.33 -18.26 -6.66
C LEU B 267 -22.59 -18.26 -5.15
N PRO B 268 -21.86 -17.54 -4.29
CA PRO B 268 -22.33 -17.42 -2.90
C PRO B 268 -23.63 -16.62 -2.75
N CYS B 269 -23.96 -15.76 -3.71
CA CYS B 269 -25.26 -15.08 -3.64
C CYS B 269 -26.39 -15.94 -4.21
N ILE B 270 -26.11 -16.76 -5.22
CA ILE B 270 -27.15 -17.65 -5.75
C ILE B 270 -27.45 -18.77 -4.77
N MET B 271 -26.41 -19.37 -4.18
CA MET B 271 -26.61 -20.45 -3.23
C MET B 271 -27.16 -19.98 -1.89
N THR B 272 -27.18 -18.67 -1.64
CA THR B 272 -27.82 -18.14 -0.44
C THR B 272 -29.32 -17.95 -0.66
N VAL B 273 -29.70 -17.50 -1.87
CA VAL B 273 -31.12 -17.35 -2.20
C VAL B 273 -31.81 -18.70 -2.25
N ILE B 274 -31.09 -19.73 -2.71
CA ILE B 274 -31.64 -21.09 -2.72
C ILE B 274 -31.84 -21.60 -1.29
N LEU B 275 -30.92 -21.27 -0.37
CA LEU B 275 -31.09 -21.63 1.04
C LEU B 275 -32.27 -20.91 1.67
N SER B 276 -32.56 -19.69 1.24
CA SER B 276 -33.76 -19.02 1.73
C SER B 276 -35.03 -19.62 1.13
N GLN B 277 -34.92 -20.30 -0.01
CA GLN B 277 -36.06 -20.95 -0.63
C GLN B 277 -36.16 -22.43 -0.27
N VAL B 278 -35.28 -22.92 0.61
CA VAL B 278 -35.47 -24.25 1.17
C VAL B 278 -36.60 -24.24 2.19
N SER B 279 -36.78 -23.12 2.90
CA SER B 279 -37.71 -23.03 4.02
C SER B 279 -39.18 -23.10 3.61
N PHE B 280 -39.50 -22.98 2.32
CA PHE B 280 -40.88 -23.16 1.90
C PHE B 280 -41.31 -24.61 1.95
N TRP B 281 -40.36 -25.54 1.97
CA TRP B 281 -40.63 -26.97 1.90
C TRP B 281 -40.71 -27.63 3.27
N LEU B 282 -40.78 -26.84 4.33
CA LEU B 282 -40.93 -27.37 5.68
C LEU B 282 -42.35 -27.16 6.14
N ASN B 283 -42.70 -27.81 7.25
CA ASN B 283 -44.01 -27.58 7.84
C ASN B 283 -44.05 -26.23 8.54
N ARG B 284 -45.27 -25.71 8.69
CA ARG B 284 -45.47 -24.39 9.27
C ARG B 284 -45.42 -24.41 10.80
N GLU B 285 -45.34 -25.58 11.42
CA GLU B 285 -45.26 -25.69 12.87
C GLU B 285 -43.83 -25.66 13.38
N SER B 286 -42.85 -25.49 12.50
CA SER B 286 -41.43 -25.50 12.86
C SER B 286 -40.87 -24.09 12.92
N VAL B 287 -41.64 -23.16 13.49
CA VAL B 287 -41.30 -21.77 13.71
C VAL B 287 -39.90 -21.53 14.29
N PRO B 288 -39.39 -22.30 15.26
CA PRO B 288 -37.97 -22.12 15.63
C PRO B 288 -36.96 -22.67 14.64
N ALA B 289 -37.39 -23.16 13.48
CA ALA B 289 -36.47 -23.66 12.46
C ALA B 289 -36.55 -22.90 11.15
N ARG B 290 -37.75 -22.52 10.71
CA ARG B 290 -37.87 -21.71 9.51
C ARG B 290 -37.50 -20.27 9.75
N THR B 291 -37.44 -19.84 11.01
CA THR B 291 -36.86 -18.54 11.32
C THR B 291 -35.36 -18.55 11.08
N VAL B 292 -34.70 -19.67 11.39
CA VAL B 292 -33.25 -19.76 11.28
C VAL B 292 -32.82 -19.74 9.81
N PHE B 293 -33.66 -20.22 8.89
CA PHE B 293 -33.39 -20.02 7.46
C PHE B 293 -33.49 -18.54 7.08
N GLY B 294 -34.59 -17.89 7.44
CA GLY B 294 -34.88 -16.57 6.92
C GLY B 294 -34.06 -15.44 7.50
N VAL B 295 -33.29 -15.67 8.55
CA VAL B 295 -32.52 -14.62 9.21
C VAL B 295 -31.02 -14.81 8.99
N THR B 296 -30.55 -16.06 9.01
CA THR B 296 -29.13 -16.32 8.79
C THR B 296 -28.74 -16.07 7.34
N THR B 297 -29.65 -16.36 6.41
CA THR B 297 -29.40 -16.03 5.00
C THR B 297 -29.45 -14.53 4.74
N VAL B 298 -30.05 -13.74 5.64
CA VAL B 298 -29.87 -12.30 5.59
C VAL B 298 -28.49 -11.93 6.12
N LEU B 299 -28.04 -12.60 7.19
CA LEU B 299 -26.69 -12.41 7.70
C LEU B 299 -25.64 -12.86 6.69
N THR B 300 -25.95 -13.87 5.87
CA THR B 300 -25.04 -14.26 4.81
C THR B 300 -25.00 -13.21 3.70
N MET B 301 -26.16 -12.70 3.30
CA MET B 301 -26.20 -11.66 2.27
C MET B 301 -25.67 -10.32 2.78
N THR B 302 -25.71 -10.08 4.09
CA THR B 302 -25.09 -8.87 4.63
C THR B 302 -23.57 -8.96 4.56
N THR B 303 -23.02 -10.14 4.84
CA THR B 303 -21.58 -10.37 4.73
C THR B 303 -21.12 -10.24 3.28
N LEU B 304 -21.92 -10.71 2.33
CA LEU B 304 -21.54 -10.64 0.93
C LEU B 304 -21.69 -9.23 0.38
N SER B 305 -22.71 -8.48 0.81
CA SER B 305 -22.94 -7.16 0.24
C SER B 305 -21.96 -6.11 0.75
N ILE B 306 -21.27 -6.39 1.85
CA ILE B 306 -20.25 -5.47 2.37
C ILE B 306 -18.89 -5.76 1.75
N SER B 307 -18.51 -7.03 1.67
CA SER B 307 -17.19 -7.42 1.21
C SER B 307 -17.13 -7.67 -0.30
N ALA B 308 -18.13 -7.24 -1.06
CA ALA B 308 -18.09 -7.39 -2.51
C ALA B 308 -17.41 -6.22 -3.19
N ARG B 309 -17.51 -5.02 -2.62
CA ARG B 309 -16.94 -3.83 -3.22
C ARG B 309 -15.54 -3.53 -2.73
N ASN B 310 -14.84 -4.52 -2.18
CA ASN B 310 -13.44 -4.36 -1.84
C ASN B 310 -12.60 -4.32 -3.13
N SER B 311 -11.45 -3.62 -3.03
CA SER B 311 -10.52 -3.38 -4.14
C SER B 311 -11.22 -2.72 -5.33
N LEU B 312 -12.01 -1.70 -5.04
CA LEU B 312 -12.73 -0.93 -6.03
C LEU B 312 -12.70 0.54 -5.66
N PRO B 313 -12.69 1.44 -6.63
CA PRO B 313 -12.86 2.86 -6.32
C PRO B 313 -14.29 3.12 -5.86
N LYS B 314 -14.42 3.94 -4.83
CA LYS B 314 -15.70 4.17 -4.18
C LYS B 314 -16.52 5.12 -5.06
N VAL B 315 -17.14 4.53 -6.09
CA VAL B 315 -17.86 5.32 -7.08
C VAL B 315 -19.22 5.72 -6.54
N ALA B 316 -19.81 6.74 -7.16
CA ALA B 316 -21.03 7.37 -6.69
C ALA B 316 -22.29 6.77 -7.31
N TYR B 317 -22.23 5.51 -7.73
CA TYR B 317 -23.36 4.88 -8.40
C TYR B 317 -23.32 3.38 -8.13
N ALA B 318 -24.32 2.68 -8.66
CA ALA B 318 -24.43 1.24 -8.50
C ALA B 318 -23.81 0.55 -9.70
N THR B 319 -22.88 -0.37 -9.42
CA THR B 319 -22.32 -1.20 -10.47
C THR B 319 -23.32 -2.26 -10.89
N ALA B 320 -22.99 -2.98 -11.96
CA ALA B 320 -23.84 -4.07 -12.42
C ALA B 320 -23.82 -5.27 -11.47
N MET B 321 -22.80 -5.37 -10.63
CA MET B 321 -22.81 -6.37 -9.57
C MET B 321 -23.70 -5.93 -8.41
N ASP B 322 -23.84 -4.62 -8.20
CA ASP B 322 -24.72 -4.12 -7.16
C ASP B 322 -26.19 -4.32 -7.52
N TRP B 323 -26.51 -4.34 -8.81
CA TRP B 323 -27.88 -4.66 -9.22
C TRP B 323 -28.19 -6.14 -9.12
N PHE B 324 -27.18 -6.98 -8.92
CA PHE B 324 -27.43 -8.40 -8.69
C PHE B 324 -27.61 -8.70 -7.21
N ILE B 325 -26.79 -8.09 -6.35
CA ILE B 325 -26.84 -8.37 -4.92
C ILE B 325 -28.10 -7.78 -4.30
N ALA B 326 -28.44 -6.55 -4.68
CA ALA B 326 -29.60 -5.87 -4.10
C ALA B 326 -30.91 -6.51 -4.53
N VAL B 327 -30.94 -7.24 -5.64
CA VAL B 327 -32.12 -8.01 -5.99
C VAL B 327 -32.11 -9.37 -5.32
N CYS B 328 -30.94 -10.03 -5.26
CA CYS B 328 -30.80 -11.25 -4.50
C CYS B 328 -30.98 -11.03 -3.00
N TYR B 329 -30.72 -9.82 -2.51
CA TYR B 329 -31.09 -9.49 -1.14
C TYR B 329 -32.59 -9.36 -0.98
N ALA B 330 -33.32 -9.05 -2.06
CA ALA B 330 -34.76 -8.89 -1.97
C ALA B 330 -35.51 -10.22 -2.08
N PHE B 331 -34.88 -11.27 -2.62
CA PHE B 331 -35.47 -12.60 -2.55
C PHE B 331 -35.25 -13.26 -1.21
N VAL B 332 -34.26 -12.81 -0.45
CA VAL B 332 -34.01 -13.32 0.89
C VAL B 332 -34.78 -12.51 1.93
N PHE B 333 -34.93 -11.21 1.69
CA PHE B 333 -35.78 -10.37 2.53
C PHE B 333 -37.24 -10.80 2.44
N SER B 334 -37.71 -11.12 1.23
CA SER B 334 -39.10 -11.51 1.03
C SER B 334 -39.36 -12.96 1.39
N ALA B 335 -38.31 -13.77 1.58
CA ALA B 335 -38.51 -15.14 2.03
C ALA B 335 -38.75 -15.23 3.53
N LEU B 336 -38.50 -14.15 4.27
CA LEU B 336 -38.80 -14.08 5.69
C LEU B 336 -40.11 -13.34 5.97
N ILE B 337 -40.44 -12.33 5.17
CA ILE B 337 -41.74 -11.69 5.26
C ILE B 337 -42.84 -12.65 4.84
N GLU B 338 -42.52 -13.59 3.94
CA GLU B 338 -43.45 -14.67 3.61
C GLU B 338 -43.74 -15.55 4.83
N PHE B 339 -42.70 -15.92 5.57
CA PHE B 339 -42.91 -16.77 6.74
C PHE B 339 -43.59 -16.01 7.88
N ALA B 340 -43.40 -14.69 7.95
CA ALA B 340 -44.14 -13.89 8.92
C ALA B 340 -45.63 -13.84 8.60
N THR B 341 -46.01 -14.05 7.34
CA THR B 341 -47.42 -14.12 6.99
C THR B 341 -47.99 -15.50 7.31
N VAL B 342 -47.22 -16.56 7.05
CA VAL B 342 -47.68 -17.93 7.33
C VAL B 342 -47.78 -18.15 8.84
N ASN B 343 -46.87 -17.55 9.61
CA ASN B 343 -46.94 -17.65 11.06
C ASN B 343 -48.13 -16.87 11.62
N TYR B 344 -48.60 -15.85 10.89
CA TYR B 344 -49.70 -15.04 11.39
C TYR B 344 -51.04 -15.76 11.26
N PHE B 345 -51.16 -16.72 10.35
CA PHE B 345 -52.39 -17.46 10.17
C PHE B 345 -52.32 -18.89 10.70
N THR B 346 -51.24 -19.25 11.39
CA THR B 346 -51.13 -20.58 11.98
C THR B 346 -51.93 -20.64 13.27
N LYS B 347 -52.94 -21.51 13.30
CA LYS B 347 -53.82 -21.61 14.46
C LYS B 347 -53.28 -22.58 15.50
N ARG B 348 -53.10 -23.84 15.12
CA ARG B 348 -52.68 -24.89 16.03
C ARG B 348 -51.16 -24.87 16.14
N GLY B 349 -50.66 -24.77 17.36
CA GLY B 349 -49.22 -24.72 17.58
C GLY B 349 -48.58 -26.07 17.87
N TYR B 350 -48.94 -27.09 17.10
CA TYR B 350 -48.36 -28.41 17.26
C TYR B 350 -48.36 -29.13 15.93
N ALA B 351 -47.36 -29.98 15.72
CA ALA B 351 -47.14 -30.63 14.43
C ALA B 351 -48.00 -31.88 14.29
N TRP B 352 -48.00 -32.43 13.08
CA TRP B 352 -48.75 -33.64 12.80
C TRP B 352 -48.04 -34.85 13.41
N ASP B 353 -48.78 -35.64 14.19
CA ASP B 353 -48.16 -36.76 14.91
C ASP B 353 -47.84 -37.93 13.99
N GLY B 354 -48.69 -38.18 12.98
CA GLY B 354 -48.43 -39.25 12.05
C GLY B 354 -49.51 -40.31 11.99
N LYS B 355 -50.07 -40.65 13.15
CA LYS B 355 -51.08 -41.70 13.24
C LYS B 355 -52.51 -41.15 13.13
N SER B 356 -52.76 -40.31 12.13
CA SER B 356 -54.04 -39.63 12.01
C SER B 356 -54.23 -39.18 10.57
N VAL B 357 -55.28 -38.40 10.34
CA VAL B 357 -55.59 -37.86 9.02
C VAL B 357 -56.25 -36.50 9.21
N VAL B 358 -56.06 -35.62 8.23
CA VAL B 358 -56.64 -34.29 8.29
C VAL B 358 -58.03 -34.28 7.66
N LYS B 419 -58.53 -34.61 17.32
CA LYS B 419 -57.78 -33.35 17.25
C LYS B 419 -57.72 -32.84 15.82
N THR B 420 -57.56 -31.52 15.67
CA THR B 420 -57.44 -30.88 14.38
C THR B 420 -56.01 -30.37 14.19
N PHE B 421 -55.47 -30.62 13.01
CA PHE B 421 -54.12 -30.21 12.64
C PHE B 421 -54.21 -29.08 11.63
N ASN B 422 -53.07 -28.42 11.42
CA ASN B 422 -52.99 -27.33 10.45
C ASN B 422 -52.76 -27.89 9.06
N SER B 423 -53.52 -27.40 8.10
CA SER B 423 -53.32 -27.80 6.71
C SER B 423 -52.06 -27.16 6.16
N VAL B 424 -51.57 -27.72 5.05
CA VAL B 424 -50.46 -27.11 4.32
C VAL B 424 -50.94 -25.78 3.75
N SER B 425 -50.12 -24.74 3.92
CA SER B 425 -50.55 -23.38 3.66
C SER B 425 -50.71 -23.13 2.16
N LYS B 426 -51.75 -22.35 1.83
CA LYS B 426 -51.95 -21.95 0.44
C LYS B 426 -50.91 -20.93 -0.01
N ILE B 427 -50.28 -20.23 0.93
CA ILE B 427 -49.18 -19.34 0.58
C ILE B 427 -47.93 -20.15 0.26
N ASP B 428 -47.71 -21.26 0.98
CA ASP B 428 -46.54 -22.09 0.72
C ASP B 428 -46.67 -22.83 -0.60
N ARG B 429 -47.87 -23.35 -0.92
CA ARG B 429 -48.06 -24.07 -2.17
C ARG B 429 -47.93 -23.18 -3.40
N LEU B 430 -48.09 -21.87 -3.25
CA LEU B 430 -47.81 -20.93 -4.32
C LEU B 430 -46.36 -20.50 -4.35
N SER B 431 -45.78 -20.21 -3.18
CA SER B 431 -44.42 -19.69 -3.10
C SER B 431 -43.34 -20.75 -3.23
N ARG B 432 -43.70 -22.03 -3.29
CA ARG B 432 -42.74 -23.04 -3.72
C ARG B 432 -42.48 -22.97 -5.22
N ILE B 433 -43.37 -22.34 -5.97
CA ILE B 433 -43.25 -22.22 -7.41
C ILE B 433 -42.84 -20.81 -7.83
N ALA B 434 -43.40 -19.79 -7.19
CA ALA B 434 -43.22 -18.42 -7.65
C ALA B 434 -41.82 -17.89 -7.37
N PHE B 435 -41.29 -18.15 -6.17
CA PHE B 435 -39.94 -17.69 -5.85
C PHE B 435 -38.81 -18.39 -6.62
N PRO B 436 -38.83 -19.71 -6.90
CA PRO B 436 -37.84 -20.24 -7.83
C PRO B 436 -38.05 -19.80 -9.28
N LEU B 437 -39.28 -19.43 -9.65
CA LEU B 437 -39.51 -18.99 -11.03
C LEU B 437 -39.08 -17.55 -11.22
N LEU B 438 -39.52 -16.65 -10.35
CA LEU B 438 -39.20 -15.23 -10.47
C LEU B 438 -37.72 -14.94 -10.22
N PHE B 439 -37.02 -15.83 -9.52
CA PHE B 439 -35.57 -15.69 -9.45
C PHE B 439 -34.91 -16.17 -10.73
N GLY B 440 -35.44 -17.24 -11.33
CA GLY B 440 -34.88 -17.74 -12.57
C GLY B 440 -35.16 -16.85 -13.76
N ILE B 441 -36.29 -16.13 -13.74
CA ILE B 441 -36.59 -15.19 -14.82
C ILE B 441 -35.68 -13.97 -14.73
N PHE B 442 -35.43 -13.48 -13.50
CA PHE B 442 -34.45 -12.42 -13.31
C PHE B 442 -33.04 -12.88 -13.66
N ASN B 443 -32.73 -14.16 -13.43
CA ASN B 443 -31.40 -14.68 -13.69
C ASN B 443 -31.15 -14.93 -15.17
N LEU B 444 -32.17 -14.76 -16.01
CA LEU B 444 -32.02 -14.75 -17.47
C LEU B 444 -31.93 -13.35 -18.04
N VAL B 445 -32.71 -12.41 -17.49
CA VAL B 445 -32.67 -11.02 -17.96
C VAL B 445 -31.35 -10.37 -17.57
N TYR B 446 -30.78 -10.77 -16.43
CA TYR B 446 -29.53 -10.17 -15.97
C TYR B 446 -28.35 -10.59 -16.84
N TRP B 447 -28.24 -11.88 -17.14
CA TRP B 447 -27.10 -12.38 -17.92
C TRP B 447 -27.30 -12.25 -19.43
N ALA B 448 -28.43 -11.71 -19.88
CA ALA B 448 -28.60 -11.38 -21.29
C ALA B 448 -28.52 -9.88 -21.57
N THR B 449 -28.71 -9.05 -20.54
CA THR B 449 -28.52 -7.61 -20.72
C THR B 449 -27.04 -7.28 -20.86
N TYR B 450 -26.19 -7.98 -20.11
CA TYR B 450 -24.80 -7.60 -19.93
C TYR B 450 -23.81 -8.45 -20.72
N LEU B 451 -24.14 -9.70 -21.03
CA LEU B 451 -23.26 -10.52 -21.84
C LEU B 451 -23.47 -10.32 -23.33
N ASN B 452 -24.47 -9.54 -23.73
CA ASN B 452 -24.67 -9.21 -25.14
C ASN B 452 -23.95 -7.94 -25.55
N ARG B 453 -23.64 -7.06 -24.61
CA ARG B 453 -22.90 -5.83 -24.92
C ARG B 453 -21.41 -6.05 -24.71
N ASN C 33 57.26 0.39 -4.66
CA ASN C 33 56.42 -0.59 -3.98
C ASN C 33 55.03 0.00 -3.77
N MET C 34 54.99 1.24 -3.30
CA MET C 34 53.74 1.97 -3.11
C MET C 34 53.53 3.06 -4.14
N SER C 35 54.58 3.83 -4.46
CA SER C 35 54.47 4.84 -5.51
C SER C 35 54.56 4.23 -6.90
N PHE C 36 55.07 2.99 -7.03
CA PHE C 36 55.10 2.34 -8.32
C PHE C 36 53.71 1.88 -8.73
N VAL C 37 52.91 1.42 -7.76
CA VAL C 37 51.53 1.05 -8.04
C VAL C 37 50.70 2.30 -8.33
N LYS C 38 51.03 3.42 -7.68
CA LYS C 38 50.29 4.66 -7.88
C LYS C 38 50.55 5.24 -9.27
N GLU C 39 51.77 5.11 -9.78
CA GLU C 39 52.08 5.59 -11.11
C GLU C 39 51.66 4.61 -12.20
N THR C 40 51.35 3.36 -11.83
CA THR C 40 50.87 2.39 -12.81
C THR C 40 49.37 2.54 -13.05
N VAL C 41 48.61 2.81 -11.99
CA VAL C 41 47.17 3.02 -12.14
C VAL C 41 46.91 4.35 -12.83
N ASP C 42 47.76 5.35 -12.61
CA ASP C 42 47.58 6.65 -13.26
C ASP C 42 47.85 6.61 -14.75
N LYS C 43 48.58 5.62 -15.26
CA LYS C 43 48.80 5.51 -16.70
C LYS C 43 47.87 4.51 -17.36
N LEU C 44 47.22 3.63 -16.59
CA LEU C 44 46.15 2.82 -17.15
C LEU C 44 44.92 3.65 -17.45
N LEU C 45 44.65 4.67 -16.63
CA LEU C 45 43.51 5.54 -16.80
C LEU C 45 43.81 6.78 -17.63
N LYS C 46 45.07 7.00 -17.99
CA LYS C 46 45.44 8.16 -18.79
C LYS C 46 45.14 7.88 -20.26
N GLY C 47 44.28 8.69 -20.85
CA GLY C 47 43.87 8.45 -22.23
C GLY C 47 42.93 7.28 -22.38
N TYR C 48 42.26 6.86 -21.30
CA TYR C 48 41.33 5.75 -21.36
C TYR C 48 39.94 6.28 -21.69
N ASP C 49 39.35 5.75 -22.77
CA ASP C 49 38.06 6.22 -23.25
C ASP C 49 37.01 5.20 -22.85
N ILE C 50 36.14 5.58 -21.90
CA ILE C 50 35.13 4.65 -21.39
C ILE C 50 33.89 4.58 -22.26
N ARG C 51 33.82 5.38 -23.32
CA ARG C 51 32.71 5.31 -24.26
C ARG C 51 32.90 4.20 -25.30
N LEU C 52 34.07 3.57 -25.33
CA LEU C 52 34.40 2.61 -26.37
C LEU C 52 34.51 1.21 -25.77
N ARG C 53 33.84 0.26 -26.41
CA ARG C 53 33.97 -1.14 -26.07
C ARG C 53 35.39 -1.63 -26.34
N PRO C 54 35.91 -2.55 -25.53
CA PRO C 54 37.16 -3.24 -25.87
C PRO C 54 37.04 -3.98 -27.20
N ASP C 55 38.03 -3.77 -28.06
CA ASP C 55 38.01 -4.16 -29.47
C ASP C 55 36.78 -3.60 -30.17
N PHE C 56 36.76 -2.26 -30.25
CA PHE C 56 35.56 -1.54 -30.67
C PHE C 56 35.23 -1.78 -32.14
N GLY C 57 36.23 -1.99 -32.98
CA GLY C 57 35.97 -2.31 -34.37
C GLY C 57 36.22 -3.76 -34.69
N GLY C 58 36.71 -4.52 -33.72
CA GLY C 58 37.17 -5.87 -33.96
C GLY C 58 36.23 -6.95 -33.45
N PRO C 59 36.81 -7.98 -32.84
CA PRO C 59 36.01 -9.13 -32.39
C PRO C 59 35.13 -8.77 -31.19
N PRO C 60 34.05 -9.51 -30.96
CA PRO C 60 33.21 -9.21 -29.80
C PRO C 60 33.87 -9.62 -28.50
N VAL C 61 33.62 -8.84 -27.47
CA VAL C 61 34.17 -9.10 -26.14
C VAL C 61 33.36 -10.19 -25.46
N CYS C 62 34.05 -11.13 -24.82
CA CYS C 62 33.41 -12.26 -24.16
C CYS C 62 33.29 -11.97 -22.68
N VAL C 63 32.06 -11.82 -22.21
CA VAL C 63 31.78 -11.55 -20.80
C VAL C 63 31.27 -12.83 -20.16
N GLY C 64 31.94 -13.28 -19.10
CA GLY C 64 31.55 -14.47 -18.36
C GLY C 64 30.99 -14.08 -17.01
N MET C 65 29.81 -14.61 -16.71
CA MET C 65 29.07 -14.21 -15.52
C MET C 65 29.13 -15.30 -14.46
N ASN C 66 28.76 -14.90 -13.24
CA ASN C 66 28.88 -15.76 -12.07
C ASN C 66 27.96 -15.19 -11.00
N ILE C 67 27.02 -15.98 -10.51
CA ILE C 67 26.01 -15.53 -9.56
C ILE C 67 26.17 -16.32 -8.28
N ASP C 68 26.26 -15.61 -7.15
CA ASP C 68 26.23 -16.22 -5.82
C ASP C 68 24.99 -15.69 -5.12
N ILE C 69 23.97 -16.52 -5.01
CA ILE C 69 22.68 -16.09 -4.48
C ILE C 69 22.76 -16.06 -2.96
N ALA C 70 22.47 -14.89 -2.37
CA ALA C 70 22.39 -14.80 -0.92
C ALA C 70 21.11 -15.44 -0.39
N SER C 71 19.95 -14.90 -0.80
CA SER C 71 18.68 -15.42 -0.35
C SER C 71 17.59 -14.98 -1.30
N ILE C 72 16.52 -15.76 -1.35
CA ILE C 72 15.26 -15.36 -1.99
C ILE C 72 14.31 -14.93 -0.88
N ASP C 73 13.96 -13.65 -0.87
CA ASP C 73 13.30 -13.05 0.29
C ASP C 73 11.83 -13.46 0.38
N MET C 74 11.04 -13.06 -0.60
CA MET C 74 9.61 -13.36 -0.58
C MET C 74 9.16 -13.70 -1.99
N VAL C 75 8.24 -14.65 -2.10
CA VAL C 75 7.65 -15.06 -3.37
C VAL C 75 6.17 -14.76 -3.26
N SER C 76 5.75 -13.62 -3.80
CA SER C 76 4.39 -13.12 -3.61
C SER C 76 3.51 -13.56 -4.77
N GLU C 77 2.43 -14.27 -4.46
CA GLU C 77 1.45 -14.62 -5.47
C GLU C 77 0.53 -13.46 -5.82
N VAL C 78 0.43 -12.46 -4.94
CA VAL C 78 -0.45 -11.32 -5.20
C VAL C 78 0.15 -10.41 -6.26
N ASN C 79 1.44 -10.10 -6.12
CA ASN C 79 2.12 -9.22 -7.06
C ASN C 79 2.79 -9.98 -8.19
N MET C 80 2.78 -11.32 -8.15
CA MET C 80 3.37 -12.21 -9.16
C MET C 80 4.87 -11.93 -9.34
N ASP C 81 5.61 -11.92 -8.24
CA ASP C 81 7.02 -11.58 -8.29
C ASP C 81 7.78 -12.33 -7.21
N TYR C 82 9.11 -12.21 -7.25
CA TYR C 82 9.98 -12.73 -6.21
C TYR C 82 11.15 -11.78 -6.03
N THR C 83 11.62 -11.67 -4.79
CA THR C 83 12.73 -10.80 -4.45
C THR C 83 14.00 -11.63 -4.31
N LEU C 84 15.04 -11.25 -5.07
CA LEU C 84 16.26 -12.05 -5.19
C LEU C 84 17.46 -11.18 -4.84
N THR C 85 18.23 -11.63 -3.86
CA THR C 85 19.47 -10.95 -3.45
C THR C 85 20.64 -11.84 -3.81
N MET C 86 21.58 -11.31 -4.57
CA MET C 86 22.65 -12.15 -5.12
C MET C 86 23.93 -11.34 -5.29
N TYR C 87 25.04 -12.06 -5.39
CA TYR C 87 26.35 -11.50 -5.69
C TYR C 87 26.61 -11.73 -7.18
N PHE C 88 26.49 -10.68 -7.97
CA PHE C 88 26.51 -10.79 -9.43
C PHE C 88 27.86 -10.31 -9.96
N GLN C 89 28.66 -11.25 -10.47
CA GLN C 89 30.03 -11.00 -10.89
C GLN C 89 30.18 -11.21 -12.39
N GLN C 90 31.12 -10.48 -12.98
CA GLN C 90 31.36 -10.52 -14.42
C GLN C 90 32.86 -10.51 -14.68
N TYR C 91 33.34 -11.42 -15.52
CA TYR C 91 34.72 -11.40 -16.01
C TYR C 91 34.72 -11.03 -17.48
N TRP C 92 35.58 -10.09 -17.87
CA TRP C 92 35.91 -9.88 -19.27
C TRP C 92 37.36 -9.47 -19.36
N ARG C 93 37.89 -9.46 -20.57
CA ARG C 93 39.29 -9.09 -20.81
C ARG C 93 39.34 -7.78 -21.57
N ASP C 94 39.98 -6.79 -20.96
CA ASP C 94 40.16 -5.47 -21.57
C ASP C 94 41.66 -5.26 -21.73
N LYS C 95 42.13 -5.20 -22.98
CA LYS C 95 43.55 -5.10 -23.25
C LYS C 95 44.13 -3.73 -22.90
N ARG C 96 43.28 -2.71 -22.76
CA ARG C 96 43.77 -1.40 -22.36
C ARG C 96 44.16 -1.38 -20.89
N LEU C 97 43.51 -2.19 -20.07
CA LEU C 97 43.80 -2.27 -18.64
C LEU C 97 44.80 -3.38 -18.34
N ALA C 98 45.93 -3.39 -19.04
CA ALA C 98 46.90 -4.47 -18.95
C ALA C 98 48.21 -3.90 -18.41
N TYR C 99 48.38 -3.92 -17.10
CA TYR C 99 49.63 -3.52 -16.49
C TYR C 99 50.62 -4.67 -16.51
N SER C 100 51.90 -4.32 -16.40
CA SER C 100 52.97 -5.29 -16.65
C SER C 100 53.83 -5.57 -15.43
N GLY C 101 54.34 -4.53 -14.76
CA GLY C 101 55.38 -4.72 -13.78
C GLY C 101 54.94 -5.28 -12.44
N ILE C 102 53.67 -5.12 -12.10
CA ILE C 102 53.17 -5.47 -10.77
C ILE C 102 52.73 -6.93 -10.79
N PRO C 103 53.30 -7.80 -9.94
CA PRO C 103 52.86 -9.19 -9.87
C PRO C 103 51.72 -9.42 -8.88
N LEU C 104 50.66 -8.61 -8.99
CA LEU C 104 49.55 -8.67 -8.07
C LEU C 104 48.24 -8.62 -8.83
N ASN C 105 47.15 -8.89 -8.11
CA ASN C 105 45.79 -8.64 -8.58
C ASN C 105 45.32 -7.39 -7.86
N LEU C 106 45.38 -6.25 -8.54
CA LEU C 106 45.12 -4.95 -7.92
C LEU C 106 43.63 -4.78 -7.69
N THR C 107 43.19 -5.04 -6.46
CA THR C 107 41.81 -4.76 -6.07
C THR C 107 41.71 -3.27 -5.81
N LEU C 108 41.13 -2.53 -6.75
CA LEU C 108 40.99 -1.10 -6.60
C LEU C 108 39.75 -0.76 -5.77
N ASP C 109 39.63 0.51 -5.43
CA ASP C 109 38.42 1.01 -4.79
C ASP C 109 37.29 1.02 -5.81
N ASN C 110 36.05 0.92 -5.31
CA ASN C 110 34.89 0.82 -6.19
C ASN C 110 34.56 2.11 -6.93
N ARG C 111 35.19 3.24 -6.59
CA ARG C 111 34.96 4.48 -7.30
C ARG C 111 35.60 4.49 -8.68
N VAL C 112 36.53 3.57 -8.96
CA VAL C 112 37.15 3.52 -10.29
C VAL C 112 36.23 2.86 -11.31
N ALA C 113 35.17 2.18 -10.85
CA ALA C 113 34.21 1.56 -11.77
C ALA C 113 33.37 2.59 -12.51
N ASP C 114 33.33 3.83 -12.04
CA ASP C 114 32.76 4.94 -12.80
C ASP C 114 33.73 5.47 -13.84
N GLN C 115 34.99 5.04 -13.81
CA GLN C 115 36.01 5.46 -14.76
C GLN C 115 36.44 4.33 -15.68
N LEU C 116 35.69 3.23 -15.73
CA LEU C 116 36.02 2.10 -16.58
C LEU C 116 34.81 1.74 -17.43
N TRP C 117 35.07 0.97 -18.48
CA TRP C 117 33.98 0.36 -19.23
C TRP C 117 33.47 -0.86 -18.50
N VAL C 118 32.17 -0.91 -18.24
CA VAL C 118 31.51 -2.10 -17.72
C VAL C 118 30.33 -2.41 -18.63
N PRO C 119 29.92 -3.67 -18.77
CA PRO C 119 28.82 -3.98 -19.68
C PRO C 119 27.48 -3.49 -19.15
N ASP C 120 26.60 -3.13 -20.08
CA ASP C 120 25.28 -2.61 -19.75
C ASP C 120 24.23 -3.71 -19.66
N THR C 121 24.52 -4.72 -18.84
CA THR C 121 23.64 -5.86 -18.70
C THR C 121 22.46 -5.49 -17.81
N TYR C 122 21.25 -5.84 -18.24
CA TYR C 122 20.06 -5.57 -17.48
C TYR C 122 19.34 -6.87 -17.17
N PHE C 123 18.17 -6.73 -16.54
CA PHE C 123 17.32 -7.87 -16.23
C PHE C 123 15.95 -7.59 -16.82
N LEU C 124 15.46 -8.50 -17.66
CA LEU C 124 14.21 -8.26 -18.35
C LEU C 124 13.01 -8.40 -17.43
N ASN C 125 13.11 -9.25 -16.40
CA ASN C 125 12.03 -9.45 -15.44
C ASN C 125 12.00 -8.39 -14.35
N ASP C 126 12.91 -7.42 -14.39
CA ASP C 126 13.12 -6.51 -13.27
C ASP C 126 11.96 -5.54 -13.15
N LYS C 127 11.33 -5.52 -11.98
CA LYS C 127 10.38 -4.47 -11.61
C LYS C 127 11.08 -3.36 -10.85
N LYS C 128 11.72 -3.72 -9.73
CA LYS C 128 12.38 -2.76 -8.86
C LYS C 128 13.66 -3.40 -8.34
N SER C 129 14.78 -2.69 -8.46
CA SER C 129 16.06 -3.24 -8.04
C SER C 129 16.96 -2.10 -7.61
N PHE C 130 17.94 -2.44 -6.78
CA PHE C 130 18.88 -1.46 -6.26
C PHE C 130 20.17 -2.16 -5.87
N VAL C 131 21.29 -1.51 -6.13
CA VAL C 131 22.58 -1.96 -5.61
C VAL C 131 22.71 -1.44 -4.17
N HIS C 132 23.11 -2.33 -3.27
CA HIS C 132 23.23 -1.97 -1.86
C HIS C 132 24.35 -0.95 -1.65
N GLY C 133 24.12 -0.01 -0.74
CA GLY C 133 25.03 1.10 -0.56
C GLY C 133 25.47 1.36 0.86
N VAL C 134 25.68 0.29 1.63
CA VAL C 134 26.17 0.38 3.00
C VAL C 134 27.36 -0.56 3.15
N THR C 135 28.52 -0.05 3.56
CA THR C 135 28.72 1.36 3.95
C THR C 135 29.13 2.22 2.78
N VAL C 136 29.58 1.58 1.70
CA VAL C 136 29.77 2.24 0.41
C VAL C 136 28.91 1.49 -0.60
N LYS C 137 28.90 1.96 -1.84
CA LYS C 137 28.19 1.24 -2.89
C LYS C 137 28.94 -0.04 -3.20
N ASN C 138 28.27 -1.17 -3.06
CA ASN C 138 28.95 -2.46 -3.04
C ASN C 138 29.30 -2.88 -4.46
N ARG C 139 30.49 -2.46 -4.89
CA ARG C 139 31.09 -2.87 -6.14
C ARG C 139 32.51 -3.33 -5.85
N MET C 140 33.12 -3.99 -6.82
CA MET C 140 34.54 -4.30 -6.72
C MET C 140 35.15 -4.26 -8.11
N ILE C 141 36.41 -3.83 -8.16
CA ILE C 141 37.20 -3.86 -9.37
C ILE C 141 38.51 -4.57 -9.01
N ARG C 142 38.73 -5.73 -9.60
CA ARG C 142 39.93 -6.51 -9.34
C ARG C 142 40.64 -6.68 -10.69
N LEU C 143 41.54 -5.74 -10.99
CA LEU C 143 42.29 -5.83 -12.23
C LEU C 143 43.32 -6.94 -12.16
N HIS C 144 43.45 -7.69 -13.23
CA HIS C 144 44.43 -8.74 -13.34
C HIS C 144 45.53 -8.33 -14.31
N PRO C 145 46.78 -8.82 -14.15
CA PRO C 145 47.89 -8.27 -14.95
C PRO C 145 47.92 -8.68 -16.42
N ASP C 146 46.89 -9.36 -16.91
CA ASP C 146 46.72 -9.59 -18.34
C ASP C 146 45.52 -8.84 -18.90
N GLY C 147 44.87 -8.01 -18.11
CA GLY C 147 43.73 -7.23 -18.56
C GLY C 147 42.38 -7.76 -18.14
N THR C 148 42.33 -8.88 -17.44
CA THR C 148 41.06 -9.45 -17.00
C THR C 148 40.48 -8.60 -15.87
N VAL C 149 39.19 -8.28 -15.96
CA VAL C 149 38.52 -7.40 -15.03
C VAL C 149 37.40 -8.17 -14.34
N LEU C 150 37.38 -8.14 -13.00
CA LEU C 150 36.27 -8.61 -12.21
C LEU C 150 35.45 -7.43 -11.72
N TYR C 151 34.13 -7.50 -11.91
CA TYR C 151 33.20 -6.43 -11.56
C TYR C 151 32.04 -7.05 -10.78
N GLY C 152 32.13 -7.04 -9.47
CA GLY C 152 31.11 -7.62 -8.63
C GLY C 152 30.04 -6.61 -8.24
N LEU C 153 28.84 -7.12 -8.02
CA LEU C 153 27.70 -6.31 -7.61
C LEU C 153 26.87 -7.09 -6.61
N ARG C 154 26.27 -6.38 -5.68
CA ARG C 154 25.37 -7.00 -4.69
C ARG C 154 23.99 -6.42 -4.97
N ILE C 155 23.21 -7.15 -5.79
CA ILE C 155 21.98 -6.65 -6.36
C ILE C 155 20.81 -7.32 -5.65
N THR C 156 19.83 -6.54 -5.23
CA THR C 156 18.56 -7.05 -4.73
C THR C 156 17.48 -6.65 -5.73
N THR C 157 17.03 -7.61 -6.52
CA THR C 157 16.07 -7.36 -7.59
C THR C 157 14.74 -8.03 -7.27
N THR C 158 13.66 -7.41 -7.74
CA THR C 158 12.31 -7.93 -7.57
C THR C 158 11.82 -8.34 -8.95
N ALA C 159 12.15 -9.56 -9.35
CA ALA C 159 11.84 -10.07 -10.67
C ALA C 159 10.45 -10.70 -10.69
N ALA C 160 9.81 -10.65 -11.85
CA ALA C 160 8.41 -11.04 -11.97
C ALA C 160 8.26 -12.50 -12.33
N CYS C 161 7.23 -13.14 -11.78
CA CYS C 161 6.81 -14.47 -12.16
C CYS C 161 5.53 -14.42 -12.98
N MET C 162 5.26 -15.52 -13.67
CA MET C 162 3.97 -15.77 -14.31
C MET C 162 3.49 -17.12 -13.79
N MET C 163 2.63 -17.10 -12.78
CA MET C 163 2.27 -18.29 -12.03
C MET C 163 1.02 -18.93 -12.62
N ASP C 164 1.08 -20.23 -12.85
CA ASP C 164 -0.07 -21.01 -13.30
C ASP C 164 -0.68 -21.64 -12.05
N LEU C 165 -1.63 -20.93 -11.44
CA LEU C 165 -2.22 -21.34 -10.18
C LEU C 165 -3.46 -22.21 -10.37
N ARG C 166 -3.55 -22.97 -11.46
CA ARG C 166 -4.66 -23.89 -11.64
C ARG C 166 -4.60 -25.06 -10.66
N ARG C 167 -3.40 -25.43 -10.22
CA ARG C 167 -3.19 -26.52 -9.29
C ARG C 167 -2.78 -26.03 -7.91
N TYR C 168 -3.13 -24.81 -7.57
CA TYR C 168 -2.80 -24.24 -6.27
C TYR C 168 -3.59 -24.91 -5.16
N PRO C 169 -2.96 -25.26 -4.03
CA PRO C 169 -1.56 -25.09 -3.62
C PRO C 169 -0.71 -26.33 -3.79
N LEU C 170 -1.03 -27.18 -4.76
CA LEU C 170 -0.32 -28.42 -5.02
C LEU C 170 0.48 -28.33 -6.31
N ASP C 171 1.09 -27.17 -6.55
CA ASP C 171 1.69 -26.83 -7.82
C ASP C 171 3.21 -26.72 -7.75
N GLU C 172 3.82 -26.75 -8.92
CA GLU C 172 5.22 -26.40 -9.11
C GLU C 172 5.29 -25.12 -9.94
N GLN C 173 6.22 -24.24 -9.59
CA GLN C 173 6.31 -22.93 -10.21
C GLN C 173 7.67 -22.74 -10.89
N ASN C 174 7.63 -22.17 -12.08
CA ASN C 174 8.82 -21.83 -12.85
C ASN C 174 8.96 -20.31 -12.84
N CYS C 175 10.04 -19.82 -12.21
CA CYS C 175 10.34 -18.40 -12.17
C CYS C 175 11.79 -18.20 -12.58
N THR C 176 11.99 -17.37 -13.59
CA THR C 176 13.28 -17.22 -14.25
C THR C 176 13.94 -15.89 -13.86
N LEU C 177 15.08 -15.63 -14.49
CA LEU C 177 15.80 -14.36 -14.35
C LEU C 177 16.57 -14.15 -15.65
N GLU C 178 16.07 -13.26 -16.50
CA GLU C 178 16.59 -13.11 -17.86
C GLU C 178 17.66 -12.02 -17.86
N ILE C 179 18.91 -12.42 -18.04
CA ILE C 179 20.05 -11.51 -18.08
C ILE C 179 20.38 -11.24 -19.54
N GLU C 180 20.58 -9.96 -19.89
CA GLU C 180 20.75 -9.60 -21.29
C GLU C 180 21.52 -8.29 -21.38
N SER C 181 22.38 -8.18 -22.39
CA SER C 181 22.99 -6.91 -22.74
C SER C 181 21.97 -6.00 -23.39
N TYR C 182 22.09 -4.70 -23.13
CA TYR C 182 21.09 -3.78 -23.67
C TYR C 182 21.52 -3.18 -25.00
N GLY C 183 22.66 -2.50 -25.03
CA GLY C 183 23.03 -1.72 -26.20
C GLY C 183 23.90 -2.44 -27.20
N TYR C 184 24.54 -3.53 -26.78
CA TYR C 184 25.49 -4.25 -27.62
C TYR C 184 24.87 -5.56 -28.08
N THR C 185 24.89 -5.78 -29.39
CA THR C 185 24.30 -6.97 -29.99
C THR C 185 25.25 -8.15 -29.83
N THR C 186 24.94 -9.27 -30.50
CA THR C 186 25.83 -10.42 -30.48
C THR C 186 27.05 -10.23 -31.38
N ASP C 187 27.09 -9.16 -32.16
CA ASP C 187 28.31 -8.80 -32.88
C ASP C 187 29.31 -8.08 -32.00
N ASP C 188 28.87 -7.55 -30.86
CA ASP C 188 29.72 -6.76 -29.98
C ASP C 188 30.03 -7.45 -28.66
N ILE C 189 29.13 -8.28 -28.14
CA ILE C 189 29.32 -8.87 -26.83
C ILE C 189 28.78 -10.30 -26.86
N GLU C 190 29.39 -11.17 -26.07
CA GLU C 190 28.97 -12.56 -25.93
C GLU C 190 28.96 -12.93 -24.47
N PHE C 191 27.96 -13.72 -24.07
CA PHE C 191 27.79 -14.13 -22.69
C PHE C 191 28.00 -15.63 -22.54
N TYR C 192 28.54 -16.02 -21.39
CA TYR C 192 28.66 -17.43 -21.06
C TYR C 192 28.67 -17.57 -19.55
N TRP C 193 28.27 -18.74 -19.08
CA TRP C 193 28.30 -19.06 -17.66
C TRP C 193 29.65 -19.70 -17.35
N ARG C 194 30.40 -19.10 -16.42
CA ARG C 194 31.70 -19.65 -16.05
C ARG C 194 31.52 -20.90 -15.21
N GLY C 195 31.98 -22.03 -15.72
CA GLY C 195 31.64 -23.29 -15.10
C GLY C 195 30.17 -23.57 -15.36
N GLY C 196 29.84 -23.89 -16.60
CA GLY C 196 28.49 -23.91 -17.15
C GLY C 196 27.38 -24.62 -16.39
N ASP C 197 27.73 -25.47 -15.44
CA ASP C 197 26.76 -26.03 -14.51
C ASP C 197 27.02 -25.66 -13.07
N LYS C 198 28.16 -25.03 -12.76
CA LYS C 198 28.47 -24.58 -11.41
C LYS C 198 28.64 -23.07 -11.34
N ALA C 199 28.02 -22.34 -12.27
CA ALA C 199 28.15 -20.89 -12.27
C ALA C 199 27.31 -20.25 -11.17
N VAL C 200 26.10 -20.75 -10.95
CA VAL C 200 25.21 -20.24 -9.91
C VAL C 200 25.34 -21.14 -8.70
N THR C 201 25.86 -20.60 -7.61
CA THR C 201 26.02 -21.33 -6.36
C THR C 201 25.08 -20.77 -5.30
N GLY C 202 25.00 -21.48 -4.18
CA GLY C 202 24.16 -21.05 -3.09
C GLY C 202 22.69 -21.31 -3.27
N VAL C 203 22.30 -22.16 -4.23
CA VAL C 203 20.89 -22.47 -4.43
C VAL C 203 20.41 -23.45 -3.36
N GLU C 204 21.26 -24.41 -2.98
CA GLU C 204 20.87 -25.42 -2.00
C GLU C 204 20.75 -24.86 -0.59
N ARG C 205 21.37 -23.72 -0.31
CA ARG C 205 21.31 -23.11 1.01
C ARG C 205 20.15 -22.14 1.16
N ILE C 206 19.33 -21.96 0.12
CA ILE C 206 18.17 -21.06 0.21
C ILE C 206 17.09 -21.75 1.02
N GLU C 207 16.64 -21.10 2.09
CA GLU C 207 15.60 -21.62 2.95
C GLU C 207 14.35 -20.77 2.74
N LEU C 208 13.45 -21.26 1.88
CA LEU C 208 12.16 -20.61 1.72
C LEU C 208 11.16 -21.17 2.74
N PRO C 209 10.36 -20.30 3.36
CA PRO C 209 9.44 -20.79 4.41
C PRO C 209 8.26 -21.56 3.85
N GLN C 210 7.91 -21.38 2.59
CA GLN C 210 6.73 -22.03 2.02
C GLN C 210 7.05 -22.95 0.86
N PHE C 211 7.96 -22.56 -0.02
CA PHE C 211 8.29 -23.33 -1.20
C PHE C 211 9.42 -24.32 -0.90
N SER C 212 9.93 -24.96 -1.96
CA SER C 212 11.05 -25.89 -1.85
C SER C 212 11.70 -25.95 -3.22
N ILE C 213 12.94 -25.50 -3.32
CA ILE C 213 13.61 -25.43 -4.62
C ILE C 213 14.02 -26.82 -5.06
N VAL C 214 13.47 -27.27 -6.18
CA VAL C 214 13.79 -28.60 -6.69
C VAL C 214 15.07 -28.58 -7.51
N GLU C 215 15.11 -27.76 -8.56
CA GLU C 215 16.27 -27.71 -9.43
C GLU C 215 16.40 -26.33 -10.04
N HIS C 216 17.52 -26.11 -10.72
CA HIS C 216 17.77 -24.87 -11.44
C HIS C 216 18.51 -25.19 -12.72
N ARG C 217 18.30 -24.36 -13.74
CA ARG C 217 18.89 -24.58 -15.05
C ARG C 217 19.60 -23.32 -15.52
N LEU C 218 20.55 -23.50 -16.42
CA LEU C 218 21.35 -22.41 -16.98
C LEU C 218 21.28 -22.51 -18.49
N VAL C 219 20.67 -21.51 -19.13
CA VAL C 219 20.43 -21.51 -20.57
C VAL C 219 21.14 -20.30 -21.18
N SER C 220 21.89 -20.54 -22.24
CA SER C 220 22.56 -19.49 -23.00
C SER C 220 21.98 -19.49 -24.42
N ARG C 221 21.40 -18.37 -24.83
CA ARG C 221 20.74 -18.29 -26.12
C ARG C 221 20.76 -16.85 -26.61
N ASN C 222 20.13 -16.62 -27.75
CA ASN C 222 20.09 -15.30 -28.39
C ASN C 222 18.67 -14.94 -28.73
N VAL C 223 18.27 -13.71 -28.41
CA VAL C 223 16.97 -13.19 -28.78
C VAL C 223 17.15 -12.15 -29.87
N VAL C 224 16.11 -11.99 -30.70
CA VAL C 224 16.15 -11.09 -31.84
C VAL C 224 15.04 -10.07 -31.68
N PHE C 225 15.41 -8.81 -31.50
CA PHE C 225 14.47 -7.70 -31.50
C PHE C 225 14.56 -6.99 -32.84
N ALA C 226 13.90 -5.84 -32.96
CA ALA C 226 13.95 -5.05 -34.18
C ALA C 226 15.27 -4.30 -34.37
N THR C 227 16.14 -4.29 -33.36
CA THR C 227 17.40 -3.57 -33.43
C THR C 227 18.62 -4.47 -33.54
N GLY C 228 18.46 -5.78 -33.46
CA GLY C 228 19.57 -6.69 -33.60
C GLY C 228 19.36 -7.94 -32.78
N ALA C 229 20.36 -8.81 -32.81
CA ALA C 229 20.35 -10.06 -32.08
C ALA C 229 21.18 -9.90 -30.81
N TYR C 230 20.54 -10.03 -29.66
CA TYR C 230 21.22 -9.79 -28.40
C TYR C 230 21.46 -11.09 -27.66
N PRO C 231 22.60 -11.23 -26.98
CA PRO C 231 22.83 -12.43 -26.16
C PRO C 231 22.02 -12.39 -24.88
N ARG C 232 21.48 -13.54 -24.49
CA ARG C 232 20.64 -13.61 -23.32
C ARG C 232 20.92 -14.87 -22.53
N LEU C 233 21.23 -14.70 -21.25
CA LEU C 233 21.32 -15.78 -20.28
C LEU C 233 20.03 -15.84 -19.47
N SER C 234 19.80 -16.97 -18.82
CA SER C 234 18.57 -17.13 -18.04
C SER C 234 18.80 -18.16 -16.95
N LEU C 235 18.84 -17.69 -15.70
CA LEU C 235 18.76 -18.57 -14.53
C LEU C 235 17.28 -18.83 -14.23
N SER C 236 16.92 -20.10 -14.14
CA SER C 236 15.54 -20.50 -13.87
C SER C 236 15.47 -21.34 -12.62
N PHE C 237 14.28 -21.48 -12.06
CA PHE C 237 14.06 -22.26 -10.86
C PHE C 237 12.78 -23.09 -11.02
N ARG C 238 12.69 -24.14 -10.21
CA ARG C 238 11.47 -24.94 -10.12
C ARG C 238 11.02 -24.94 -8.66
N LEU C 239 10.07 -24.08 -8.35
CA LEU C 239 9.60 -23.89 -6.98
C LEU C 239 8.42 -24.83 -6.74
N LYS C 240 8.65 -25.87 -5.95
CA LYS C 240 7.56 -26.76 -5.54
C LYS C 240 7.01 -26.28 -4.21
N ARG C 241 5.69 -26.12 -4.14
CA ARG C 241 5.05 -25.58 -2.97
C ARG C 241 4.79 -26.68 -1.95
N ASN C 242 5.05 -26.38 -0.68
CA ASN C 242 4.78 -27.31 0.40
C ASN C 242 3.39 -27.05 0.97
N ILE C 243 2.73 -28.12 1.42
CA ILE C 243 1.35 -28.05 1.86
C ILE C 243 1.22 -28.31 3.36
N GLY C 244 2.30 -28.14 4.12
CA GLY C 244 2.19 -28.24 5.57
C GLY C 244 1.38 -27.12 6.17
N TYR C 245 1.33 -25.96 5.51
CA TYR C 245 0.50 -24.86 5.96
C TYR C 245 -0.97 -25.10 5.62
N PHE C 246 -1.25 -25.53 4.39
CA PHE C 246 -2.62 -25.50 3.88
C PHE C 246 -3.49 -26.61 4.47
N ILE C 247 -2.88 -27.68 4.99
CA ILE C 247 -3.65 -28.68 5.71
C ILE C 247 -4.25 -28.10 6.98
N LEU C 248 -3.39 -27.52 7.83
CA LEU C 248 -3.84 -26.95 9.09
C LEU C 248 -4.67 -25.68 8.91
N GLN C 249 -4.61 -25.04 7.74
CA GLN C 249 -5.30 -23.79 7.51
C GLN C 249 -6.64 -23.98 6.82
N THR C 250 -6.70 -24.77 5.75
CA THR C 250 -7.92 -24.90 4.97
C THR C 250 -8.46 -26.32 4.90
N TYR C 251 -7.61 -27.33 4.71
CA TYR C 251 -8.11 -28.68 4.44
C TYR C 251 -8.66 -29.35 5.69
N MET C 252 -7.84 -29.46 6.74
CA MET C 252 -8.27 -30.14 7.95
C MET C 252 -9.44 -29.47 8.70
N PRO C 253 -9.61 -28.14 8.74
CA PRO C 253 -10.90 -27.64 9.23
C PRO C 253 -12.07 -27.97 8.33
N SER C 254 -11.90 -27.89 7.00
CA SER C 254 -13.00 -28.19 6.09
C SER C 254 -13.39 -29.67 6.08
N ILE C 255 -12.51 -30.55 6.56
CA ILE C 255 -12.90 -31.95 6.75
C ILE C 255 -13.79 -32.08 7.98
N LEU C 256 -13.37 -31.49 9.11
CA LEU C 256 -14.06 -31.67 10.37
C LEU C 256 -15.41 -30.97 10.41
N ILE C 257 -15.51 -29.83 9.74
CA ILE C 257 -16.78 -29.10 9.69
C ILE C 257 -17.77 -29.81 8.79
N THR C 258 -17.28 -30.51 7.75
CA THR C 258 -18.16 -31.31 6.90
C THR C 258 -18.67 -32.54 7.64
N ILE C 259 -17.83 -33.15 8.47
CA ILE C 259 -18.25 -34.29 9.29
C ILE C 259 -19.27 -33.85 10.33
N LEU C 260 -19.15 -32.64 10.86
CA LEU C 260 -20.14 -32.16 11.81
C LEU C 260 -21.46 -31.78 11.16
N SER C 261 -21.52 -31.67 9.84
CA SER C 261 -22.80 -31.57 9.15
C SER C 261 -23.52 -32.90 9.10
N TRP C 262 -22.81 -34.00 9.35
CA TRP C 262 -23.38 -35.34 9.32
C TRP C 262 -23.96 -35.76 10.67
N VAL C 263 -23.91 -34.87 11.68
CA VAL C 263 -24.49 -35.21 12.97
C VAL C 263 -26.02 -35.21 12.88
N SER C 264 -26.58 -34.47 11.91
CA SER C 264 -28.03 -34.42 11.70
C SER C 264 -28.61 -35.67 11.09
N PHE C 265 -27.91 -36.80 10.98
CA PHE C 265 -28.52 -38.04 10.55
C PHE C 265 -28.77 -39.00 11.70
N TRP C 266 -28.01 -38.87 12.79
CA TRP C 266 -28.24 -39.61 14.01
C TRP C 266 -29.15 -38.86 14.98
N ILE C 267 -29.69 -37.72 14.57
CA ILE C 267 -30.63 -36.94 15.37
C ILE C 267 -32.04 -37.22 14.84
N ASN C 268 -33.00 -37.35 15.77
CA ASN C 268 -34.38 -37.64 15.43
C ASN C 268 -34.98 -36.55 14.55
N TYR C 269 -35.87 -36.96 13.64
CA TYR C 269 -36.45 -36.05 12.67
C TYR C 269 -37.46 -35.09 13.28
N ASP C 270 -37.95 -35.39 14.48
CA ASP C 270 -38.88 -34.49 15.16
C ASP C 270 -38.18 -33.22 15.62
N ALA C 271 -36.88 -33.28 15.87
CA ALA C 271 -36.11 -32.11 16.28
C ALA C 271 -35.89 -31.18 15.09
N SER C 272 -36.84 -30.26 14.87
CA SER C 272 -36.74 -29.37 13.72
C SER C 272 -35.67 -28.31 13.93
N ALA C 273 -35.56 -27.77 15.14
CA ALA C 273 -34.61 -26.70 15.39
C ALA C 273 -33.19 -27.20 15.64
N ALA C 274 -32.96 -28.52 15.61
CA ALA C 274 -31.62 -29.07 15.80
C ALA C 274 -30.96 -29.51 14.51
N ARG C 275 -31.70 -30.20 13.63
CA ARG C 275 -31.14 -30.61 12.35
C ARG C 275 -31.01 -29.45 11.38
N VAL C 276 -31.82 -28.40 11.56
CA VAL C 276 -31.65 -27.18 10.78
C VAL C 276 -30.44 -26.38 11.28
N ALA C 277 -30.28 -26.27 12.60
CA ALA C 277 -29.19 -25.46 13.17
C ALA C 277 -27.82 -26.04 12.90
N LEU C 278 -27.71 -27.35 12.64
CA LEU C 278 -26.47 -27.91 12.13
C LEU C 278 -26.18 -27.41 10.72
N GLY C 279 -27.11 -27.64 9.80
CA GLY C 279 -26.86 -27.33 8.40
C GLY C 279 -26.82 -25.84 8.09
N ILE C 280 -27.50 -25.03 8.90
CA ILE C 280 -27.46 -23.58 8.70
C ILE C 280 -26.16 -23.00 9.20
N THR C 281 -25.68 -23.44 10.37
CA THR C 281 -24.43 -22.92 10.87
C THR C 281 -23.24 -23.50 10.10
N THR C 282 -23.41 -24.66 9.46
CA THR C 282 -22.30 -25.26 8.73
C THR C 282 -22.11 -24.59 7.37
N VAL C 283 -23.17 -24.09 6.73
CA VAL C 283 -22.97 -23.30 5.52
C VAL C 283 -22.46 -21.91 5.82
N LEU C 284 -22.57 -21.45 7.07
CA LEU C 284 -21.86 -20.24 7.48
C LEU C 284 -20.37 -20.49 7.55
N THR C 285 -19.99 -21.61 8.16
CA THR C 285 -18.57 -21.85 8.42
C THR C 285 -17.85 -22.26 7.14
N MET C 286 -18.54 -22.89 6.21
CA MET C 286 -17.98 -23.13 4.89
C MET C 286 -17.99 -21.89 4.01
N THR C 287 -18.68 -20.84 4.41
CA THR C 287 -18.58 -19.56 3.73
C THR C 287 -17.43 -18.72 4.26
N THR C 288 -17.28 -18.66 5.59
CA THR C 288 -16.24 -17.84 6.21
C THR C 288 -14.83 -18.38 5.95
N ILE C 289 -14.69 -19.66 5.64
CA ILE C 289 -13.40 -20.17 5.18
C ILE C 289 -13.11 -19.64 3.78
N ASN C 290 -14.13 -19.56 2.93
CA ASN C 290 -13.93 -19.08 1.57
C ASN C 290 -13.68 -17.57 1.53
N THR C 291 -14.27 -16.82 2.45
CA THR C 291 -14.10 -15.37 2.45
C THR C 291 -12.77 -14.92 3.04
N HIS C 292 -12.06 -15.79 3.75
CA HIS C 292 -10.74 -15.42 4.23
C HIS C 292 -9.65 -15.70 3.20
N LEU C 293 -9.79 -16.80 2.45
CA LEU C 293 -8.77 -17.21 1.50
C LEU C 293 -8.67 -16.29 0.30
N ARG C 294 -9.75 -15.56 -0.02
CA ARG C 294 -9.74 -14.65 -1.16
C ARG C 294 -8.88 -13.41 -0.93
N GLU C 295 -8.51 -13.11 0.32
CA GLU C 295 -7.78 -11.88 0.61
C GLU C 295 -6.30 -12.00 0.30
N THR C 296 -5.74 -13.22 0.38
CA THR C 296 -4.31 -13.43 0.21
C THR C 296 -3.94 -13.85 -1.21
N LEU C 297 -4.89 -13.80 -2.15
CA LEU C 297 -4.73 -14.31 -3.49
C LEU C 297 -5.23 -13.29 -4.49
N PRO C 298 -4.63 -13.22 -5.69
CA PRO C 298 -5.01 -12.18 -6.65
C PRO C 298 -6.33 -12.49 -7.34
N LYS C 299 -6.72 -11.58 -8.23
CA LYS C 299 -7.98 -11.69 -8.97
C LYS C 299 -7.81 -12.76 -10.05
N ILE C 300 -7.98 -14.01 -9.63
CA ILE C 300 -7.71 -15.16 -10.49
C ILE C 300 -9.00 -15.53 -11.20
N PRO C 301 -9.02 -15.56 -12.54
CA PRO C 301 -10.26 -15.75 -13.30
C PRO C 301 -10.69 -17.19 -13.49
N TYR C 302 -10.11 -18.15 -12.76
CA TYR C 302 -10.42 -19.55 -12.95
C TYR C 302 -10.49 -20.25 -11.61
N VAL C 303 -10.97 -21.49 -11.63
CA VAL C 303 -11.11 -22.28 -10.42
C VAL C 303 -9.75 -22.89 -10.09
N LYS C 304 -9.26 -22.60 -8.90
CA LYS C 304 -8.03 -23.22 -8.43
C LYS C 304 -8.32 -24.62 -7.88
N ALA C 305 -7.25 -25.34 -7.55
CA ALA C 305 -7.43 -26.66 -6.96
C ALA C 305 -7.85 -26.59 -5.49
N ILE C 306 -7.74 -25.43 -4.85
CA ILE C 306 -8.31 -25.27 -3.52
C ILE C 306 -9.75 -24.76 -3.62
N ASP C 307 -10.13 -24.13 -4.73
CA ASP C 307 -11.52 -23.81 -4.99
C ASP C 307 -12.29 -24.98 -5.59
N MET C 308 -11.59 -26.02 -6.06
CA MET C 308 -12.24 -27.27 -6.39
C MET C 308 -12.57 -28.09 -5.15
N TYR C 309 -12.04 -27.72 -3.99
CA TYR C 309 -12.23 -28.47 -2.76
C TYR C 309 -13.16 -27.78 -1.77
N LEU C 310 -13.04 -26.45 -1.64
CA LEU C 310 -13.95 -25.73 -0.74
C LEU C 310 -15.35 -25.65 -1.34
N MET C 311 -15.44 -25.50 -2.66
CA MET C 311 -16.74 -25.59 -3.31
C MET C 311 -17.24 -27.03 -3.34
N GLY C 312 -16.33 -27.99 -3.35
CA GLY C 312 -16.74 -29.39 -3.31
C GLY C 312 -17.27 -29.79 -1.96
N CYS C 313 -16.59 -29.40 -0.88
CA CYS C 313 -17.06 -29.68 0.47
C CYS C 313 -18.28 -28.85 0.84
N PHE C 314 -18.52 -27.74 0.13
CA PHE C 314 -19.74 -26.97 0.35
C PHE C 314 -20.98 -27.73 -0.11
N VAL C 315 -20.83 -28.55 -1.16
CA VAL C 315 -21.98 -29.29 -1.69
C VAL C 315 -22.40 -30.40 -0.73
N PHE C 316 -21.44 -31.08 -0.12
CA PHE C 316 -21.75 -32.11 0.89
C PHE C 316 -22.40 -31.50 2.12
N VAL C 317 -22.09 -30.24 2.43
CA VAL C 317 -22.81 -29.54 3.47
C VAL C 317 -24.18 -29.10 2.98
N PHE C 318 -24.26 -28.62 1.75
CA PHE C 318 -25.53 -28.15 1.19
C PHE C 318 -26.50 -29.29 0.91
N LEU C 319 -25.98 -30.48 0.57
CA LEU C 319 -26.85 -31.63 0.39
C LEU C 319 -27.23 -32.29 1.71
N ALA C 320 -26.46 -32.07 2.78
CA ALA C 320 -26.85 -32.56 4.08
C ALA C 320 -27.96 -31.71 4.70
N LEU C 321 -28.19 -30.51 4.19
CA LEU C 321 -29.29 -29.67 4.63
C LEU C 321 -30.52 -29.79 3.71
N LEU C 322 -30.32 -30.09 2.43
CA LEU C 322 -31.43 -30.50 1.59
C LEU C 322 -31.97 -31.86 1.98
N GLU C 323 -31.15 -32.68 2.65
CA GLU C 323 -31.62 -33.99 3.08
C GLU C 323 -32.69 -33.88 4.16
N TYR C 324 -32.52 -32.96 5.11
CA TYR C 324 -33.53 -32.80 6.14
C TYR C 324 -34.81 -32.21 5.58
N ALA C 325 -34.70 -31.24 4.66
CA ALA C 325 -35.88 -30.68 4.02
C ALA C 325 -36.58 -31.68 3.12
N PHE C 326 -35.89 -32.74 2.70
CA PHE C 326 -36.53 -33.85 2.03
C PHE C 326 -37.16 -34.81 3.03
N VAL C 327 -36.59 -34.90 4.23
CA VAL C 327 -37.23 -35.67 5.31
C VAL C 327 -38.42 -34.91 5.87
N ASN C 328 -38.27 -33.59 6.07
CA ASN C 328 -39.32 -32.78 6.66
C ASN C 328 -40.46 -32.51 5.68
N TYR C 329 -40.30 -32.87 4.41
CA TYR C 329 -41.38 -32.79 3.43
C TYR C 329 -42.18 -34.07 3.34
N ILE C 330 -41.54 -35.23 3.51
CA ILE C 330 -42.26 -36.49 3.36
C ILE C 330 -43.12 -36.76 4.58
N PHE C 331 -42.62 -36.46 5.78
CA PHE C 331 -43.37 -36.76 6.99
C PHE C 331 -44.52 -35.78 7.22
N PHE C 332 -44.52 -34.62 6.55
CA PHE C 332 -45.56 -33.62 6.79
C PHE C 332 -46.32 -33.19 5.54
N GLY C 333 -45.68 -33.16 4.38
CA GLY C 333 -46.38 -32.78 3.16
C GLY C 333 -46.98 -33.98 2.46
N ARG C 334 -46.17 -35.02 2.26
CA ARG C 334 -46.69 -36.27 1.70
C ARG C 334 -47.19 -37.22 2.78
N GLY C 335 -47.28 -36.75 4.02
CA GLY C 335 -47.79 -37.53 5.12
C GLY C 335 -49.28 -37.78 5.04
N PRO C 336 -50.10 -36.73 5.20
CA PRO C 336 -51.56 -36.92 5.12
C PRO C 336 -52.06 -37.27 3.73
N GLN C 337 -51.31 -36.97 2.67
CA GLN C 337 -51.72 -37.31 1.32
C GLN C 337 -51.55 -38.81 1.06
N PRO C 440 -31.85 -46.51 -3.32
CA PRO C 440 -32.41 -45.75 -2.19
C PRO C 440 -33.86 -46.11 -1.93
N ASP C 441 -34.34 -45.86 -0.71
CA ASP C 441 -35.71 -46.12 -0.33
C ASP C 441 -36.42 -44.81 -0.07
N LEU C 442 -37.66 -44.70 -0.53
CA LEU C 442 -38.47 -43.50 -0.39
C LEU C 442 -39.78 -43.85 0.31
N THR C 443 -40.60 -42.82 0.52
CA THR C 443 -41.87 -42.87 1.27
C THR C 443 -41.69 -43.51 2.66
N ASP C 444 -40.57 -43.18 3.30
CA ASP C 444 -40.24 -43.70 4.61
C ASP C 444 -39.25 -42.74 5.24
N VAL C 445 -39.46 -42.42 6.51
CA VAL C 445 -38.67 -41.35 7.13
C VAL C 445 -37.37 -41.89 7.69
N ASN C 446 -37.43 -43.01 8.42
CA ASN C 446 -36.22 -43.56 9.02
C ASN C 446 -35.34 -44.25 7.99
N ALA C 447 -35.90 -44.63 6.83
CA ALA C 447 -35.10 -45.31 5.81
C ALA C 447 -34.14 -44.36 5.11
N ILE C 448 -34.52 -43.09 4.96
CA ILE C 448 -33.66 -42.12 4.30
C ILE C 448 -32.48 -41.77 5.20
N ASP C 449 -32.71 -41.70 6.51
CA ASP C 449 -31.62 -41.45 7.45
C ASP C 449 -30.66 -42.62 7.53
N ARG C 450 -31.18 -43.86 7.58
CA ARG C 450 -30.32 -45.03 7.56
C ARG C 450 -29.61 -45.22 6.23
N TRP C 451 -30.13 -44.64 5.16
CA TRP C 451 -29.43 -44.61 3.89
C TRP C 451 -28.28 -43.60 3.91
N SER C 452 -28.55 -42.39 4.40
CA SER C 452 -27.58 -41.30 4.34
C SER C 452 -26.46 -41.43 5.36
N ARG C 453 -26.59 -42.29 6.36
CA ARG C 453 -25.50 -42.52 7.30
C ARG C 453 -24.36 -43.32 6.67
N ILE C 454 -24.63 -44.01 5.58
CA ILE C 454 -23.63 -44.81 4.89
C ILE C 454 -23.13 -44.12 3.63
N VAL C 455 -24.03 -43.44 2.91
CA VAL C 455 -23.69 -42.91 1.59
C VAL C 455 -22.78 -41.69 1.70
N PHE C 456 -23.12 -40.75 2.57
CA PHE C 456 -22.30 -39.54 2.71
C PHE C 456 -20.91 -39.76 3.32
N PRO C 457 -20.68 -40.71 4.25
CA PRO C 457 -19.30 -41.08 4.54
C PRO C 457 -18.62 -41.92 3.46
N PHE C 458 -19.36 -42.36 2.44
CA PHE C 458 -18.79 -43.07 1.30
C PHE C 458 -18.65 -42.19 0.08
N THR C 459 -19.56 -41.25 -0.14
CA THR C 459 -19.44 -40.35 -1.28
C THR C 459 -18.36 -39.30 -1.05
N PHE C 460 -18.28 -38.78 0.18
CA PHE C 460 -17.23 -37.81 0.51
C PHE C 460 -15.87 -38.48 0.60
N SER C 461 -15.82 -39.75 0.99
CA SER C 461 -14.54 -40.45 1.03
C SER C 461 -14.04 -40.79 -0.36
N LEU C 462 -14.95 -40.94 -1.33
CA LEU C 462 -14.54 -41.01 -2.72
C LEU C 462 -14.19 -39.65 -3.29
N PHE C 463 -14.69 -38.57 -2.69
CA PHE C 463 -14.34 -37.24 -3.17
C PHE C 463 -12.91 -36.89 -2.84
N ASN C 464 -12.43 -37.31 -1.67
CA ASN C 464 -11.02 -37.09 -1.34
C ASN C 464 -10.10 -37.99 -2.14
N LEU C 465 -10.57 -39.20 -2.50
CA LEU C 465 -9.73 -40.13 -3.24
C LEU C 465 -9.56 -39.71 -4.69
N VAL C 466 -10.60 -39.09 -5.28
CA VAL C 466 -10.45 -38.52 -6.61
C VAL C 466 -9.61 -37.26 -6.56
N TYR C 467 -9.77 -36.47 -5.50
CA TYR C 467 -9.06 -35.19 -5.39
C TYR C 467 -7.58 -35.39 -5.12
N TRP C 468 -7.24 -36.15 -4.07
CA TRP C 468 -5.85 -36.31 -3.67
C TRP C 468 -5.07 -37.30 -4.52
N LEU C 469 -5.64 -37.80 -5.61
CA LEU C 469 -4.88 -38.52 -6.62
C LEU C 469 -4.78 -37.78 -7.94
N TYR C 470 -5.71 -36.85 -8.23
CA TYR C 470 -5.63 -36.07 -9.45
C TYR C 470 -4.67 -34.89 -9.30
N TYR C 471 -4.53 -34.34 -8.09
CA TYR C 471 -3.68 -33.19 -7.86
C TYR C 471 -2.40 -33.52 -7.10
N VAL C 472 -2.12 -34.81 -6.87
CA VAL C 472 -0.87 -35.20 -6.25
C VAL C 472 -0.09 -36.11 -7.18
N VAL D 66 46.34 26.11 9.79
CA VAL D 66 46.63 24.68 9.76
C VAL D 66 45.81 24.01 8.67
N THR D 67 45.39 24.81 7.70
CA THR D 67 44.90 24.28 6.44
C THR D 67 46.03 23.60 5.66
N VAL D 68 47.26 24.07 5.88
CA VAL D 68 48.45 23.55 5.21
C VAL D 68 48.71 22.09 5.57
N ILE D 69 48.28 21.67 6.76
CA ILE D 69 48.43 20.28 7.17
C ILE D 69 47.54 19.37 6.32
N LEU D 70 46.32 19.81 6.03
CA LEU D 70 45.40 18.97 5.25
C LEU D 70 45.74 18.96 3.76
N ASN D 71 46.23 20.08 3.21
CA ASN D 71 46.54 20.12 1.78
C ASN D 71 47.77 19.29 1.45
N ASN D 72 48.78 19.31 2.33
CA ASN D 72 49.93 18.43 2.15
C ASN D 72 49.59 16.98 2.45
N LEU D 73 48.52 16.74 3.20
CA LEU D 73 48.13 15.38 3.54
C LEU D 73 47.48 14.69 2.35
N LEU D 74 46.87 15.46 1.44
CA LEU D 74 46.16 14.93 0.29
C LEU D 74 46.91 15.12 -1.02
N GLU D 75 47.98 15.92 -1.04
CA GLU D 75 48.75 16.13 -2.25
C GLU D 75 49.59 14.90 -2.52
N GLY D 76 49.31 14.21 -3.63
CA GLY D 76 49.96 12.95 -3.91
C GLY D 76 49.31 11.75 -3.24
N TYR D 77 48.07 11.89 -2.81
CA TYR D 77 47.35 10.82 -2.14
C TYR D 77 46.40 10.16 -3.14
N ASP D 78 46.49 8.85 -3.28
CA ASP D 78 45.65 8.09 -4.19
C ASP D 78 44.65 7.30 -3.35
N ASN D 79 43.39 7.75 -3.37
CA ASN D 79 42.35 7.10 -2.58
C ASN D 79 41.85 5.80 -3.20
N LYS D 80 42.26 5.48 -4.42
CA LYS D 80 41.89 4.21 -5.02
C LYS D 80 42.69 3.04 -4.46
N LEU D 81 43.82 3.32 -3.81
CA LEU D 81 44.73 2.28 -3.34
C LEU D 81 44.63 2.18 -1.83
N ARG D 82 44.53 0.96 -1.32
CA ARG D 82 44.56 0.77 0.12
C ARG D 82 45.99 0.98 0.63
N PRO D 83 46.16 1.27 1.92
CA PRO D 83 47.50 1.27 2.50
C PRO D 83 48.09 -0.12 2.48
N ASP D 84 49.42 -0.18 2.37
CA ASP D 84 50.20 -1.42 2.39
C ASP D 84 49.76 -2.38 1.30
N ILE D 85 49.61 -1.86 0.07
CA ILE D 85 48.99 -2.65 -1.00
C ILE D 85 49.93 -3.73 -1.51
N GLY D 86 51.23 -3.60 -1.28
CA GLY D 86 52.14 -4.68 -1.59
C GLY D 86 52.86 -5.19 -0.36
N VAL D 87 52.44 -4.74 0.82
CA VAL D 87 53.21 -4.98 2.03
C VAL D 87 52.48 -5.87 3.02
N LYS D 88 51.34 -5.41 3.54
CA LYS D 88 50.65 -6.09 4.63
C LYS D 88 49.15 -6.02 4.41
N PRO D 89 48.41 -6.98 4.97
CA PRO D 89 46.95 -6.79 5.10
C PRO D 89 46.66 -5.73 6.14
N THR D 90 45.74 -4.82 5.81
CA THR D 90 45.38 -3.76 6.76
C THR D 90 44.56 -4.34 7.89
N LEU D 91 44.95 -4.03 9.11
CA LEU D 91 44.22 -4.50 10.29
C LEU D 91 43.23 -3.42 10.70
N ILE D 92 41.94 -3.77 10.71
CA ILE D 92 40.87 -2.84 10.99
C ILE D 92 40.18 -3.29 12.27
N HIS D 93 40.21 -2.43 13.29
CA HIS D 93 39.61 -2.74 14.58
C HIS D 93 38.21 -2.14 14.60
N THR D 94 37.20 -2.98 14.37
CA THR D 94 35.83 -2.50 14.36
C THR D 94 35.32 -2.31 15.78
N ASP D 95 34.22 -1.55 15.88
CA ASP D 95 33.62 -1.21 17.16
C ASP D 95 32.18 -0.82 16.89
N MET D 96 31.25 -1.41 17.62
CA MET D 96 29.83 -1.26 17.33
C MET D 96 29.11 -0.83 18.60
N TYR D 97 28.25 0.17 18.47
CA TYR D 97 27.39 0.64 19.56
C TYR D 97 25.95 0.48 19.12
N VAL D 98 25.26 -0.52 19.65
CA VAL D 98 23.89 -0.80 19.26
C VAL D 98 22.99 0.24 19.90
N ASN D 99 22.41 1.13 19.08
CA ASN D 99 21.53 2.16 19.59
C ASN D 99 20.16 1.57 19.96
N SER D 100 19.60 0.77 19.06
CA SER D 100 18.33 0.11 19.30
C SER D 100 18.21 -1.10 18.39
N ILE D 101 17.35 -2.03 18.78
CA ILE D 101 16.96 -3.15 17.93
C ILE D 101 15.46 -3.05 17.71
N GLY D 102 15.05 -2.91 16.45
CA GLY D 102 13.66 -2.69 16.12
C GLY D 102 12.82 -3.94 16.17
N PRO D 103 11.66 -3.90 15.53
CA PRO D 103 10.74 -5.04 15.58
C PRO D 103 11.25 -6.20 14.75
N VAL D 104 11.37 -7.36 15.39
CA VAL D 104 11.74 -8.57 14.67
C VAL D 104 10.53 -9.02 13.89
N ASN D 105 10.50 -8.70 12.60
CA ASN D 105 9.35 -8.99 11.74
C ASN D 105 9.39 -10.48 11.39
N ALA D 106 8.52 -11.25 12.03
CA ALA D 106 8.53 -12.70 11.83
C ALA D 106 7.98 -13.11 10.47
N ILE D 107 7.22 -12.23 9.81
CA ILE D 107 6.67 -12.56 8.50
C ILE D 107 7.77 -12.57 7.46
N ASN D 108 8.57 -11.51 7.40
CA ASN D 108 9.66 -11.39 6.44
C ASN D 108 10.96 -11.96 6.96
N MET D 109 10.97 -12.47 8.20
CA MET D 109 12.17 -12.99 8.88
C MET D 109 13.29 -11.96 8.92
N GLU D 110 12.97 -10.78 9.42
CA GLU D 110 13.89 -9.66 9.50
C GLU D 110 13.98 -9.15 10.94
N TYR D 111 14.90 -8.22 11.15
CA TYR D 111 14.92 -7.41 12.35
C TYR D 111 15.67 -6.11 12.02
N THR D 112 15.17 -5.01 12.55
CA THR D 112 15.80 -3.71 12.33
C THR D 112 16.76 -3.42 13.46
N ILE D 113 17.95 -2.95 13.12
CA ILE D 113 18.97 -2.59 14.11
C ILE D 113 19.57 -1.25 13.74
N ASP D 114 19.73 -0.38 14.73
CA ASP D 114 20.34 0.94 14.58
C ASP D 114 21.64 0.94 15.34
N ILE D 115 22.76 1.19 14.66
CA ILE D 115 24.07 1.10 15.28
C ILE D 115 24.91 2.33 14.94
N PHE D 116 25.85 2.63 15.82
CA PHE D 116 26.99 3.49 15.52
C PHE D 116 28.17 2.57 15.27
N PHE D 117 28.76 2.65 14.08
CA PHE D 117 29.70 1.65 13.60
C PHE D 117 31.04 2.31 13.35
N ALA D 118 32.05 1.94 14.15
CA ALA D 118 33.36 2.58 14.12
C ALA D 118 34.40 1.64 13.55
N GLN D 119 35.40 2.22 12.89
CA GLN D 119 36.50 1.49 12.28
C GLN D 119 37.80 2.27 12.47
N THR D 120 38.83 1.62 12.98
CA THR D 120 40.14 2.23 13.12
C THR D 120 41.15 1.44 12.29
N TRP D 121 41.91 2.13 11.45
CA TRP D 121 42.98 1.51 10.69
C TRP D 121 44.16 2.48 10.63
N TYR D 122 45.33 1.93 10.32
CA TYR D 122 46.55 2.71 10.22
C TYR D 122 46.85 3.00 8.75
N ASP D 123 46.89 4.29 8.41
CA ASP D 123 47.23 4.76 7.07
C ASP D 123 48.51 5.56 7.20
N ARG D 124 49.60 5.01 6.67
CA ARG D 124 50.90 5.68 6.77
C ARG D 124 50.99 6.92 5.90
N ARG D 125 50.16 7.01 4.86
CA ARG D 125 50.16 8.18 4.00
C ARG D 125 49.54 9.40 4.68
N LEU D 126 48.79 9.20 5.76
CA LEU D 126 48.14 10.29 6.46
C LEU D 126 48.89 10.71 7.71
N LYS D 127 50.18 10.40 7.81
CA LYS D 127 50.99 10.89 8.90
C LYS D 127 51.29 12.38 8.73
N PHE D 128 51.43 13.07 9.85
CA PHE D 128 51.78 14.49 9.83
C PHE D 128 52.51 14.83 11.12
N ASN D 129 53.58 15.59 11.00
CA ASN D 129 54.38 16.03 12.14
C ASN D 129 53.94 17.45 12.49
N SER D 130 53.14 17.58 13.53
CA SER D 130 52.63 18.88 13.94
C SER D 130 52.35 18.85 15.44
N THR D 131 51.65 19.87 15.92
CA THR D 131 51.38 20.07 17.34
C THR D 131 49.99 19.58 17.75
N ILE D 132 49.05 19.57 16.82
CA ILE D 132 47.62 19.45 17.15
C ILE D 132 47.30 18.04 17.62
N LYS D 133 47.98 17.02 17.06
CA LYS D 133 48.03 15.61 17.46
C LYS D 133 46.73 14.87 17.13
N VAL D 134 45.69 15.58 16.71
CA VAL D 134 44.44 14.97 16.28
C VAL D 134 43.74 15.97 15.34
N LEU D 135 43.08 15.44 14.32
CA LEU D 135 42.35 16.25 13.34
C LEU D 135 40.89 15.81 13.36
N ARG D 136 40.09 16.48 14.19
CA ARG D 136 38.68 16.15 14.32
C ARG D 136 37.93 16.82 13.16
N LEU D 137 37.50 16.02 12.19
CA LEU D 137 37.03 16.53 10.91
C LEU D 137 35.56 16.22 10.69
N ASN D 138 35.04 16.74 9.58
CA ASN D 138 33.66 16.56 9.16
C ASN D 138 33.54 15.30 8.31
N SER D 139 32.42 15.15 7.62
CA SER D 139 32.26 14.17 6.57
C SER D 139 32.72 14.68 5.21
N ASN D 140 33.33 15.87 5.17
CA ASN D 140 33.84 16.43 3.92
C ASN D 140 35.17 15.82 3.51
N MET D 141 35.82 15.10 4.40
CA MET D 141 37.11 14.47 4.14
C MET D 141 36.96 12.98 3.82
N VAL D 142 35.77 12.42 4.05
CA VAL D 142 35.53 10.98 3.85
C VAL D 142 35.66 10.60 2.38
N GLY D 143 35.20 11.47 1.49
CA GLY D 143 35.31 11.20 0.07
C GLY D 143 36.69 11.37 -0.54
N LYS D 144 37.71 11.71 0.25
CA LYS D 144 39.05 11.93 -0.25
C LYS D 144 40.07 10.97 0.36
N ILE D 145 39.65 10.10 1.26
CA ILE D 145 40.51 9.12 1.91
C ILE D 145 39.98 7.72 1.55
N TRP D 146 40.90 6.77 1.41
CA TRP D 146 40.53 5.36 1.29
C TRP D 146 39.68 4.93 2.47
N ILE D 147 38.44 4.56 2.20
CA ILE D 147 37.50 4.06 3.19
C ILE D 147 37.23 2.59 2.87
N PRO D 148 37.25 1.69 3.85
CA PRO D 148 37.04 0.27 3.56
C PRO D 148 35.63 -0.01 3.08
N ASP D 149 35.51 -1.00 2.19
CA ASP D 149 34.23 -1.34 1.57
C ASP D 149 33.51 -2.42 2.37
N THR D 150 33.24 -2.09 3.64
CA THR D 150 32.56 -3.01 4.53
C THR D 150 31.07 -3.04 4.20
N PHE D 151 30.55 -4.23 3.89
CA PHE D 151 29.13 -4.41 3.66
C PHE D 151 28.60 -5.40 4.69
N PHE D 152 27.33 -5.25 5.03
CA PHE D 152 26.67 -6.18 5.93
C PHE D 152 26.13 -7.34 5.11
N ARG D 153 26.56 -8.55 5.44
CA ARG D 153 26.40 -9.69 4.54
C ARG D 153 24.96 -10.19 4.52
N ASN D 154 24.21 -9.99 5.60
CA ASN D 154 22.82 -10.43 5.65
C ASN D 154 21.84 -9.26 5.72
N SER D 155 22.20 -8.12 5.14
CA SER D 155 21.33 -6.96 5.13
C SER D 155 20.39 -7.01 3.94
N LYS D 156 19.22 -6.39 4.10
CA LYS D 156 18.22 -6.33 3.03
C LYS D 156 17.91 -4.91 2.62
N LYS D 157 17.65 -4.02 3.59
CA LYS D 157 17.49 -2.59 3.32
C LYS D 157 18.32 -1.85 4.36
N ALA D 158 19.59 -1.63 4.05
CA ALA D 158 20.49 -0.91 4.93
C ALA D 158 20.65 0.52 4.42
N ASP D 159 20.52 1.48 5.32
CA ASP D 159 20.53 2.89 4.95
C ASP D 159 21.38 3.67 5.94
N ALA D 160 22.27 4.51 5.41
CA ALA D 160 22.96 5.49 6.25
C ALA D 160 22.07 6.71 6.44
N HIS D 161 22.42 7.54 7.40
CA HIS D 161 21.63 8.72 7.74
C HIS D 161 22.25 9.97 7.16
N TRP D 162 21.40 10.86 6.65
CA TRP D 162 21.83 12.01 5.88
C TRP D 162 21.15 13.29 6.36
N ILE D 163 20.55 13.28 7.55
CA ILE D 163 19.84 14.42 8.11
C ILE D 163 20.52 14.78 9.42
N THR D 164 20.98 16.03 9.56
CA THR D 164 20.83 17.11 8.58
C THR D 164 21.99 17.14 7.60
N THR D 165 23.11 16.61 8.04
CA THR D 165 24.33 16.42 7.28
C THR D 165 24.59 14.93 7.10
N PRO D 166 25.54 14.55 6.24
CA PRO D 166 26.05 13.17 6.31
C PRO D 166 26.60 12.84 7.69
N ASN D 167 25.94 11.93 8.39
CA ASN D 167 26.30 11.62 9.78
C ASN D 167 27.49 10.68 9.79
N ARG D 168 28.66 11.27 9.54
CA ARG D 168 29.93 10.54 9.52
C ARG D 168 30.95 11.36 10.30
N MET D 169 31.91 10.66 10.88
CA MET D 169 32.91 11.28 11.75
C MET D 169 34.27 10.73 11.37
N LEU D 170 35.26 11.62 11.25
CA LEU D 170 36.59 11.21 10.77
C LEU D 170 37.64 11.93 11.60
N ARG D 171 38.52 11.17 12.24
CA ARG D 171 39.55 11.72 13.10
C ARG D 171 40.90 11.09 12.75
N ILE D 172 41.91 11.93 12.52
CA ILE D 172 43.22 11.48 12.10
C ILE D 172 44.24 11.92 13.15
N TRP D 173 44.98 10.97 13.70
CA TRP D 173 46.07 11.27 14.62
C TRP D 173 47.38 11.40 13.85
N ASN D 174 48.42 11.85 14.57
CA ASN D 174 49.70 12.14 13.94
C ASN D 174 50.48 10.89 13.54
N ASP D 175 50.18 9.74 14.14
CA ASP D 175 50.85 8.50 13.78
C ASP D 175 50.19 7.77 12.62
N GLY D 176 49.11 8.30 12.08
CA GLY D 176 48.44 7.71 10.94
C GLY D 176 47.18 6.94 11.25
N ARG D 177 46.81 6.82 12.51
CA ARG D 177 45.60 6.09 12.86
C ARG D 177 44.37 6.92 12.53
N VAL D 178 43.37 6.28 11.93
CA VAL D 178 42.21 6.96 11.37
C VAL D 178 40.96 6.34 11.97
N LEU D 179 40.19 7.15 12.71
CA LEU D 179 38.89 6.73 13.23
C LEU D 179 37.80 7.16 12.27
N TYR D 180 36.87 6.26 12.00
CA TYR D 180 35.78 6.51 11.07
C TYR D 180 34.50 5.89 11.62
N THR D 181 33.50 6.71 11.89
CA THR D 181 32.27 6.28 12.53
C THR D 181 31.08 6.83 11.75
N LEU D 182 30.12 5.97 11.43
CA LEU D 182 28.91 6.38 10.75
C LEU D 182 27.72 5.69 11.38
N ARG D 183 26.56 6.34 11.30
CA ARG D 183 25.33 5.82 11.89
C ARG D 183 24.53 5.08 10.82
N LEU D 184 24.07 3.87 11.16
CA LEU D 184 23.48 2.98 10.18
C LEU D 184 22.24 2.31 10.75
N THR D 185 21.23 2.10 9.90
CA THR D 185 20.10 1.23 10.19
C THR D 185 20.12 0.07 9.22
N ILE D 186 20.01 -1.15 9.74
CA ILE D 186 20.14 -2.36 8.95
C ILE D 186 18.90 -3.21 9.18
N ASP D 187 18.19 -3.53 8.09
CA ASP D 187 17.11 -4.52 8.15
C ASP D 187 17.72 -5.88 7.83
N ALA D 188 18.36 -6.47 8.84
CA ALA D 188 19.14 -7.68 8.64
C ALA D 188 18.22 -8.90 8.51
N GLU D 189 18.83 -10.02 8.13
CA GLU D 189 18.11 -11.26 7.89
C GLU D 189 18.34 -12.22 9.06
N CYS D 190 17.25 -12.76 9.58
CA CYS D 190 17.31 -13.73 10.67
C CYS D 190 16.35 -14.86 10.34
N GLN D 191 16.89 -16.01 9.95
CA GLN D 191 16.06 -17.18 9.62
C GLN D 191 15.48 -17.75 10.91
N LEU D 192 14.25 -17.39 11.21
CA LEU D 192 13.61 -17.77 12.47
C LEU D 192 13.14 -19.22 12.37
N GLN D 193 13.82 -20.11 13.10
CA GLN D 193 13.33 -21.48 13.26
C GLN D 193 12.14 -21.44 14.21
N LEU D 194 10.94 -21.39 13.65
CA LEU D 194 9.73 -21.13 14.42
C LEU D 194 9.09 -22.40 14.96
N HIS D 195 9.87 -23.44 15.18
CA HIS D 195 9.45 -24.50 16.08
C HIS D 195 9.34 -23.94 17.50
N ASN D 196 8.52 -24.62 18.32
CA ASN D 196 8.22 -24.23 19.70
C ASN D 196 7.63 -22.83 19.78
N PHE D 197 6.78 -22.49 18.82
CA PHE D 197 6.13 -21.18 18.79
C PHE D 197 5.02 -21.15 19.85
N PRO D 198 4.93 -20.08 20.66
CA PRO D 198 5.78 -18.90 20.76
C PRO D 198 6.73 -18.92 21.95
N MET D 199 7.35 -20.06 22.22
CA MET D 199 8.26 -20.21 23.35
C MET D 199 9.70 -20.37 22.87
N ASP D 200 10.03 -19.74 21.75
CA ASP D 200 11.28 -20.00 21.05
C ASP D 200 12.36 -19.00 21.42
N GLU D 201 13.60 -19.45 21.30
CA GLU D 201 14.79 -18.62 21.48
C GLU D 201 15.51 -18.52 20.15
N HIS D 202 16.01 -17.34 19.84
CA HIS D 202 16.66 -17.10 18.56
C HIS D 202 17.98 -16.37 18.77
N SER D 203 18.93 -16.63 17.88
CA SER D 203 20.22 -15.95 17.86
C SER D 203 20.36 -15.33 16.47
N CYS D 204 19.85 -14.12 16.34
CA CYS D 204 19.83 -13.44 15.04
C CYS D 204 21.21 -12.88 14.73
N PRO D 205 21.82 -13.26 13.62
CA PRO D 205 23.19 -12.81 13.32
C PRO D 205 23.21 -11.44 12.66
N LEU D 206 24.36 -10.80 12.76
CA LEU D 206 24.65 -9.56 12.03
C LEU D 206 26.10 -9.69 11.54
N GLU D 207 26.26 -10.03 10.28
CA GLU D 207 27.57 -10.35 9.72
C GLU D 207 28.03 -9.22 8.80
N PHE D 208 29.34 -8.96 8.80
CA PHE D 208 29.88 -7.97 7.89
C PHE D 208 31.31 -8.32 7.53
N SER D 209 31.72 -7.89 6.34
CA SER D 209 33.06 -8.12 5.83
C SER D 209 33.33 -7.10 4.74
N SER D 210 34.57 -7.07 4.27
CA SER D 210 34.88 -6.27 3.10
C SER D 210 34.33 -6.95 1.85
N TYR D 211 34.11 -6.16 0.80
CA TYR D 211 33.48 -6.70 -0.38
C TYR D 211 34.47 -7.14 -1.45
N GLY D 212 35.55 -6.39 -1.66
CA GLY D 212 36.48 -6.73 -2.71
C GLY D 212 37.83 -7.20 -2.22
N TYR D 213 38.17 -6.90 -0.98
CA TYR D 213 39.49 -7.17 -0.46
C TYR D 213 39.48 -8.48 0.31
N PRO D 214 40.26 -9.49 -0.11
CA PRO D 214 40.25 -10.79 0.58
C PRO D 214 40.96 -10.80 1.93
N ARG D 215 41.15 -12.00 2.47
CA ARG D 215 41.91 -12.19 3.71
C ARG D 215 43.35 -11.67 3.59
N GLU D 216 43.93 -11.78 2.40
CA GLU D 216 45.31 -11.32 2.20
C GLU D 216 45.42 -9.81 2.07
N GLU D 217 44.31 -9.07 2.10
CA GLU D 217 44.36 -7.63 1.91
C GLU D 217 43.70 -6.83 3.03
N ILE D 218 42.58 -7.32 3.58
CA ILE D 218 41.95 -6.68 4.75
C ILE D 218 41.61 -7.76 5.77
N VAL D 219 42.10 -7.59 7.00
CA VAL D 219 41.78 -8.46 8.12
C VAL D 219 41.09 -7.61 9.18
N TYR D 220 39.89 -8.01 9.57
CA TYR D 220 39.18 -7.33 10.64
C TYR D 220 39.52 -7.96 11.99
N GLN D 221 39.19 -7.23 13.05
CA GLN D 221 39.46 -7.68 14.42
C GLN D 221 38.57 -6.90 15.37
N TRP D 222 38.03 -7.57 16.37
CA TRP D 222 37.27 -6.86 17.39
C TRP D 222 38.20 -6.24 18.41
N LYS D 223 37.67 -5.26 19.14
CA LYS D 223 38.39 -4.60 20.21
C LYS D 223 38.03 -5.26 21.55
N ARG D 224 38.52 -4.68 22.64
CA ARG D 224 38.15 -5.17 23.97
C ARG D 224 36.78 -4.68 24.40
N SER D 225 36.26 -3.66 23.73
CA SER D 225 34.93 -3.09 24.00
C SER D 225 34.09 -3.21 22.74
N SER D 226 34.03 -4.44 22.19
CA SER D 226 33.61 -4.68 20.81
C SER D 226 32.18 -4.22 20.54
N VAL D 227 31.21 -4.84 21.20
CA VAL D 227 29.80 -4.49 21.00
C VAL D 227 29.29 -3.89 22.30
N GLU D 228 28.85 -2.63 22.23
CA GLU D 228 28.36 -1.91 23.40
C GLU D 228 26.86 -1.71 23.28
N VAL D 229 26.15 -1.91 24.40
CA VAL D 229 24.70 -1.98 24.42
C VAL D 229 24.17 -0.76 25.17
N GLY D 230 23.07 -0.18 24.67
CA GLY D 230 22.46 0.97 25.30
C GLY D 230 21.64 0.65 26.54
N ASP D 231 20.49 1.30 26.69
CA ASP D 231 19.69 1.18 27.90
C ASP D 231 18.79 -0.04 27.93
N THR D 232 18.40 -0.57 26.76
CA THR D 232 17.61 -1.79 26.48
C THR D 232 16.13 -1.59 26.85
N ARG D 233 15.76 -0.48 27.49
CA ARG D 233 14.36 -0.20 27.78
C ARG D 233 13.67 0.56 26.66
N SER D 234 14.41 1.38 25.93
CA SER D 234 13.86 2.16 24.82
C SER D 234 13.88 1.42 23.50
N TRP D 235 14.23 0.13 23.51
CA TRP D 235 14.28 -0.64 22.28
C TRP D 235 12.88 -1.04 21.83
N ARG D 236 12.75 -1.27 20.54
CA ARG D 236 11.48 -1.69 19.95
C ARG D 236 11.36 -3.21 19.88
N LEU D 237 11.62 -3.89 21.00
CA LEU D 237 11.43 -5.33 21.09
C LEU D 237 10.09 -5.57 21.78
N TYR D 238 9.06 -5.77 20.96
CA TYR D 238 7.70 -5.88 21.49
C TYR D 238 7.47 -7.24 22.12
N GLN D 239 7.73 -8.30 21.37
CA GLN D 239 7.47 -9.66 21.84
C GLN D 239 8.70 -10.31 22.45
N PHE D 240 9.90 -9.87 22.07
CA PHE D 240 11.14 -10.51 22.46
C PHE D 240 11.75 -9.82 23.69
N SER D 241 12.89 -10.33 24.11
CA SER D 241 13.64 -9.76 25.23
C SER D 241 15.10 -10.09 25.04
N PHE D 242 15.95 -9.06 25.12
CA PHE D 242 17.39 -9.21 24.90
C PHE D 242 18.01 -9.95 26.07
N VAL D 243 18.50 -11.17 25.83
CA VAL D 243 19.06 -11.99 26.89
C VAL D 243 20.55 -12.24 26.75
N GLY D 244 21.14 -12.04 25.57
CA GLY D 244 22.55 -12.36 25.43
C GLY D 244 23.16 -11.70 24.22
N LEU D 245 24.48 -11.88 24.10
CA LEU D 245 25.26 -11.20 23.08
C LEU D 245 26.56 -11.96 22.88
N ARG D 246 26.88 -12.28 21.63
CA ARG D 246 28.11 -12.98 21.31
C ARG D 246 28.82 -12.28 20.16
N ASN D 247 30.01 -12.78 19.85
CA ASN D 247 30.75 -12.37 18.66
C ASN D 247 31.61 -13.54 18.22
N THR D 248 32.01 -13.52 16.95
CA THR D 248 32.91 -14.56 16.44
C THR D 248 33.68 -14.03 15.24
N THR D 249 34.64 -14.83 14.80
CA THR D 249 35.49 -14.52 13.66
C THR D 249 35.62 -15.78 12.82
N GLU D 250 35.24 -15.69 11.54
CA GLU D 250 35.34 -16.81 10.64
C GLU D 250 35.79 -16.31 9.28
N VAL D 251 36.30 -17.23 8.46
CA VAL D 251 36.74 -16.93 7.11
C VAL D 251 35.91 -17.77 6.16
N VAL D 252 35.04 -17.12 5.39
CA VAL D 252 34.22 -17.84 4.41
C VAL D 252 35.06 -18.09 3.18
N LYS D 253 34.58 -18.97 2.31
CA LYS D 253 35.28 -19.31 1.07
C LYS D 253 34.30 -19.18 -0.08
N THR D 254 34.44 -18.12 -0.87
CA THR D 254 33.59 -17.86 -2.01
C THR D 254 34.44 -17.89 -3.28
N THR D 255 33.83 -17.48 -4.40
CA THR D 255 34.49 -17.59 -5.70
C THR D 255 35.66 -16.61 -5.81
N SER D 256 35.48 -15.38 -5.33
CA SER D 256 36.48 -14.33 -5.51
C SER D 256 37.45 -14.23 -4.33
N GLY D 257 37.72 -15.32 -3.64
CA GLY D 257 38.75 -15.37 -2.61
C GLY D 257 38.18 -15.76 -1.26
N ASP D 258 39.02 -15.60 -0.24
CA ASP D 258 38.67 -15.87 1.15
C ASP D 258 38.51 -14.55 1.89
N TYR D 259 37.36 -14.35 2.52
CA TYR D 259 37.04 -13.09 3.18
C TYR D 259 36.87 -13.31 4.68
N VAL D 260 37.42 -12.39 5.46
CA VAL D 260 37.30 -12.45 6.92
C VAL D 260 35.96 -11.82 7.31
N VAL D 261 35.07 -12.62 7.85
CA VAL D 261 33.69 -12.20 8.12
C VAL D 261 33.51 -12.10 9.63
N MET D 262 33.36 -10.87 10.12
CA MET D 262 32.92 -10.67 11.49
C MET D 262 31.45 -11.03 11.62
N SER D 263 31.03 -11.34 12.84
CA SER D 263 29.64 -11.73 13.07
C SER D 263 29.25 -11.43 14.51
N VAL D 264 28.09 -10.82 14.69
CA VAL D 264 27.53 -10.52 16.00
C VAL D 264 26.21 -11.25 16.12
N TYR D 265 26.07 -12.07 17.14
CA TYR D 265 24.86 -12.85 17.38
C TYR D 265 24.09 -12.23 18.55
N PHE D 266 22.85 -11.85 18.30
CA PHE D 266 21.98 -11.29 19.32
C PHE D 266 21.03 -12.38 19.79
N ASP D 267 21.19 -12.81 21.03
CA ASP D 267 20.33 -13.85 21.58
C ASP D 267 19.00 -13.23 21.98
N LEU D 268 17.91 -13.69 21.37
CA LEU D 268 16.59 -13.16 21.61
C LEU D 268 15.67 -14.27 22.07
N SER D 269 14.91 -14.01 23.13
CA SER D 269 13.89 -14.93 23.61
C SER D 269 12.58 -14.18 23.74
N ARG D 270 11.48 -14.85 23.40
CA ARG D 270 10.17 -14.22 23.33
C ARG D 270 9.50 -14.26 24.69
N ARG D 271 8.79 -13.18 25.02
CA ARG D 271 8.23 -13.02 26.36
C ARG D 271 6.98 -13.87 26.58
N MET D 272 6.20 -14.12 25.53
CA MET D 272 4.92 -14.84 25.57
C MET D 272 3.96 -14.18 26.58
N GLY D 273 3.55 -12.97 26.23
CA GLY D 273 2.53 -12.27 26.98
C GLY D 273 1.40 -11.85 26.08
N TYR D 274 1.71 -11.69 24.80
CA TYR D 274 0.71 -11.26 23.82
C TYR D 274 -0.12 -12.42 23.31
N PHE D 275 0.53 -13.55 23.03
CA PHE D 275 -0.19 -14.70 22.50
C PHE D 275 -0.97 -15.43 23.58
N THR D 276 -0.64 -15.22 24.86
CA THR D 276 -1.49 -15.71 25.93
C THR D 276 -2.82 -14.97 25.93
N ILE D 277 -2.78 -13.65 25.74
CA ILE D 277 -4.01 -12.85 25.77
C ILE D 277 -4.83 -13.08 24.51
N GLN D 278 -4.18 -13.16 23.35
CA GLN D 278 -4.93 -13.27 22.11
C GLN D 278 -5.36 -14.69 21.78
N THR D 279 -4.52 -15.69 22.06
CA THR D 279 -4.78 -17.04 21.58
C THR D 279 -5.10 -18.03 22.69
N TYR D 280 -4.23 -18.16 23.70
CA TYR D 280 -4.34 -19.26 24.65
C TYR D 280 -5.54 -19.10 25.57
N ILE D 281 -5.75 -17.90 26.12
CA ILE D 281 -6.89 -17.64 27.00
C ILE D 281 -8.22 -17.72 26.25
N PRO D 282 -8.41 -17.18 25.02
CA PRO D 282 -9.67 -17.46 24.33
C PRO D 282 -9.85 -18.90 23.88
N CYS D 283 -8.77 -19.62 23.56
CA CYS D 283 -8.95 -21.01 23.15
C CYS D 283 -9.27 -21.92 24.33
N THR D 284 -8.78 -21.62 25.53
CA THR D 284 -9.14 -22.45 26.67
C THR D 284 -10.55 -22.15 27.17
N LEU D 285 -10.94 -20.86 27.18
CA LEU D 285 -12.25 -20.47 27.70
C LEU D 285 -13.39 -20.67 26.71
N ILE D 286 -13.13 -21.31 25.58
CA ILE D 286 -14.18 -21.76 24.67
C ILE D 286 -14.25 -23.28 24.60
N VAL D 287 -13.16 -24.00 24.90
CA VAL D 287 -13.28 -25.42 25.23
C VAL D 287 -14.12 -25.61 26.50
N VAL D 288 -13.96 -24.71 27.47
CA VAL D 288 -14.80 -24.75 28.67
C VAL D 288 -16.24 -24.34 28.34
N LEU D 289 -16.42 -23.51 27.30
CA LEU D 289 -17.77 -23.13 26.86
C LEU D 289 -18.55 -24.32 26.33
N SER D 290 -17.87 -25.27 25.69
CA SER D 290 -18.52 -26.50 25.25
C SER D 290 -18.80 -27.46 26.40
N TRP D 291 -18.19 -27.25 27.56
CA TRP D 291 -18.45 -28.09 28.72
C TRP D 291 -19.71 -27.69 29.47
N VAL D 292 -20.34 -26.58 29.09
CA VAL D 292 -21.58 -26.15 29.71
C VAL D 292 -22.71 -27.08 29.33
N SER D 293 -22.63 -27.69 28.14
CA SER D 293 -23.71 -28.55 27.64
C SER D 293 -23.86 -29.84 28.45
N PHE D 294 -22.82 -30.28 29.16
CA PHE D 294 -22.95 -31.50 29.93
C PHE D 294 -23.79 -31.32 31.19
N TRP D 295 -24.02 -30.07 31.59
CA TRP D 295 -24.92 -29.77 32.69
C TRP D 295 -26.33 -29.41 32.21
N ILE D 296 -26.46 -28.94 30.98
CA ILE D 296 -27.77 -28.86 30.34
C ILE D 296 -28.28 -30.28 30.09
N ASN D 297 -29.53 -30.55 30.48
CA ASN D 297 -30.02 -31.91 30.53
C ASN D 297 -30.27 -32.49 29.14
N LYS D 298 -30.51 -33.80 29.12
CA LYS D 298 -30.97 -34.51 27.94
C LYS D 298 -32.36 -34.00 27.54
N ASP D 299 -32.69 -34.20 26.26
CA ASP D 299 -33.92 -33.78 25.56
C ASP D 299 -34.07 -32.27 25.44
N ALA D 300 -33.02 -31.51 25.74
CA ALA D 300 -32.94 -30.10 25.36
C ALA D 300 -32.20 -29.97 24.03
N VAL D 301 -32.79 -30.59 23.02
CA VAL D 301 -32.13 -30.95 21.76
C VAL D 301 -31.69 -29.73 20.93
N PRO D 302 -32.48 -28.65 20.74
CA PRO D 302 -31.91 -27.50 20.01
C PRO D 302 -30.85 -26.74 20.78
N ALA D 303 -30.84 -26.81 22.11
CA ALA D 303 -29.86 -26.05 22.87
C ALA D 303 -28.54 -26.82 23.02
N ARG D 304 -28.61 -28.14 23.18
CA ARG D 304 -27.41 -28.96 23.20
C ARG D 304 -26.71 -28.97 21.85
N THR D 305 -27.47 -28.84 20.77
CA THR D 305 -26.88 -28.84 19.44
C THR D 305 -26.23 -27.50 19.13
N SER D 306 -26.99 -26.41 19.28
CA SER D 306 -26.51 -25.08 18.91
C SER D 306 -25.39 -24.57 19.80
N LEU D 307 -25.25 -25.11 21.02
CA LEU D 307 -24.09 -24.77 21.83
C LEU D 307 -22.83 -25.43 21.28
N GLY D 308 -22.98 -26.56 20.61
CA GLY D 308 -21.87 -27.33 20.08
C GLY D 308 -21.52 -27.10 18.64
N ILE D 309 -22.06 -26.05 18.00
CA ILE D 309 -21.69 -25.68 16.64
C ILE D 309 -21.03 -24.30 16.61
N THR D 310 -21.58 -23.36 17.38
CA THR D 310 -20.96 -22.04 17.52
C THR D 310 -19.61 -22.15 18.20
N THR D 311 -19.45 -23.13 19.08
CA THR D 311 -18.14 -23.44 19.64
C THR D 311 -17.19 -23.99 18.57
N VAL D 312 -17.72 -24.69 17.57
CA VAL D 312 -16.91 -25.10 16.43
C VAL D 312 -16.66 -23.91 15.50
N LEU D 313 -17.69 -23.06 15.33
CA LEU D 313 -17.57 -21.86 14.50
C LEU D 313 -16.53 -20.90 15.05
N THR D 314 -16.37 -20.84 16.37
CA THR D 314 -15.41 -19.91 16.95
C THR D 314 -13.98 -20.47 16.86
N MET D 315 -13.83 -21.80 16.93
CA MET D 315 -12.53 -22.42 16.73
C MET D 315 -12.02 -22.24 15.30
N THR D 316 -12.93 -22.10 14.33
CA THR D 316 -12.52 -21.77 12.97
C THR D 316 -11.99 -20.34 12.90
N THR D 317 -12.62 -19.44 13.67
CA THR D 317 -12.18 -18.04 13.67
C THR D 317 -10.87 -17.87 14.41
N LEU D 318 -10.70 -18.55 15.55
CA LEU D 318 -9.49 -18.37 16.34
C LEU D 318 -8.27 -19.04 15.73
N SER D 319 -8.47 -20.15 15.00
CA SER D 319 -7.34 -20.79 14.33
C SER D 319 -6.87 -19.98 13.13
N THR D 320 -7.78 -19.21 12.53
CA THR D 320 -7.43 -18.39 11.37
C THR D 320 -6.58 -17.19 11.79
N ILE D 321 -7.00 -16.50 12.86
CA ILE D 321 -6.34 -15.29 13.30
C ILE D 321 -5.01 -15.59 14.00
N ALA D 322 -4.85 -16.80 14.54
CA ALA D 322 -3.62 -17.17 15.23
C ALA D 322 -2.43 -17.36 14.29
N ARG D 323 -2.65 -17.37 12.97
CA ARG D 323 -1.57 -17.54 12.01
C ARG D 323 -1.28 -16.24 11.25
N LYS D 324 -1.70 -15.09 11.77
CA LYS D 324 -1.49 -13.84 11.05
C LYS D 324 -0.07 -13.31 11.25
N SER D 325 0.45 -13.37 12.47
CA SER D 325 1.81 -12.90 12.72
C SER D 325 2.86 -13.86 12.19
N LEU D 326 2.50 -15.13 12.00
CA LEU D 326 3.44 -16.11 11.46
C LEU D 326 3.54 -16.00 9.95
N PRO D 327 4.65 -16.45 9.37
CA PRO D 327 4.72 -16.63 7.92
C PRO D 327 4.09 -17.96 7.54
N LYS D 328 4.19 -18.28 6.25
CA LYS D 328 3.54 -19.48 5.71
C LYS D 328 4.44 -20.71 5.87
N VAL D 329 4.75 -21.03 7.13
CA VAL D 329 5.61 -22.18 7.42
C VAL D 329 4.83 -23.48 7.19
N SER D 330 5.55 -24.53 6.83
CA SER D 330 4.95 -25.78 6.38
C SER D 330 5.15 -26.90 7.39
N TYR D 331 5.03 -26.58 8.68
CA TYR D 331 5.14 -27.58 9.74
C TYR D 331 4.23 -27.19 10.89
N VAL D 332 4.28 -28.00 11.95
CA VAL D 332 3.40 -27.85 13.09
C VAL D 332 4.16 -27.13 14.19
N THR D 333 3.77 -25.89 14.46
CA THR D 333 4.32 -25.15 15.58
C THR D 333 3.66 -25.61 16.88
N ALA D 334 4.20 -25.14 18.00
CA ALA D 334 3.64 -25.53 19.30
C ALA D 334 2.31 -24.82 19.58
N MET D 335 2.04 -23.70 18.90
CA MET D 335 0.70 -23.14 18.97
C MET D 335 -0.27 -23.94 18.12
N ASP D 336 0.17 -24.36 16.93
CA ASP D 336 -0.68 -25.16 16.05
C ASP D 336 -0.96 -26.55 16.60
N LEU D 337 -0.09 -27.06 17.46
CA LEU D 337 -0.42 -28.30 18.18
C LEU D 337 -1.49 -28.04 19.23
N PHE D 338 -1.46 -26.85 19.85
CA PHE D 338 -2.43 -26.54 20.89
C PHE D 338 -3.82 -26.29 20.32
N VAL D 339 -3.90 -25.57 19.20
CA VAL D 339 -5.20 -25.24 18.62
C VAL D 339 -5.84 -26.46 17.98
N SER D 340 -5.02 -27.34 17.38
CA SER D 340 -5.55 -28.57 16.78
C SER D 340 -6.09 -29.53 17.83
N VAL D 341 -5.47 -29.56 19.02
CA VAL D 341 -6.06 -30.31 20.13
C VAL D 341 -7.31 -29.61 20.63
N CYS D 342 -7.30 -28.27 20.64
CA CYS D 342 -8.50 -27.53 21.00
C CYS D 342 -9.62 -27.62 19.97
N PHE D 343 -9.34 -28.12 18.75
CA PHE D 343 -10.46 -28.55 17.91
C PHE D 343 -11.12 -29.80 18.48
N ILE D 344 -10.31 -30.73 19.00
CA ILE D 344 -10.78 -32.07 19.30
C ILE D 344 -11.73 -32.09 20.50
N PHE D 345 -11.38 -31.35 21.56
CA PHE D 345 -12.29 -31.25 22.71
C PHE D 345 -13.55 -30.45 22.37
N VAL D 346 -13.50 -29.62 21.34
CA VAL D 346 -14.70 -28.98 20.81
C VAL D 346 -15.42 -29.94 19.86
N PHE D 347 -14.66 -30.73 19.09
CA PHE D 347 -15.25 -31.72 18.19
C PHE D 347 -15.91 -32.86 18.95
N SER D 348 -15.25 -33.38 19.98
CA SER D 348 -15.76 -34.51 20.74
C SER D 348 -16.77 -34.11 21.81
N ALA D 349 -17.25 -32.86 21.79
CA ALA D 349 -18.35 -32.46 22.67
C ALA D 349 -19.70 -32.54 21.96
N LEU D 350 -19.71 -32.35 20.64
CA LEU D 350 -20.94 -32.51 19.86
C LEU D 350 -21.13 -33.95 19.41
N VAL D 351 -20.05 -34.67 19.12
CA VAL D 351 -20.13 -36.09 18.81
C VAL D 351 -20.54 -36.88 20.05
N GLU D 352 -20.23 -36.34 21.25
CA GLU D 352 -20.75 -36.91 22.48
C GLU D 352 -22.26 -36.80 22.55
N TYR D 353 -22.81 -35.63 22.21
CA TYR D 353 -24.26 -35.48 22.24
C TYR D 353 -24.94 -36.18 21.07
N GLY D 354 -24.27 -36.21 19.90
CA GLY D 354 -24.78 -37.00 18.79
C GLY D 354 -24.79 -38.49 19.06
N THR D 355 -23.97 -38.96 20.01
CA THR D 355 -24.07 -40.31 20.51
C THR D 355 -25.17 -40.44 21.55
N LEU D 356 -25.25 -39.50 22.48
CA LEU D 356 -26.20 -39.62 23.59
C LEU D 356 -27.64 -39.36 23.14
N HIS D 357 -27.84 -38.54 22.10
CA HIS D 357 -29.20 -38.34 21.60
C HIS D 357 -29.69 -39.54 20.83
N TYR D 358 -28.80 -40.23 20.12
CA TYR D 358 -29.22 -41.37 19.31
C TYR D 358 -29.52 -42.59 20.18
N PHE D 359 -28.57 -43.01 21.01
CA PHE D 359 -28.68 -44.27 21.73
C PHE D 359 -29.63 -44.22 22.93
N VAL D 360 -30.25 -43.07 23.21
CA VAL D 360 -31.33 -42.99 24.18
C VAL D 360 -32.69 -42.99 23.50
N SER D 361 -32.87 -42.14 22.48
CA SER D 361 -34.13 -42.10 21.76
C SER D 361 -34.31 -43.30 20.84
N ASN D 362 -33.22 -43.92 20.40
CA ASN D 362 -33.31 -45.08 19.51
C ASN D 362 -32.47 -46.25 20.03
N ARG D 445 -22.51 -47.80 30.71
CA ARG D 445 -23.67 -47.58 29.87
C ARG D 445 -23.42 -46.47 28.85
N ILE D 446 -24.50 -46.05 28.20
CA ILE D 446 -24.47 -44.91 27.28
C ILE D 446 -25.42 -43.87 27.85
N ALA D 447 -26.42 -44.32 28.61
CA ALA D 447 -27.37 -43.41 29.23
C ALA D 447 -26.76 -42.61 30.38
N LYS D 448 -25.67 -43.11 30.97
CA LYS D 448 -24.93 -42.38 32.00
C LYS D 448 -23.65 -41.77 31.46
N MET D 449 -23.67 -41.33 30.20
CA MET D 449 -22.46 -40.76 29.59
C MET D 449 -22.19 -39.36 30.12
N ASP D 450 -23.25 -38.58 30.40
CA ASP D 450 -23.06 -37.25 30.97
C ASP D 450 -22.53 -37.30 32.40
N SER D 451 -22.76 -38.39 33.13
CA SER D 451 -22.11 -38.53 34.43
C SER D 451 -20.62 -38.80 34.28
N TYR D 452 -20.22 -39.39 33.16
CA TYR D 452 -18.81 -39.67 32.90
C TYR D 452 -18.11 -38.50 32.21
N ALA D 453 -18.82 -37.75 31.37
CA ALA D 453 -18.20 -36.68 30.59
C ALA D 453 -17.94 -35.42 31.40
N ARG D 454 -18.69 -35.21 32.49
CA ARG D 454 -18.41 -34.09 33.38
C ARG D 454 -17.10 -34.27 34.14
N ILE D 455 -16.64 -35.51 34.30
CA ILE D 455 -15.39 -35.79 34.97
C ILE D 455 -14.24 -35.96 33.98
N PHE D 456 -14.49 -36.67 32.87
CA PHE D 456 -13.42 -37.08 31.98
C PHE D 456 -12.87 -35.92 31.17
N PHE D 457 -13.74 -35.07 30.63
CA PHE D 457 -13.28 -33.98 29.76
C PHE D 457 -12.58 -32.82 30.50
N PRO D 458 -12.96 -32.41 31.72
CA PRO D 458 -12.05 -31.54 32.47
C PRO D 458 -10.78 -32.23 32.93
N THR D 459 -10.79 -33.57 33.07
CA THR D 459 -9.57 -34.28 33.39
C THR D 459 -8.64 -34.35 32.19
N ALA D 460 -9.16 -34.78 31.04
CA ALA D 460 -8.34 -35.00 29.85
C ALA D 460 -7.84 -33.71 29.22
N PHE D 461 -8.40 -32.55 29.58
CA PHE D 461 -7.87 -31.29 29.09
C PHE D 461 -6.82 -30.72 30.05
N CYS D 462 -7.02 -30.87 31.36
CA CYS D 462 -6.01 -30.45 32.32
C CYS D 462 -4.84 -31.41 32.35
N LEU D 463 -5.05 -32.67 31.99
CA LEU D 463 -3.93 -33.59 31.81
C LEU D 463 -3.12 -33.23 30.58
N PHE D 464 -3.77 -32.70 29.54
CA PHE D 464 -3.07 -32.26 28.34
C PHE D 464 -2.18 -31.05 28.64
N ASN D 465 -2.67 -30.11 29.44
CA ASN D 465 -1.87 -28.95 29.79
C ASN D 465 -0.70 -29.33 30.70
N LEU D 466 -0.82 -30.42 31.44
CA LEU D 466 0.33 -30.95 32.16
C LEU D 466 1.37 -31.53 31.20
N VAL D 467 0.93 -32.07 30.07
CA VAL D 467 1.87 -32.61 29.08
C VAL D 467 2.37 -31.49 28.17
N TYR D 468 1.50 -30.54 27.83
CA TYR D 468 1.86 -29.49 26.87
C TYR D 468 2.82 -28.48 27.48
N TRP D 469 2.44 -27.87 28.61
CA TRP D 469 3.20 -26.77 29.18
C TRP D 469 4.49 -27.20 29.85
N VAL D 470 4.68 -28.49 30.10
CA VAL D 470 5.94 -28.99 30.63
C VAL D 470 6.90 -29.36 29.50
N SER D 471 6.41 -29.97 28.43
CA SER D 471 7.26 -30.39 27.31
C SER D 471 7.66 -29.25 26.40
N TYR D 472 7.23 -28.02 26.67
CA TYR D 472 7.68 -26.86 25.91
C TYR D 472 8.26 -25.77 26.82
N LEU D 473 8.41 -26.03 28.11
CA LEU D 473 9.10 -25.11 29.01
C LEU D 473 10.21 -25.83 29.75
N TYR D 474 10.03 -27.13 29.97
CA TYR D 474 11.06 -27.96 30.58
C TYR D 474 11.33 -29.18 29.70
N LEU D 475 12.12 -30.13 30.22
CA LEU D 475 12.45 -31.40 29.56
C LEU D 475 13.08 -31.24 28.17
N ASP E 45 28.01 44.90 -14.95
CA ASP E 45 26.80 45.70 -14.78
C ASP E 45 26.64 46.17 -13.34
N ASN E 46 25.49 45.90 -12.74
CA ASN E 46 25.21 46.33 -11.38
C ASN E 46 25.55 45.24 -10.36
N THR E 47 25.33 43.97 -10.72
CA THR E 47 25.58 42.86 -9.83
C THR E 47 27.00 42.33 -9.92
N THR E 48 27.91 43.08 -10.52
CA THR E 48 29.30 42.64 -10.57
C THR E 48 29.99 42.82 -9.21
N VAL E 49 29.57 43.85 -8.45
CA VAL E 49 30.19 44.11 -7.16
C VAL E 49 29.78 43.05 -6.14
N PHE E 50 28.60 42.44 -6.29
CA PHE E 50 28.19 41.41 -5.34
C PHE E 50 28.85 40.08 -5.64
N THR E 51 29.19 39.82 -6.91
CA THR E 51 29.97 38.64 -7.23
C THR E 51 31.40 38.78 -6.72
N ARG E 52 31.93 40.01 -6.71
CA ARG E 52 33.27 40.25 -6.20
C ARG E 52 33.33 40.05 -4.69
N ILE E 53 32.24 40.32 -3.97
CA ILE E 53 32.21 40.07 -2.53
C ILE E 53 32.16 38.57 -2.25
N LEU E 54 31.28 37.86 -2.97
CA LEU E 54 31.09 36.43 -2.70
C LEU E 54 32.30 35.60 -3.12
N ASP E 55 33.01 36.01 -4.18
CA ASP E 55 34.22 35.31 -4.56
C ASP E 55 35.36 35.60 -3.61
N ARG E 56 35.35 36.76 -2.96
CA ARG E 56 36.39 37.09 -1.99
C ARG E 56 36.19 36.35 -0.68
N LEU E 57 34.93 36.01 -0.34
CA LEU E 57 34.67 35.26 0.88
C LEU E 57 35.14 33.83 0.79
N LEU E 58 35.27 33.27 -0.41
CA LEU E 58 35.61 31.87 -0.58
C LEU E 58 37.07 31.66 -0.97
N ASP E 59 37.82 32.72 -1.23
CA ASP E 59 39.25 32.60 -1.52
C ASP E 59 39.99 32.25 -0.23
N GLY E 60 40.45 31.02 -0.14
CA GLY E 60 41.14 30.55 1.04
C GLY E 60 40.25 30.09 2.17
N TYR E 61 38.93 30.10 1.98
CA TYR E 61 38.01 29.61 3.00
C TYR E 61 37.99 28.09 2.95
N ASP E 62 38.28 27.45 4.07
CA ASP E 62 38.26 25.99 4.16
C ASP E 62 37.00 25.59 4.93
N ASN E 63 36.06 24.96 4.23
CA ASN E 63 34.84 24.46 4.85
C ASN E 63 35.04 23.18 5.65
N ARG E 64 36.25 22.63 5.66
CA ARG E 64 36.56 21.43 6.41
C ARG E 64 37.03 21.73 7.83
N LEU E 65 37.10 23.01 8.20
CA LEU E 65 37.64 23.43 9.48
C LEU E 65 36.61 24.25 10.25
N ARG E 66 36.53 23.97 11.54
CA ARG E 66 35.58 24.65 12.41
C ARG E 66 36.00 26.11 12.62
N PRO E 67 35.05 27.04 12.64
CA PRO E 67 35.38 28.45 12.91
C PRO E 67 35.90 28.64 14.33
N GLY E 68 37.06 29.25 14.44
CA GLY E 68 37.76 29.28 15.71
C GLY E 68 38.25 27.90 16.05
N LEU E 69 39.18 27.39 15.25
CA LEU E 69 39.60 26.00 15.38
C LEU E 69 40.55 25.81 16.56
N GLY E 70 41.40 26.79 16.83
CA GLY E 70 42.32 26.67 17.95
C GLY E 70 42.19 27.82 18.93
N GLU E 71 41.06 28.51 18.90
CA GLU E 71 40.85 29.71 19.71
C GLU E 71 39.73 29.56 20.72
N ARG E 72 38.57 29.05 20.29
CA ARG E 72 37.39 29.05 21.14
C ARG E 72 36.48 27.90 20.72
N VAL E 73 35.36 27.78 21.41
CA VAL E 73 34.31 26.85 21.02
C VAL E 73 33.37 27.55 20.05
N THR E 74 32.61 26.77 19.29
CA THR E 74 31.62 27.31 18.37
C THR E 74 30.25 27.23 19.04
N GLU E 75 29.66 28.38 19.31
CA GLU E 75 28.43 28.48 20.09
C GLU E 75 27.27 28.59 19.10
N VAL E 76 26.68 27.46 18.77
CA VAL E 76 25.59 27.39 17.80
C VAL E 76 24.27 27.64 18.53
N LYS E 77 23.49 28.59 18.03
CA LYS E 77 22.25 29.02 18.67
C LYS E 77 21.07 28.46 17.88
N THR E 78 20.42 27.43 18.42
CA THR E 78 19.36 26.73 17.71
C THR E 78 17.99 27.35 18.01
N ASP E 79 17.01 26.93 17.20
CA ASP E 79 15.63 27.40 17.24
C ASP E 79 14.81 26.46 16.38
N ILE E 80 13.63 26.09 16.86
CA ILE E 80 12.75 25.17 16.14
C ILE E 80 11.36 25.80 16.05
N PHE E 81 10.82 25.86 14.84
CA PHE E 81 9.43 26.26 14.61
C PHE E 81 8.69 25.05 14.05
N VAL E 82 7.88 24.40 14.87
CA VAL E 82 7.12 23.24 14.44
C VAL E 82 5.94 23.71 13.62
N THR E 83 6.00 23.47 12.30
CA THR E 83 4.90 23.89 11.44
C THR E 83 3.69 22.98 11.60
N SER E 84 3.92 21.68 11.76
CA SER E 84 2.82 20.72 11.91
C SER E 84 3.34 19.50 12.66
N PHE E 85 2.80 19.25 13.84
CA PHE E 85 3.17 18.10 14.65
C PHE E 85 2.40 16.90 14.12
N GLY E 86 3.02 16.15 13.21
CA GLY E 86 2.32 15.18 12.41
C GLY E 86 1.87 13.96 13.20
N PRO E 87 1.27 13.00 12.50
CA PRO E 87 0.54 11.91 13.18
C PRO E 87 1.48 10.94 13.86
N VAL E 88 1.10 10.53 15.06
CA VAL E 88 1.92 9.67 15.90
C VAL E 88 1.49 8.22 15.66
N SER E 89 2.44 7.37 15.32
CA SER E 89 2.17 5.98 14.97
C SER E 89 2.39 5.12 16.21
N ASP E 90 1.32 4.51 16.71
CA ASP E 90 1.45 3.56 17.82
C ASP E 90 2.10 2.27 17.37
N HIS E 91 1.84 1.84 16.14
CA HIS E 91 2.38 0.57 15.65
C HIS E 91 3.88 0.61 15.43
N ASP E 92 4.46 1.80 15.31
CA ASP E 92 5.90 1.95 15.14
C ASP E 92 6.57 2.64 16.31
N MET E 93 5.80 3.19 17.25
CA MET E 93 6.28 4.02 18.36
C MET E 93 7.16 5.17 17.88
N GLU E 94 6.66 5.87 16.86
CA GLU E 94 7.34 7.02 16.28
C GLU E 94 6.33 8.13 16.08
N TYR E 95 6.83 9.30 15.69
CA TYR E 95 5.95 10.43 15.41
C TYR E 95 6.61 11.32 14.37
N THR E 96 5.80 11.79 13.43
CA THR E 96 6.26 12.70 12.39
C THR E 96 6.17 14.13 12.93
N ILE E 97 7.16 14.95 12.60
CA ILE E 97 7.15 16.36 12.95
C ILE E 97 7.80 17.14 11.82
N ASP E 98 7.24 18.32 11.50
CA ASP E 98 7.63 19.12 10.36
C ASP E 98 8.08 20.48 10.88
N VAL E 99 9.40 20.70 10.88
CA VAL E 99 9.99 21.82 11.60
C VAL E 99 10.69 22.77 10.63
N PHE E 100 10.87 24.01 11.09
CA PHE E 100 11.81 24.96 10.50
C PHE E 100 13.02 24.98 11.42
N PHE E 101 13.95 24.07 11.20
CA PHE E 101 15.09 23.89 12.10
C PHE E 101 16.08 25.02 11.87
N ARG E 102 16.05 26.03 12.73
CA ARG E 102 16.93 27.17 12.64
C ARG E 102 18.15 26.97 13.52
N GLN E 103 19.30 27.43 13.05
CA GLN E 103 20.52 27.40 13.85
C GLN E 103 21.44 28.51 13.39
N SER E 104 22.11 29.16 14.35
CA SER E 104 22.86 30.37 14.10
C SER E 104 24.16 30.35 14.88
N TRP E 105 25.23 30.84 14.26
CA TRP E 105 26.54 30.87 14.89
C TRP E 105 27.34 31.99 14.27
N LYS E 106 28.54 32.22 14.80
CA LYS E 106 29.41 33.29 14.35
C LYS E 106 30.61 32.72 13.64
N ASP E 107 30.87 33.20 12.43
CA ASP E 107 32.01 32.78 11.61
C ASP E 107 32.81 34.03 11.29
N GLU E 108 34.02 34.11 11.83
CA GLU E 108 34.87 35.29 11.67
C GLU E 108 35.64 35.31 10.36
N ARG E 109 35.36 34.38 9.45
CA ARG E 109 36.00 34.34 8.14
C ARG E 109 35.09 34.84 7.03
N LEU E 110 33.82 35.13 7.33
CA LEU E 110 32.85 35.56 6.34
C LEU E 110 32.43 37.02 6.53
N LYS E 111 33.32 37.84 7.11
CA LYS E 111 33.03 39.25 7.24
C LYS E 111 33.16 39.94 5.89
N PHE E 112 32.32 40.96 5.68
CA PHE E 112 32.37 41.71 4.44
C PHE E 112 31.97 43.15 4.72
N LYS E 113 32.38 44.04 3.82
CA LYS E 113 31.99 45.44 3.86
C LYS E 113 31.42 45.78 2.49
N GLY E 114 30.12 45.53 2.32
CA GLY E 114 29.47 45.76 1.05
C GLY E 114 28.46 46.88 1.12
N PRO E 115 27.66 47.03 0.05
CA PRO E 115 26.62 48.08 0.05
C PRO E 115 25.47 47.79 1.00
N MET E 116 25.21 46.52 1.32
CA MET E 116 24.11 46.15 2.19
C MET E 116 24.60 45.22 3.28
N THR E 117 23.86 45.19 4.38
CA THR E 117 24.35 44.57 5.61
C THR E 117 24.11 43.07 5.69
N VAL E 118 23.06 42.55 5.05
CA VAL E 118 22.70 41.15 5.15
C VAL E 118 22.61 40.59 3.74
N LEU E 119 23.40 39.55 3.45
CA LEU E 119 23.34 38.86 2.16
C LEU E 119 22.34 37.71 2.27
N ARG E 120 21.10 37.99 1.88
CA ARG E 120 20.06 36.95 1.84
C ARG E 120 20.33 36.11 0.61
N LEU E 121 21.15 35.08 0.77
CA LEU E 121 21.75 34.36 -0.34
C LEU E 121 20.90 33.18 -0.78
N ASN E 122 21.42 32.46 -1.77
CA ASN E 122 20.84 31.23 -2.28
C ASN E 122 21.25 30.06 -1.38
N ASN E 123 20.63 28.91 -1.60
CA ASN E 123 20.96 27.69 -0.87
C ASN E 123 22.16 26.94 -1.45
N LEU E 124 22.76 27.46 -2.53
CA LEU E 124 23.90 26.78 -3.13
C LEU E 124 25.17 27.00 -2.32
N MET E 125 25.34 28.21 -1.77
CA MET E 125 26.59 28.55 -1.09
C MET E 125 26.68 27.90 0.29
N ALA E 126 25.56 27.40 0.83
CA ALA E 126 25.57 26.71 2.12
C ALA E 126 26.32 25.39 2.07
N SER E 127 26.51 24.81 0.89
CA SER E 127 27.32 23.61 0.73
C SER E 127 28.80 23.92 0.54
N LYS E 128 29.18 25.20 0.57
CA LYS E 128 30.58 25.60 0.47
C LYS E 128 31.09 26.22 1.76
N ILE E 129 30.25 26.28 2.80
CA ILE E 129 30.54 26.92 4.07
C ILE E 129 30.32 25.88 5.16
N TRP E 130 31.12 25.95 6.22
CA TRP E 130 30.96 25.06 7.37
C TRP E 130 29.57 25.21 7.99
N THR E 131 28.82 24.12 7.98
CA THR E 131 27.58 24.02 8.72
C THR E 131 27.73 22.93 9.78
N PRO E 132 27.17 23.12 10.97
CA PRO E 132 27.35 22.12 12.03
C PRO E 132 26.59 20.83 11.72
N ASP E 133 27.19 19.71 12.10
CA ASP E 133 26.68 18.39 11.72
C ASP E 133 25.64 17.89 12.73
N THR E 134 24.58 18.68 12.86
CA THR E 134 23.51 18.36 13.80
C THR E 134 22.69 17.18 13.30
N PHE E 135 22.57 16.15 14.13
CA PHE E 135 21.73 15.01 13.81
C PHE E 135 20.82 14.75 14.98
N PHE E 136 19.70 14.08 14.70
CA PHE E 136 18.74 13.74 15.75
C PHE E 136 19.08 12.40 16.34
N HIS E 137 19.20 12.36 17.68
CA HIS E 137 19.69 11.17 18.36
C HIS E 137 18.69 10.02 18.29
N ASN E 138 17.40 10.31 18.50
CA ASN E 138 16.35 9.32 18.36
C ASN E 138 15.67 9.40 17.00
N GLY E 139 16.42 9.73 15.95
CA GLY E 139 15.84 9.89 14.64
C GLY E 139 15.75 8.59 13.87
N LYS E 140 15.01 8.67 12.77
CA LYS E 140 14.76 7.55 11.87
C LYS E 140 14.84 8.14 10.46
N LYS E 141 14.23 7.45 9.49
CA LYS E 141 14.30 7.89 8.10
C LYS E 141 13.51 9.19 7.93
N SER E 142 14.18 10.30 8.17
CA SER E 142 13.63 11.63 8.06
C SER E 142 14.04 12.26 6.73
N VAL E 143 13.26 13.26 6.31
CA VAL E 143 13.32 13.79 4.96
C VAL E 143 13.64 15.28 5.01
N ALA E 144 14.69 15.68 4.32
CA ALA E 144 14.88 17.08 3.96
C ALA E 144 14.24 17.32 2.61
N HIS E 145 13.31 18.26 2.56
CA HIS E 145 12.50 18.45 1.35
C HIS E 145 13.31 19.12 0.26
N ASN E 146 13.01 18.74 -0.99
CA ASN E 146 13.75 19.19 -2.16
C ASN E 146 12.79 19.62 -3.25
N MET E 147 11.80 20.43 -2.89
CA MET E 147 10.77 20.88 -3.83
C MET E 147 10.50 22.35 -3.60
N THR E 148 10.73 23.20 -4.60
CA THR E 148 11.20 22.81 -5.93
C THR E 148 12.72 22.92 -5.97
N MET E 149 13.25 23.54 -4.93
CA MET E 149 14.66 23.71 -4.65
C MET E 149 14.93 23.12 -3.27
N PRO E 150 16.19 22.83 -2.91
CA PRO E 150 16.45 22.38 -1.53
C PRO E 150 16.16 23.49 -0.53
N ASN E 151 15.23 23.21 0.39
CA ASN E 151 14.65 24.22 1.26
C ASN E 151 15.66 24.59 2.35
N LYS E 152 16.58 25.46 1.98
CA LYS E 152 17.60 25.98 2.88
C LYS E 152 17.77 27.47 2.58
N LEU E 153 18.10 28.23 3.61
CA LEU E 153 18.44 29.64 3.42
C LEU E 153 19.67 29.94 4.24
N LEU E 154 20.55 30.78 3.70
CA LEU E 154 21.76 31.18 4.38
C LEU E 154 21.90 32.69 4.27
N ARG E 155 22.02 33.36 5.41
CA ARG E 155 22.07 34.81 5.47
C ARG E 155 23.31 35.23 6.21
N ILE E 156 24.21 35.93 5.52
CA ILE E 156 25.46 36.41 6.09
C ILE E 156 25.27 37.87 6.47
N THR E 157 25.40 38.16 7.76
CA THR E 157 25.45 39.56 8.18
C THR E 157 26.87 40.08 8.04
N GLU E 158 27.03 41.39 8.20
CA GLU E 158 28.32 42.02 7.93
C GLU E 158 29.35 41.76 9.03
N ASP E 159 28.95 41.18 10.16
CA ASP E 159 29.88 40.77 11.20
C ASP E 159 30.18 39.28 11.19
N GLY E 160 29.57 38.52 10.27
CA GLY E 160 29.86 37.11 10.14
C GLY E 160 28.97 36.22 10.98
N THR E 161 27.67 36.52 11.03
CA THR E 161 26.70 35.71 11.76
C THR E 161 25.75 35.06 10.78
N LEU E 162 25.63 33.74 10.86
CA LEU E 162 24.94 32.94 9.86
C LEU E 162 23.55 32.54 10.38
N LEU E 163 22.65 32.28 9.44
CA LEU E 163 21.27 31.93 9.76
C LEU E 163 20.83 30.74 8.91
N TYR E 164 21.62 29.68 8.94
CA TYR E 164 21.35 28.48 8.15
C TYR E 164 20.14 27.73 8.72
N THR E 165 19.02 27.74 8.00
CA THR E 165 17.80 27.05 8.43
C THR E 165 17.43 25.99 7.41
N MET E 166 16.59 25.04 7.85
CA MET E 166 16.17 23.90 7.04
C MET E 166 14.72 23.58 7.34
N ARG E 167 14.01 23.07 6.32
CA ARG E 167 12.67 22.53 6.51
C ARG E 167 12.77 21.01 6.44
N LEU E 168 12.72 20.38 7.61
CA LEU E 168 12.88 18.94 7.71
C LEU E 168 11.52 18.28 7.94
N THR E 169 11.52 16.95 7.91
CA THR E 169 10.35 16.16 8.31
C THR E 169 10.90 15.01 9.14
N VAL E 170 11.00 15.25 10.44
CA VAL E 170 11.69 14.34 11.34
C VAL E 170 10.70 13.29 11.84
N ARG E 171 11.10 12.03 11.74
CA ARG E 171 10.33 10.92 12.31
C ARG E 171 11.12 10.40 13.51
N ALA E 172 10.91 11.02 14.65
CA ALA E 172 11.66 10.65 15.84
C ALA E 172 11.02 9.46 16.54
N GLU E 173 11.81 8.77 17.34
CA GLU E 173 11.35 7.61 18.09
C GLU E 173 10.78 8.05 19.43
N CYS E 174 9.60 7.54 19.77
CA CYS E 174 8.96 7.83 21.04
C CYS E 174 8.70 6.52 21.78
N PRO E 175 9.49 6.19 22.80
CA PRO E 175 9.25 4.95 23.55
C PRO E 175 7.99 5.06 24.41
N MET E 176 7.03 4.19 24.13
CA MET E 176 5.72 4.25 24.74
C MET E 176 5.57 3.18 25.82
N HIS E 177 4.99 3.58 26.95
CA HIS E 177 4.57 2.65 27.99
C HIS E 177 3.06 2.58 27.93
N LEU E 178 2.54 1.51 27.34
CA LEU E 178 1.12 1.36 27.08
C LEU E 178 0.40 0.59 28.18
N GLU E 179 0.86 0.71 29.43
CA GLU E 179 0.22 0.00 30.54
C GLU E 179 -1.13 0.61 30.90
N ASP E 180 -1.35 1.88 30.57
CA ASP E 180 -2.61 2.55 30.84
C ASP E 180 -3.38 2.85 29.56
N PHE E 181 -3.29 1.96 28.58
CA PHE E 181 -3.97 2.18 27.30
C PHE E 181 -5.47 2.00 27.46
N PRO E 182 -6.31 2.92 26.97
CA PRO E 182 -5.98 4.19 26.31
C PRO E 182 -5.97 5.43 27.20
N MET E 183 -6.05 5.26 28.51
CA MET E 183 -6.13 6.41 29.42
C MET E 183 -4.76 6.87 29.88
N ASP E 184 -3.85 7.15 28.94
CA ASP E 184 -2.48 7.46 29.33
C ASP E 184 -1.97 8.77 28.74
N ALA E 185 -0.67 9.01 28.91
CA ALA E 185 -0.02 10.22 28.45
C ALA E 185 1.44 9.91 28.16
N HIS E 186 2.00 10.55 27.14
CA HIS E 186 3.36 10.29 26.71
C HIS E 186 4.18 11.56 26.72
N ALA E 187 5.50 11.39 26.73
CA ALA E 187 6.45 12.48 26.63
C ALA E 187 7.43 12.12 25.52
N CYS E 188 7.06 12.46 24.28
CA CYS E 188 7.86 12.06 23.12
C CYS E 188 9.02 13.02 22.92
N PRO E 189 10.26 12.54 22.95
CA PRO E 189 11.41 13.46 22.90
C PRO E 189 11.98 13.70 21.51
N LEU E 190 12.50 14.91 21.34
CA LEU E 190 13.50 15.20 20.32
C LEU E 190 14.83 15.41 21.01
N LYS E 191 15.90 14.81 20.46
CA LYS E 191 17.24 14.97 21.01
C LYS E 191 18.17 15.17 19.84
N PHE E 192 18.76 16.36 19.74
CA PHE E 192 19.70 16.65 18.66
C PHE E 192 20.97 17.27 19.20
N GLY E 193 22.09 16.83 18.66
CA GLY E 193 23.39 17.39 18.97
C GLY E 193 24.34 17.20 17.81
N SER E 194 25.61 17.54 17.97
CA SER E 194 26.57 17.33 16.91
C SER E 194 26.99 15.86 16.86
N TYR E 195 27.66 15.50 15.77
CA TYR E 195 28.09 14.12 15.57
C TYR E 195 29.60 13.95 15.65
N ALA E 196 30.37 14.87 15.07
CA ALA E 196 31.82 14.77 15.07
C ALA E 196 32.50 15.75 16.02
N TYR E 197 31.74 16.58 16.72
CA TYR E 197 32.32 17.62 17.57
C TYR E 197 31.81 17.45 19.00
N THR E 198 32.74 17.37 19.94
CA THR E 198 32.40 17.16 21.35
C THR E 198 32.01 18.49 21.99
N ARG E 199 31.93 18.50 23.32
CA ARG E 199 31.57 19.73 24.04
C ARG E 199 32.68 20.75 24.07
N ALA E 200 33.91 20.37 23.69
CA ALA E 200 35.03 21.29 23.67
C ALA E 200 35.19 22.00 22.35
N GLU E 201 34.37 21.67 21.35
CA GLU E 201 34.51 22.32 20.05
C GLU E 201 33.21 22.97 19.56
N VAL E 202 32.07 22.32 19.72
CA VAL E 202 30.78 22.89 19.33
C VAL E 202 29.82 22.76 20.50
N VAL E 203 29.29 23.88 20.97
CA VAL E 203 28.35 23.92 22.07
C VAL E 203 27.03 24.47 21.54
N TYR E 204 25.95 23.73 21.74
CA TYR E 204 24.62 24.18 21.33
C TYR E 204 23.93 24.90 22.48
N GLU E 205 23.02 25.81 22.12
CA GLU E 205 22.19 26.49 23.09
C GLU E 205 20.94 27.00 22.37
N TRP E 206 19.94 27.35 23.17
CA TRP E 206 18.70 27.87 22.63
C TRP E 206 18.72 29.39 22.59
N THR E 207 17.86 29.96 21.76
CA THR E 207 17.64 31.40 21.76
C THR E 207 16.34 31.73 22.48
N ARG E 208 16.32 32.92 23.09
CA ARG E 208 15.10 33.59 23.56
C ARG E 208 14.37 32.80 24.64
N GLU E 209 15.05 32.57 25.78
CA GLU E 209 14.50 31.96 27.00
C GLU E 209 13.88 30.59 26.72
N PRO E 210 14.72 29.50 26.69
CA PRO E 210 14.47 28.26 25.92
C PRO E 210 13.07 27.70 25.77
N ALA E 211 12.19 27.93 26.76
CA ALA E 211 10.79 27.52 26.63
C ALA E 211 10.07 28.25 25.51
N ARG E 212 10.52 29.45 25.14
CA ARG E 212 9.97 30.17 24.00
C ARG E 212 10.69 29.87 22.69
N SER E 213 11.64 28.95 22.70
CA SER E 213 12.35 28.62 21.46
C SER E 213 11.51 27.71 20.58
N VAL E 214 11.19 26.51 21.08
CA VAL E 214 10.38 25.55 20.34
C VAL E 214 8.94 26.03 20.42
N VAL E 215 8.47 26.67 19.36
CA VAL E 215 7.09 27.14 19.26
C VAL E 215 6.39 26.39 18.15
N VAL E 216 5.11 26.09 18.36
CA VAL E 216 4.33 25.32 17.41
C VAL E 216 3.34 26.25 16.72
N ALA E 217 2.94 25.87 15.51
CA ALA E 217 1.90 26.61 14.81
C ALA E 217 0.54 26.23 15.38
N GLU E 218 -0.29 27.25 15.62
CA GLU E 218 -1.59 27.00 16.25
C GLU E 218 -2.56 26.34 15.28
N ASP E 219 -2.39 26.56 13.98
CA ASP E 219 -3.17 25.90 12.95
C ASP E 219 -2.41 24.73 12.34
N GLY E 220 -1.54 24.10 13.12
CA GLY E 220 -0.69 23.02 12.66
C GLY E 220 -0.77 21.82 13.57
N SER E 221 -1.99 21.48 14.01
CA SER E 221 -2.22 20.39 14.94
C SER E 221 -1.81 19.05 14.36
N ARG E 222 -2.52 18.60 13.32
CA ARG E 222 -2.29 17.34 12.59
C ARG E 222 -2.25 16.14 13.55
N LEU E 223 -3.15 16.14 14.53
CA LEU E 223 -3.30 15.04 15.46
C LEU E 223 -4.76 14.64 15.48
N ASN E 224 -5.04 13.38 15.15
CA ASN E 224 -6.39 12.86 15.16
C ASN E 224 -6.65 11.88 16.29
N GLN E 225 -5.64 11.57 17.10
CA GLN E 225 -5.81 10.60 18.18
C GLN E 225 -5.29 11.16 19.49
N TYR E 226 -4.28 12.02 19.43
CA TYR E 226 -3.62 12.54 20.62
C TYR E 226 -3.97 14.01 20.84
N ASP E 227 -3.34 14.60 21.84
CA ASP E 227 -3.61 15.99 22.22
C ASP E 227 -2.33 16.55 22.81
N LEU E 228 -1.75 17.56 22.15
CA LEU E 228 -0.46 18.11 22.56
C LEU E 228 -0.67 19.06 23.73
N LEU E 229 -0.27 18.64 24.92
CA LEU E 229 -0.39 19.44 26.12
C LEU E 229 0.89 20.21 26.43
N GLY E 230 1.41 20.94 25.44
CA GLY E 230 2.62 21.71 25.63
C GLY E 230 3.88 20.87 25.64
N GLN E 231 5.02 21.55 25.61
CA GLN E 231 6.32 20.90 25.58
C GLN E 231 7.18 21.37 26.73
N THR E 232 8.34 20.73 26.89
CA THR E 232 9.28 21.05 27.96
C THR E 232 10.68 20.80 27.44
N VAL E 233 11.45 21.87 27.27
CA VAL E 233 12.78 21.78 26.68
C VAL E 233 13.83 21.76 27.80
N ASP E 234 15.00 21.24 27.47
CA ASP E 234 16.12 21.12 28.40
C ASP E 234 17.38 20.86 27.60
N SER E 235 18.52 21.24 28.16
CA SER E 235 19.81 20.94 27.58
C SER E 235 20.30 19.60 28.13
N GLY E 236 21.56 19.27 27.88
CA GLY E 236 22.10 18.03 28.41
C GLY E 236 23.47 17.74 27.84
N ILE E 237 24.12 16.75 28.44
CA ILE E 237 25.45 16.29 28.05
C ILE E 237 25.43 14.77 28.08
N VAL E 238 25.75 14.14 26.95
CA VAL E 238 25.74 12.70 26.82
C VAL E 238 27.18 12.19 26.75
N GLN E 239 27.52 11.30 27.68
CA GLN E 239 28.81 10.62 27.71
C GLN E 239 28.80 9.51 26.68
N SER E 240 29.42 9.74 25.53
CA SER E 240 29.58 8.70 24.52
C SER E 240 30.96 8.07 24.65
N SER E 241 31.26 7.13 23.76
CA SER E 241 32.54 6.46 23.77
C SER E 241 33.62 7.24 23.04
N THR E 242 33.27 8.34 22.38
CA THR E 242 34.23 9.17 21.68
C THR E 242 34.37 10.56 22.27
N GLY E 243 33.69 10.84 23.38
CA GLY E 243 33.77 12.13 24.02
C GLY E 243 32.44 12.49 24.66
N GLU E 244 32.33 13.76 25.03
CA GLU E 244 31.15 14.30 25.69
C GLU E 244 30.47 15.27 24.75
N TYR E 245 29.22 15.00 24.39
CA TYR E 245 28.50 15.74 23.36
C TYR E 245 27.38 16.56 23.99
N VAL E 246 27.16 17.75 23.46
CA VAL E 246 26.11 18.64 23.92
C VAL E 246 24.82 18.27 23.21
N VAL E 247 23.77 18.01 23.99
CA VAL E 247 22.51 17.49 23.47
C VAL E 247 21.38 18.41 23.89
N MET E 248 20.65 18.95 22.92
CA MET E 248 19.44 19.72 23.16
C MET E 248 18.24 18.78 23.17
N THR E 249 17.44 18.83 24.22
CA THR E 249 16.29 17.95 24.35
C THR E 249 15.00 18.75 24.31
N THR E 250 13.93 18.11 23.84
CA THR E 250 12.61 18.74 23.75
C THR E 250 11.57 17.63 23.91
N HIS E 251 10.83 17.66 25.02
CA HIS E 251 9.85 16.63 25.33
C HIS E 251 8.45 17.16 25.04
N PHE E 252 7.82 16.60 24.01
CA PHE E 252 6.43 16.94 23.70
C PHE E 252 5.50 16.08 24.53
N HIS E 253 4.66 16.72 25.33
CA HIS E 253 3.75 16.01 26.23
C HIS E 253 2.44 15.76 25.51
N LEU E 254 2.15 14.50 25.23
CA LEU E 254 0.94 14.09 24.54
C LEU E 254 -0.02 13.43 25.51
N LYS E 255 -1.28 13.31 25.08
CA LYS E 255 -2.31 12.62 25.85
C LYS E 255 -3.35 12.09 24.88
N ARG E 256 -3.74 10.84 25.03
CA ARG E 256 -4.61 10.19 24.06
C ARG E 256 -6.07 10.57 24.30
N LYS E 257 -6.74 10.97 23.23
CA LYS E 257 -8.18 11.20 23.29
C LYS E 257 -8.91 9.88 23.36
N ILE E 258 -9.71 9.70 24.41
CA ILE E 258 -10.32 8.40 24.70
C ILE E 258 -11.48 8.06 23.76
N GLY E 259 -12.04 9.06 23.08
CA GLY E 259 -13.36 8.95 22.48
C GLY E 259 -13.50 7.94 21.36
N TYR E 260 -12.40 7.54 20.72
CA TYR E 260 -12.50 6.54 19.67
C TYR E 260 -12.73 5.16 20.25
N PHE E 261 -12.12 4.86 21.39
CA PHE E 261 -12.23 3.52 21.95
C PHE E 261 -13.48 3.36 22.81
N VAL E 262 -14.09 4.46 23.25
CA VAL E 262 -15.39 4.37 23.89
C VAL E 262 -16.45 3.96 22.89
N ILE E 263 -16.39 4.51 21.68
CA ILE E 263 -17.38 4.20 20.65
C ILE E 263 -17.16 2.78 20.13
N GLN E 264 -15.92 2.43 19.81
CA GLN E 264 -15.65 1.20 19.07
C GLN E 264 -15.41 -0.01 19.98
N THR E 265 -14.94 0.19 21.21
CA THR E 265 -14.62 -0.93 22.08
C THR E 265 -15.43 -0.94 23.37
N TYR E 266 -15.49 0.18 24.09
CA TYR E 266 -16.12 0.16 25.42
C TYR E 266 -17.64 0.04 25.33
N LEU E 267 -18.28 0.75 24.41
CA LEU E 267 -19.72 0.58 24.24
C LEU E 267 -20.15 -0.78 23.67
N PRO E 268 -19.45 -1.41 22.69
CA PRO E 268 -19.84 -2.79 22.34
C PRO E 268 -19.55 -3.81 23.43
N CYS E 269 -18.64 -3.53 24.36
CA CYS E 269 -18.43 -4.45 25.48
C CYS E 269 -19.48 -4.24 26.58
N ILE E 270 -19.91 -3.01 26.81
CA ILE E 270 -20.95 -2.78 27.81
C ILE E 270 -22.30 -3.26 27.30
N MET E 271 -22.62 -2.97 26.04
CA MET E 271 -23.89 -3.40 25.46
C MET E 271 -23.94 -4.89 25.13
N THR E 272 -22.86 -5.64 25.38
CA THR E 272 -22.88 -7.09 25.32
C THR E 272 -23.13 -7.70 26.70
N VAL E 273 -22.52 -7.11 27.74
CA VAL E 273 -22.76 -7.56 29.10
C VAL E 273 -24.21 -7.29 29.53
N ILE E 274 -24.74 -6.14 29.11
CA ILE E 274 -26.17 -5.86 29.32
C ILE E 274 -27.02 -6.84 28.50
N LEU E 275 -26.56 -7.19 27.30
CA LEU E 275 -27.29 -8.12 26.44
C LEU E 275 -27.27 -9.53 27.01
N SER E 276 -26.16 -9.94 27.63
CA SER E 276 -26.09 -11.26 28.23
C SER E 276 -26.88 -11.35 29.52
N GLN E 277 -27.22 -10.21 30.13
CA GLN E 277 -28.05 -10.17 31.31
C GLN E 277 -29.53 -9.95 30.99
N VAL E 278 -29.88 -9.93 29.69
CA VAL E 278 -31.29 -9.96 29.30
C VAL E 278 -31.87 -11.33 29.58
N SER E 279 -31.05 -12.38 29.47
CA SER E 279 -31.51 -13.76 29.56
C SER E 279 -31.98 -14.18 30.94
N PHE E 280 -31.73 -13.37 31.97
CA PHE E 280 -32.26 -13.69 33.28
C PHE E 280 -33.76 -13.48 33.34
N TRP E 281 -34.27 -12.48 32.62
CA TRP E 281 -35.66 -12.09 32.68
C TRP E 281 -36.59 -13.01 31.91
N LEU E 282 -36.10 -14.12 31.37
CA LEU E 282 -36.93 -15.08 30.68
C LEU E 282 -37.29 -16.22 31.61
N ASN E 283 -38.24 -17.05 31.16
CA ASN E 283 -38.66 -18.19 31.97
C ASN E 283 -37.60 -19.30 31.94
N ARG E 284 -37.80 -20.30 32.80
CA ARG E 284 -36.82 -21.37 32.94
C ARG E 284 -36.87 -22.35 31.77
N GLU E 285 -38.03 -22.48 31.14
CA GLU E 285 -38.27 -23.56 30.17
C GLU E 285 -37.79 -23.22 28.77
N SER E 286 -37.41 -21.98 28.50
CA SER E 286 -36.90 -21.59 27.19
C SER E 286 -35.41 -21.89 27.08
N VAL E 287 -35.08 -23.17 27.21
CA VAL E 287 -33.71 -23.66 27.12
C VAL E 287 -33.16 -23.50 25.70
N PRO E 288 -33.87 -23.76 24.59
CA PRO E 288 -33.31 -23.37 23.29
C PRO E 288 -33.30 -21.87 23.01
N ALA E 289 -33.74 -21.02 23.93
CA ALA E 289 -33.70 -19.58 23.75
C ALA E 289 -32.69 -18.87 24.64
N ARG E 290 -32.58 -19.28 25.90
CA ARG E 290 -31.61 -18.68 26.81
C ARG E 290 -30.20 -19.20 26.57
N THR E 291 -30.06 -20.36 25.91
CA THR E 291 -28.73 -20.83 25.52
C THR E 291 -28.17 -19.96 24.41
N VAL E 292 -29.02 -19.45 23.53
CA VAL E 292 -28.60 -18.61 22.41
C VAL E 292 -28.06 -17.27 22.92
N PHE E 293 -28.56 -16.78 24.06
CA PHE E 293 -27.94 -15.62 24.70
C PHE E 293 -26.53 -15.94 25.19
N GLY E 294 -26.38 -16.98 26.00
CA GLY E 294 -25.11 -17.26 26.65
C GLY E 294 -24.03 -17.82 25.77
N VAL E 295 -24.31 -18.11 24.50
CA VAL E 295 -23.32 -18.62 23.56
C VAL E 295 -22.93 -17.56 22.54
N THR E 296 -23.90 -16.77 22.07
CA THR E 296 -23.61 -15.69 21.15
C THR E 296 -22.82 -14.56 21.83
N THR E 297 -23.20 -14.20 23.05
CA THR E 297 -22.51 -13.13 23.75
C THR E 297 -21.10 -13.53 24.19
N VAL E 298 -20.79 -14.83 24.21
CA VAL E 298 -19.39 -15.24 24.35
C VAL E 298 -18.67 -15.12 23.01
N LEU E 299 -19.36 -15.46 21.91
CA LEU E 299 -18.81 -15.24 20.58
C LEU E 299 -18.63 -13.75 20.29
N THR E 300 -19.54 -12.91 20.81
CA THR E 300 -19.43 -11.48 20.57
C THR E 300 -18.25 -10.89 21.33
N MET E 301 -18.05 -11.29 22.59
CA MET E 301 -16.90 -10.80 23.35
C MET E 301 -15.59 -11.38 22.83
N THR E 302 -15.63 -12.57 22.23
CA THR E 302 -14.43 -13.13 21.61
C THR E 302 -14.05 -12.34 20.35
N THR E 303 -15.06 -11.91 19.59
CA THR E 303 -14.81 -11.07 18.42
C THR E 303 -14.27 -9.70 18.83
N LEU E 304 -14.81 -9.13 19.91
CA LEU E 304 -14.32 -7.85 20.40
C LEU E 304 -12.96 -7.96 21.06
N SER E 305 -12.60 -9.14 21.58
CA SER E 305 -11.28 -9.30 22.17
C SER E 305 -10.17 -9.39 21.12
N ILE E 306 -10.52 -9.69 19.87
CA ILE E 306 -9.55 -9.80 18.80
C ILE E 306 -9.30 -8.46 18.13
N SER E 307 -10.36 -7.81 17.67
CA SER E 307 -10.24 -6.57 16.90
C SER E 307 -10.00 -5.35 17.77
N ALA E 308 -9.82 -5.52 19.09
CA ALA E 308 -9.37 -4.43 19.93
C ALA E 308 -7.86 -4.40 20.09
N ARG E 309 -7.20 -5.55 19.95
CA ARG E 309 -5.75 -5.62 19.99
C ARG E 309 -5.10 -5.17 18.69
N ASN E 310 -5.88 -5.00 17.61
CA ASN E 310 -5.34 -4.54 16.34
C ASN E 310 -5.00 -3.06 16.34
N SER E 311 -5.46 -2.31 17.34
CA SER E 311 -5.16 -0.89 17.47
C SER E 311 -3.92 -0.62 18.31
N LEU E 312 -2.99 -1.57 18.36
CA LEU E 312 -1.84 -1.49 19.24
C LEU E 312 -0.66 -2.17 18.56
N PRO E 313 0.56 -1.86 18.98
CA PRO E 313 1.67 -2.78 18.73
C PRO E 313 1.52 -4.01 19.62
N LYS E 314 2.13 -5.11 19.18
CA LYS E 314 1.93 -6.40 19.83
C LYS E 314 2.82 -6.48 21.08
N VAL E 315 2.43 -5.72 22.09
CA VAL E 315 3.14 -5.70 23.36
C VAL E 315 2.80 -6.96 24.15
N ALA E 316 3.72 -7.38 25.02
CA ALA E 316 3.63 -8.66 25.71
C ALA E 316 3.08 -8.53 27.12
N TYR E 317 2.14 -7.62 27.34
CA TYR E 317 1.50 -7.47 28.64
C TYR E 317 0.06 -7.01 28.42
N ALA E 318 -0.67 -6.91 29.53
CA ALA E 318 -2.08 -6.55 29.48
C ALA E 318 -2.22 -5.04 29.66
N THR E 319 -2.86 -4.39 28.68
CA THR E 319 -3.14 -2.97 28.77
C THR E 319 -4.33 -2.74 29.69
N ALA E 320 -4.64 -1.46 29.94
CA ALA E 320 -5.79 -1.12 30.76
C ALA E 320 -7.11 -1.34 30.06
N MET E 321 -7.10 -1.57 28.75
CA MET E 321 -8.30 -1.97 28.03
C MET E 321 -8.52 -3.48 28.08
N ASP E 322 -7.43 -4.26 28.18
CA ASP E 322 -7.57 -5.70 28.30
C ASP E 322 -8.12 -6.10 29.66
N TRP E 323 -7.86 -5.31 30.70
CA TRP E 323 -8.48 -5.58 31.99
C TRP E 323 -9.96 -5.25 31.99
N PHE E 324 -10.42 -4.40 31.09
CA PHE E 324 -11.85 -4.17 30.97
C PHE E 324 -12.51 -5.31 30.20
N ILE E 325 -11.83 -5.85 29.19
CA ILE E 325 -12.43 -6.90 28.37
C ILE E 325 -12.45 -8.22 29.13
N ALA E 326 -11.39 -8.51 29.90
CA ALA E 326 -11.31 -9.78 30.61
C ALA E 326 -12.30 -9.87 31.76
N VAL E 327 -12.71 -8.73 32.31
CA VAL E 327 -13.74 -8.75 33.34
C VAL E 327 -15.14 -8.73 32.71
N CYS E 328 -15.31 -7.98 31.63
CA CYS E 328 -16.58 -8.05 30.89
C CYS E 328 -16.79 -9.40 30.21
N TYR E 329 -15.71 -10.14 29.92
CA TYR E 329 -15.88 -11.52 29.51
C TYR E 329 -16.27 -12.41 30.67
N ALA E 330 -15.93 -12.02 31.90
CA ALA E 330 -16.26 -12.85 33.05
C ALA E 330 -17.73 -12.73 33.43
N PHE E 331 -18.32 -11.54 33.29
CA PHE E 331 -19.76 -11.41 33.55
C PHE E 331 -20.60 -12.11 32.49
N VAL E 332 -20.12 -12.13 31.24
CA VAL E 332 -20.83 -12.84 30.19
C VAL E 332 -20.71 -14.34 30.39
N PHE E 333 -19.52 -14.82 30.74
CA PHE E 333 -19.33 -16.25 30.94
C PHE E 333 -20.00 -16.75 32.21
N SER E 334 -20.14 -15.89 33.22
CA SER E 334 -20.90 -16.26 34.41
C SER E 334 -22.40 -16.16 34.20
N ALA E 335 -22.85 -15.50 33.14
CA ALA E 335 -24.27 -15.46 32.80
C ALA E 335 -24.74 -16.73 32.12
N LEU E 336 -23.83 -17.64 31.77
CA LEU E 336 -24.19 -18.95 31.25
C LEU E 336 -23.99 -20.06 32.27
N ILE E 337 -22.99 -19.91 33.16
CA ILE E 337 -22.84 -20.81 34.29
C ILE E 337 -24.05 -20.70 35.23
N GLU E 338 -24.66 -19.50 35.29
CA GLU E 338 -25.92 -19.33 36.00
C GLU E 338 -27.03 -20.12 35.34
N PHE E 339 -27.14 -20.06 34.01
CA PHE E 339 -28.22 -20.77 33.31
C PHE E 339 -28.02 -22.28 33.34
N ALA E 340 -26.77 -22.74 33.30
CA ALA E 340 -26.50 -24.17 33.44
C ALA E 340 -26.83 -24.67 34.84
N THR E 341 -26.82 -23.79 35.84
CA THR E 341 -27.23 -24.17 37.18
C THR E 341 -28.76 -24.22 37.28
N VAL E 342 -29.44 -23.26 36.67
CA VAL E 342 -30.91 -23.22 36.67
C VAL E 342 -31.47 -24.41 35.90
N ASN E 343 -30.84 -24.78 34.79
CA ASN E 343 -31.28 -25.95 34.04
C ASN E 343 -30.97 -27.26 34.74
N TYR E 344 -30.08 -27.25 35.74
CA TYR E 344 -29.77 -28.46 36.48
C TYR E 344 -30.85 -28.78 37.50
N PHE E 345 -31.65 -27.80 37.91
CA PHE E 345 -32.71 -28.00 38.88
C PHE E 345 -34.10 -27.89 38.29
N THR E 346 -34.22 -27.68 36.99
CA THR E 346 -35.53 -27.62 36.33
C THR E 346 -36.04 -29.05 36.14
N LYS E 347 -37.23 -29.33 36.66
CA LYS E 347 -37.77 -30.68 36.64
C LYS E 347 -38.78 -30.88 35.51
N ARG E 348 -39.73 -29.97 35.35
CA ARG E 348 -40.74 -30.05 34.30
C ARG E 348 -40.24 -29.34 33.05
N GLY E 349 -40.43 -29.99 31.90
CA GLY E 349 -40.00 -29.47 30.63
C GLY E 349 -40.99 -28.61 29.89
N TYR E 350 -42.18 -28.40 30.44
CA TYR E 350 -43.21 -27.57 29.81
C TYR E 350 -43.36 -26.26 30.58
N ALA E 351 -43.75 -25.22 29.86
CA ALA E 351 -43.84 -23.88 30.40
C ALA E 351 -45.23 -23.65 31.03
N TRP E 352 -45.44 -22.43 31.52
CA TRP E 352 -46.70 -22.08 32.14
C TRP E 352 -47.74 -21.77 31.06
N ASP E 353 -49.00 -22.09 31.37
CA ASP E 353 -50.11 -21.80 30.47
C ASP E 353 -50.93 -20.64 31.00
N GLY E 354 -51.53 -19.89 30.09
CA GLY E 354 -52.22 -18.66 30.45
C GLY E 354 -53.63 -18.82 30.98
N LYS E 355 -53.96 -20.01 31.48
CA LYS E 355 -55.28 -20.28 32.05
C LYS E 355 -55.24 -21.02 33.38
N SER E 356 -54.13 -21.64 33.74
CA SER E 356 -54.05 -22.44 34.95
C SER E 356 -53.62 -21.58 36.13
N VAL E 357 -53.25 -22.22 37.24
CA VAL E 357 -52.80 -21.50 38.43
C VAL E 357 -51.41 -20.92 38.22
N LYS E 419 -51.77 -29.92 36.50
CA LYS E 419 -50.36 -30.13 36.20
C LYS E 419 -49.48 -29.28 37.11
N THR E 420 -48.31 -29.80 37.45
CA THR E 420 -47.37 -29.06 38.28
C THR E 420 -46.46 -28.21 37.40
N PHE E 421 -46.51 -26.90 37.60
CA PHE E 421 -45.68 -25.96 36.86
C PHE E 421 -44.46 -25.58 37.69
N ASN E 422 -43.44 -25.09 37.00
CA ASN E 422 -42.17 -24.81 37.65
C ASN E 422 -42.24 -23.51 38.45
N SER E 423 -41.30 -23.37 39.38
CA SER E 423 -41.18 -22.16 40.18
C SER E 423 -40.44 -21.09 39.37
N VAL E 424 -40.13 -19.97 40.01
CA VAL E 424 -39.62 -18.81 39.28
C VAL E 424 -38.15 -18.64 39.70
N SER E 425 -37.49 -19.77 40.01
CA SER E 425 -36.03 -19.87 40.05
C SER E 425 -35.33 -18.95 41.05
N LYS E 426 -35.34 -19.32 42.35
CA LYS E 426 -34.71 -18.54 43.42
C LYS E 426 -33.28 -18.07 43.12
N ILE E 427 -32.52 -18.82 42.30
CA ILE E 427 -31.24 -18.33 41.80
C ILE E 427 -31.45 -17.09 40.92
N ASP E 428 -32.45 -17.13 40.05
CA ASP E 428 -32.64 -16.07 39.06
C ASP E 428 -33.20 -14.80 39.68
N ARG E 429 -34.01 -14.91 40.73
CA ARG E 429 -34.51 -13.71 41.39
C ARG E 429 -33.41 -12.94 42.13
N LEU E 430 -32.32 -13.61 42.47
CA LEU E 430 -31.15 -12.95 43.02
C LEU E 430 -30.18 -12.51 41.93
N SER E 431 -30.11 -13.25 40.83
CA SER E 431 -29.20 -12.90 39.74
C SER E 431 -29.65 -11.67 38.97
N ARG E 432 -30.92 -11.30 39.05
CA ARG E 432 -31.39 -10.06 38.45
C ARG E 432 -31.07 -8.84 39.30
N ILE E 433 -30.62 -9.05 40.53
CA ILE E 433 -30.14 -7.97 41.38
C ILE E 433 -28.62 -7.94 41.45
N ALA E 434 -28.00 -9.12 41.49
CA ALA E 434 -26.55 -9.20 41.70
C ALA E 434 -25.79 -8.82 40.43
N PHE E 435 -26.13 -9.42 39.30
CA PHE E 435 -25.40 -9.17 38.07
C PHE E 435 -25.55 -7.74 37.51
N PRO E 436 -26.70 -7.07 37.51
CA PRO E 436 -26.69 -5.65 37.10
C PRO E 436 -26.01 -4.72 38.09
N LEU E 437 -25.88 -5.11 39.35
CA LEU E 437 -25.26 -4.22 40.33
C LEU E 437 -23.76 -4.38 40.39
N LEU E 438 -23.26 -5.63 40.33
CA LEU E 438 -21.81 -5.85 40.40
C LEU E 438 -21.11 -5.35 39.15
N PHE E 439 -21.80 -5.32 38.00
CA PHE E 439 -21.22 -4.69 36.83
C PHE E 439 -21.25 -3.16 36.95
N GLY E 440 -22.20 -2.62 37.72
CA GLY E 440 -22.20 -1.20 37.98
C GLY E 440 -21.17 -0.78 39.02
N ILE E 441 -20.85 -1.66 39.95
CA ILE E 441 -19.80 -1.37 40.93
C ILE E 441 -18.43 -1.40 40.26
N PHE E 442 -18.24 -2.32 39.31
CA PHE E 442 -16.95 -2.46 38.64
C PHE E 442 -16.62 -1.26 37.76
N ASN E 443 -17.63 -0.64 37.14
CA ASN E 443 -17.39 0.53 36.32
C ASN E 443 -16.97 1.73 37.17
N LEU E 444 -17.47 1.82 38.40
CA LEU E 444 -17.02 2.88 39.30
C LEU E 444 -15.60 2.61 39.80
N VAL E 445 -15.21 1.34 39.90
CA VAL E 445 -13.83 1.02 40.23
C VAL E 445 -12.92 1.27 39.04
N TYR E 446 -13.39 0.92 37.83
CA TYR E 446 -12.55 1.03 36.65
C TYR E 446 -12.37 2.49 36.23
N TRP E 447 -13.46 3.22 36.04
CA TRP E 447 -13.39 4.56 35.47
C TRP E 447 -12.96 5.62 36.46
N ALA E 448 -12.71 5.27 37.73
CA ALA E 448 -12.13 6.20 38.68
C ALA E 448 -10.68 5.88 39.01
N THR E 449 -10.21 4.69 38.67
CA THR E 449 -8.80 4.36 38.86
C THR E 449 -7.96 4.90 37.72
N TYR E 450 -8.47 4.83 36.49
CA TYR E 450 -7.69 5.13 35.29
C TYR E 450 -7.95 6.52 34.73
N LEU E 451 -8.97 7.23 35.19
CA LEU E 451 -9.21 8.61 34.77
C LEU E 451 -8.63 9.54 35.83
N ASN E 452 -7.35 9.88 35.66
CA ASN E 452 -6.67 10.83 36.52
C ASN E 452 -5.52 11.47 35.75
N GLN F 1 -33.12 10.33 -19.03
CA GLN F 1 -32.48 9.80 -20.22
C GLN F 1 -31.48 10.83 -20.76
N VAL F 2 -30.33 10.35 -21.24
CA VAL F 2 -29.28 11.23 -21.72
C VAL F 2 -29.68 11.80 -23.08
N GLN F 3 -29.70 13.13 -23.17
CA GLN F 3 -30.05 13.82 -24.40
C GLN F 3 -28.87 14.68 -24.84
N LEU F 4 -28.37 14.42 -26.05
CA LEU F 4 -27.30 15.22 -26.63
C LEU F 4 -27.92 16.22 -27.60
N GLN F 5 -28.38 17.32 -27.04
CA GLN F 5 -29.03 18.37 -27.83
C GLN F 5 -27.98 19.17 -28.58
N GLU F 6 -28.24 19.42 -29.86
CA GLU F 6 -27.29 20.10 -30.74
C GLU F 6 -27.82 21.47 -31.13
N SER F 7 -26.96 22.22 -31.80
CA SER F 7 -27.28 23.54 -32.32
C SER F 7 -26.32 23.82 -33.47
N GLY F 8 -26.24 25.07 -33.90
CA GLY F 8 -25.29 25.43 -34.94
C GLY F 8 -25.89 26.26 -36.06
N GLY F 9 -25.88 25.72 -37.27
CA GLY F 9 -26.38 26.46 -38.42
C GLY F 9 -26.81 25.52 -39.52
N GLY F 10 -27.69 26.05 -40.37
CA GLY F 10 -28.20 25.28 -41.50
C GLY F 10 -27.57 25.61 -42.83
N LEU F 11 -27.48 26.89 -43.15
CA LEU F 11 -27.00 27.35 -44.45
C LEU F 11 -25.85 28.31 -44.27
N VAL F 12 -24.88 28.24 -45.17
CA VAL F 12 -23.68 29.08 -45.10
C VAL F 12 -23.15 29.28 -46.52
N GLN F 13 -22.54 30.44 -46.75
CA GLN F 13 -21.87 30.70 -48.01
C GLN F 13 -20.58 29.90 -48.10
N ALA F 14 -20.27 29.40 -49.30
CA ALA F 14 -19.05 28.63 -49.53
C ALA F 14 -17.85 29.57 -49.40
N GLY F 15 -17.17 29.49 -48.26
CA GLY F 15 -16.13 30.43 -47.92
C GLY F 15 -16.46 31.18 -46.66
N GLY F 16 -17.39 30.64 -45.89
CA GLY F 16 -17.81 31.26 -44.64
C GLY F 16 -17.76 30.27 -43.49
N SER F 17 -17.34 30.75 -42.33
CA SER F 17 -17.20 29.90 -41.17
C SER F 17 -18.56 29.64 -40.51
N LEU F 18 -18.58 28.67 -39.61
CA LEU F 18 -19.77 28.30 -38.87
C LEU F 18 -19.32 27.67 -37.56
N ARG F 19 -20.21 27.66 -36.57
CA ARG F 19 -19.90 27.08 -35.26
C ARG F 19 -21.05 26.19 -34.84
N VAL F 20 -20.79 24.89 -34.79
CA VAL F 20 -21.79 23.88 -34.42
C VAL F 20 -21.49 23.42 -33.01
N SER F 21 -22.47 23.53 -32.11
CA SER F 21 -22.32 23.20 -30.70
C SER F 21 -23.16 21.99 -30.35
N CYS F 22 -22.92 21.46 -29.15
CA CYS F 22 -23.61 20.25 -28.68
C CYS F 22 -23.60 20.25 -27.15
N ALA F 23 -24.73 20.63 -26.55
CA ALA F 23 -24.87 20.57 -25.11
C ALA F 23 -25.34 19.18 -24.68
N ALA F 24 -24.98 18.81 -23.46
CA ALA F 24 -25.34 17.51 -22.91
C ALA F 24 -26.09 17.68 -21.60
N SER F 25 -26.88 16.66 -21.27
CA SER F 25 -27.68 16.69 -20.06
C SER F 25 -27.99 15.25 -19.63
N GLY F 26 -27.99 15.02 -18.33
CA GLY F 26 -28.29 13.72 -17.78
C GLY F 26 -27.08 12.91 -17.37
N ARG F 27 -25.89 13.30 -17.83
CA ARG F 27 -24.67 12.57 -17.51
C ARG F 27 -23.48 13.51 -17.66
N THR F 28 -22.58 13.48 -16.68
CA THR F 28 -21.35 14.27 -16.75
C THR F 28 -20.37 13.56 -17.67
N PHE F 29 -20.09 14.15 -18.83
CA PHE F 29 -19.18 13.56 -19.80
C PHE F 29 -17.76 14.09 -19.65
N THR F 30 -17.35 14.45 -18.44
CA THR F 30 -15.99 14.92 -18.21
C THR F 30 -14.96 13.79 -18.17
N ALA F 31 -15.39 12.54 -18.29
CA ALA F 31 -14.48 11.41 -18.40
C ALA F 31 -14.61 10.67 -19.71
N TYR F 32 -15.60 11.01 -20.53
CA TYR F 32 -15.81 10.36 -21.82
C TYR F 32 -15.14 11.15 -22.93
N ILE F 33 -15.08 10.54 -24.11
CA ILE F 33 -14.56 11.18 -25.31
C ILE F 33 -15.75 11.67 -26.11
N MET F 34 -15.88 12.98 -26.25
CA MET F 34 -16.97 13.58 -27.02
C MET F 34 -16.46 13.91 -28.41
N ALA F 35 -17.11 13.35 -29.42
CA ALA F 35 -16.61 13.39 -30.79
C ALA F 35 -17.67 13.91 -31.74
N TRP F 36 -17.25 14.24 -32.95
CA TRP F 36 -18.13 14.65 -34.03
C TRP F 36 -18.03 13.67 -35.18
N PHE F 37 -19.09 13.59 -35.97
CA PHE F 37 -19.14 12.72 -37.12
C PHE F 37 -19.82 13.43 -38.28
N ARG F 38 -19.86 12.76 -39.43
CA ARG F 38 -20.38 13.33 -40.65
C ARG F 38 -20.93 12.21 -41.51
N GLN F 39 -22.18 12.36 -41.96
CA GLN F 39 -22.83 11.34 -42.79
C GLN F 39 -23.38 12.02 -44.03
N ALA F 40 -22.67 11.85 -45.15
CA ALA F 40 -23.14 12.34 -46.43
C ALA F 40 -24.33 11.50 -46.90
N PRO F 41 -25.22 12.07 -47.74
CA PRO F 41 -26.32 11.27 -48.30
C PRO F 41 -25.79 10.23 -49.28
N GLY F 42 -26.07 8.96 -48.99
CA GLY F 42 -25.52 7.88 -49.76
C GLY F 42 -24.11 7.49 -49.35
N LYS F 43 -23.75 7.73 -48.09
CA LYS F 43 -22.40 7.47 -47.62
C LYS F 43 -22.45 7.23 -46.12
N GLU F 44 -21.51 6.42 -45.62
CA GLU F 44 -21.46 6.04 -44.23
C GLU F 44 -21.00 7.20 -43.35
N ARG F 45 -21.05 6.97 -42.03
CA ARG F 45 -20.61 7.97 -41.06
C ARG F 45 -19.10 8.15 -41.12
N GLU F 46 -18.65 9.38 -41.29
CA GLU F 46 -17.24 9.72 -41.40
C GLU F 46 -16.80 10.49 -40.16
N PHE F 47 -15.66 10.12 -39.61
CA PHE F 47 -15.12 10.77 -38.43
C PHE F 47 -14.61 12.16 -38.76
N LEU F 48 -14.87 13.12 -37.87
CA LEU F 48 -14.39 14.49 -38.04
C LEU F 48 -13.40 14.89 -36.97
N ALA F 49 -13.79 14.83 -35.69
CA ALA F 49 -12.94 15.33 -34.62
C ALA F 49 -13.33 14.65 -33.33
N ALA F 50 -12.40 14.66 -32.37
CA ALA F 50 -12.64 14.14 -31.03
C ALA F 50 -11.69 14.81 -30.06
N MET F 51 -12.17 15.03 -28.84
CA MET F 51 -11.33 15.54 -27.77
C MET F 51 -11.46 14.62 -26.56
N ASP F 52 -10.32 14.22 -26.01
CA ASP F 52 -10.26 13.28 -24.89
C ASP F 52 -10.47 14.07 -23.60
N GLN F 53 -10.28 13.43 -22.44
CA GLN F 53 -10.35 14.15 -21.17
C GLN F 53 -9.18 15.10 -21.02
N GLY F 54 -7.99 14.71 -21.48
CA GLY F 54 -6.82 15.53 -21.34
C GLY F 54 -6.61 16.57 -22.42
N ARG F 55 -7.71 17.04 -23.03
CA ARG F 55 -7.74 18.12 -24.01
C ARG F 55 -6.90 17.80 -25.25
N ILE F 56 -7.06 16.58 -25.76
CA ILE F 56 -6.25 16.07 -26.85
C ILE F 56 -7.12 15.95 -28.09
N GLN F 57 -6.77 16.72 -29.12
CA GLN F 57 -7.63 16.88 -30.29
C GLN F 57 -7.24 15.83 -31.34
N TYR F 58 -8.14 14.89 -31.61
CA TYR F 58 -7.93 13.86 -32.62
C TYR F 58 -8.74 14.24 -33.85
N TYR F 59 -8.07 14.59 -34.93
CA TYR F 59 -8.75 15.04 -36.14
C TYR F 59 -8.75 13.94 -37.20
N GLY F 60 -9.73 14.03 -38.10
CA GLY F 60 -9.72 13.18 -39.27
C GLY F 60 -8.70 13.64 -40.28
N ASP F 61 -8.23 12.70 -41.09
CA ASP F 61 -7.13 12.98 -42.01
C ASP F 61 -7.58 13.86 -43.18
N SER F 62 -8.85 13.76 -43.57
CA SER F 62 -9.37 14.58 -44.66
C SER F 62 -9.79 15.97 -44.20
N VAL F 63 -9.86 16.22 -42.90
CA VAL F 63 -10.43 17.45 -42.37
C VAL F 63 -9.46 18.12 -41.41
N ARG F 64 -8.20 17.69 -41.43
CA ARG F 64 -7.21 18.22 -40.51
C ARG F 64 -6.81 19.64 -40.91
N GLY F 65 -6.68 20.51 -39.91
CA GLY F 65 -6.28 21.88 -40.11
C GLY F 65 -7.40 22.85 -40.41
N ARG F 66 -8.57 22.34 -40.80
CA ARG F 66 -9.73 23.18 -41.10
C ARG F 66 -10.62 23.36 -39.87
N PHE F 67 -11.08 22.25 -39.31
CA PHE F 67 -11.98 22.28 -38.17
C PHE F 67 -11.17 22.34 -36.87
N THR F 68 -11.82 22.81 -35.81
CA THR F 68 -11.18 22.92 -34.50
C THR F 68 -12.21 22.54 -33.44
N ILE F 69 -12.03 21.39 -32.83
CA ILE F 69 -12.91 20.97 -31.74
C ILE F 69 -12.49 21.69 -30.46
N SER F 70 -13.47 22.00 -29.62
CA SER F 70 -13.21 22.61 -28.32
C SER F 70 -14.31 22.20 -27.37
N ARG F 71 -13.94 21.66 -26.22
CA ARG F 71 -14.91 21.26 -25.21
C ARG F 71 -15.01 22.32 -24.12
N ASP F 72 -16.11 22.28 -23.40
CA ASP F 72 -16.33 23.09 -22.20
C ASP F 72 -16.70 22.12 -21.10
N TYR F 73 -15.73 21.77 -20.26
CA TYR F 73 -15.93 20.75 -19.23
C TYR F 73 -16.86 21.24 -18.12
N ALA F 74 -17.00 22.55 -17.94
CA ALA F 74 -17.91 23.06 -16.92
C ALA F 74 -19.36 22.96 -17.37
N LYS F 75 -19.66 23.42 -18.57
CA LYS F 75 -21.03 23.38 -19.10
C LYS F 75 -21.39 22.03 -19.72
N ASN F 76 -20.44 21.09 -19.77
CA ASN F 76 -20.61 19.74 -20.29
C ASN F 76 -21.08 19.77 -21.75
N SER F 77 -20.23 20.34 -22.61
CA SER F 77 -20.57 20.52 -24.01
C SER F 77 -19.35 20.23 -24.87
N VAL F 78 -19.53 20.39 -26.17
CA VAL F 78 -18.45 20.25 -27.15
C VAL F 78 -18.80 21.15 -28.34
N ASP F 79 -17.78 21.77 -28.92
CA ASP F 79 -17.96 22.69 -30.04
C ASP F 79 -17.11 22.22 -31.21
N LEU F 80 -17.51 22.65 -32.41
CA LEU F 80 -16.78 22.30 -33.63
C LEU F 80 -16.74 23.53 -34.52
N GLN F 81 -15.59 24.20 -34.55
CA GLN F 81 -15.42 25.41 -35.34
C GLN F 81 -15.27 25.03 -36.81
N LEU F 82 -16.38 25.10 -37.55
CA LEU F 82 -16.34 24.90 -38.99
C LEU F 82 -15.64 26.08 -39.66
N ASP F 83 -14.66 25.79 -40.50
CA ASP F 83 -13.87 26.84 -41.12
C ASP F 83 -13.39 26.37 -42.49
N GLY F 84 -13.55 27.22 -43.50
CA GLY F 84 -13.16 26.88 -44.85
C GLY F 84 -14.05 25.83 -45.46
N LEU F 85 -15.35 26.09 -45.45
CA LEU F 85 -16.34 25.08 -45.81
C LEU F 85 -16.44 24.97 -47.32
N ARG F 86 -15.87 23.90 -47.86
CA ARG F 86 -16.04 23.56 -49.26
C ARG F 86 -17.45 23.01 -49.47
N PRO F 87 -17.93 23.01 -50.72
CA PRO F 87 -19.25 22.38 -50.99
C PRO F 87 -19.27 20.86 -50.84
N GLU F 88 -18.13 20.20 -50.65
CA GLU F 88 -18.10 18.77 -50.37
C GLU F 88 -18.32 18.43 -48.91
N ASP F 89 -18.67 19.42 -48.08
CA ASP F 89 -18.92 19.21 -46.66
C ASP F 89 -20.38 19.36 -46.29
N THR F 90 -21.29 19.23 -47.27
CA THR F 90 -22.72 19.34 -47.02
C THR F 90 -23.23 17.97 -46.58
N ALA F 91 -23.49 17.82 -45.29
CA ALA F 91 -23.95 16.55 -44.72
C ALA F 91 -24.62 16.84 -43.38
N VAL F 92 -24.90 15.76 -42.64
CA VAL F 92 -25.50 15.84 -41.31
C VAL F 92 -24.42 15.57 -40.29
N TYR F 93 -24.25 16.49 -39.34
CA TYR F 93 -23.17 16.39 -38.36
C TYR F 93 -23.74 15.86 -37.05
N TYR F 94 -23.17 14.76 -36.57
CA TYR F 94 -23.64 14.10 -35.37
C TYR F 94 -22.69 14.36 -34.21
N CYS F 95 -23.24 14.38 -33.00
CA CYS F 95 -22.49 14.58 -31.78
C CYS F 95 -22.52 13.28 -30.98
N ALA F 96 -21.34 12.73 -30.71
CA ALA F 96 -21.23 11.43 -30.04
C ALA F 96 -20.48 11.59 -28.73
N ALA F 97 -20.58 10.55 -27.90
CA ALA F 97 -19.88 10.50 -26.62
C ALA F 97 -19.75 9.05 -26.21
N GLY F 98 -18.53 8.64 -25.87
CA GLY F 98 -18.29 7.26 -25.51
C GLY F 98 -16.87 7.07 -25.04
N ALA F 99 -16.59 5.86 -24.55
CA ALA F 99 -15.29 5.54 -24.00
C ALA F 99 -14.26 5.16 -25.05
N GLY F 100 -14.67 4.89 -26.28
CA GLY F 100 -13.73 4.59 -27.34
C GLY F 100 -13.13 3.20 -27.31
N PHE F 101 -13.89 2.20 -26.89
CA PHE F 101 -13.42 0.82 -26.89
C PHE F 101 -13.44 0.28 -28.32
N TRP F 102 -12.28 -0.16 -28.81
CA TRP F 102 -11.99 -0.37 -30.23
C TRP F 102 -12.30 0.87 -31.07
N GLY F 103 -12.07 2.04 -30.49
CA GLY F 103 -12.70 3.24 -31.00
C GLY F 103 -11.74 4.39 -31.19
N LEU F 104 -12.29 5.60 -30.99
CA LEU F 104 -11.79 6.96 -31.21
C LEU F 104 -11.76 7.31 -32.70
N ARG F 105 -11.97 6.32 -33.57
CA ARG F 105 -12.16 6.55 -35.00
C ARG F 105 -13.36 5.73 -35.47
N THR F 106 -13.65 4.65 -34.77
CA THR F 106 -14.73 3.74 -35.13
C THR F 106 -16.04 4.23 -34.52
N ALA F 107 -17.07 4.32 -35.35
CA ALA F 107 -18.36 4.83 -34.89
C ALA F 107 -19.12 3.87 -33.99
N SER F 108 -18.72 2.61 -33.92
CA SER F 108 -19.45 1.64 -33.11
C SER F 108 -19.04 1.68 -31.64
N SER F 109 -18.13 2.57 -31.25
CA SER F 109 -17.69 2.66 -29.87
C SER F 109 -18.42 3.71 -29.06
N TYR F 110 -19.21 4.56 -29.70
CA TYR F 110 -19.90 5.66 -29.03
C TYR F 110 -21.32 5.23 -28.69
N HIS F 111 -21.63 5.22 -27.40
CA HIS F 111 -22.93 4.72 -26.96
C HIS F 111 -24.01 5.80 -27.02
N TYR F 112 -23.63 7.06 -26.83
CA TYR F 112 -24.58 8.17 -26.79
C TYR F 112 -24.44 8.99 -28.06
N TRP F 113 -25.56 9.32 -28.70
CA TRP F 113 -25.56 10.00 -29.98
C TRP F 113 -26.46 11.22 -29.96
N GLY F 114 -26.10 12.20 -30.79
CA GLY F 114 -26.93 13.37 -30.98
C GLY F 114 -28.01 13.11 -32.01
N GLN F 115 -28.77 14.17 -32.29
CA GLN F 115 -29.88 14.05 -33.23
C GLN F 115 -29.41 14.27 -34.66
N GLY F 116 -28.65 15.33 -34.89
CA GLY F 116 -28.15 15.65 -36.22
C GLY F 116 -28.41 17.10 -36.56
N THR F 117 -27.56 17.66 -37.42
CA THR F 117 -27.66 19.05 -37.84
C THR F 117 -27.32 19.14 -39.31
N GLN F 118 -28.32 19.46 -40.13
CA GLN F 118 -28.10 19.61 -41.57
C GLN F 118 -27.31 20.89 -41.83
N VAL F 119 -26.08 20.74 -42.29
CA VAL F 119 -25.23 21.87 -42.66
C VAL F 119 -25.14 21.90 -44.18
N THR F 120 -25.65 22.97 -44.78
CA THR F 120 -25.71 23.10 -46.22
C THR F 120 -24.74 24.20 -46.65
N VAL F 121 -23.78 23.83 -47.50
CA VAL F 121 -22.81 24.78 -48.05
C VAL F 121 -23.23 25.07 -49.48
N SER F 122 -23.62 26.31 -49.74
CA SER F 122 -24.11 26.73 -51.05
C SER F 122 -23.04 27.56 -51.75
N SER F 123 -22.86 27.30 -53.05
CA SER F 123 -21.88 28.04 -53.85
C SER F 123 -22.59 28.95 -54.84
#